data_2HTJ
# 
_entry.id   2HTJ 
# 
_audit_conform.dict_name       mmcif_pdbx.dic 
_audit_conform.dict_version    5.392 
_audit_conform.dict_location   http://mmcif.pdb.org/dictionaries/ascii/mmcif_pdbx.dic 
# 
loop_
_database_2.database_id 
_database_2.database_code 
_database_2.pdbx_database_accession 
_database_2.pdbx_DOI 
PDB   2HTJ         pdb_00002htj 10.2210/pdb2htj/pdb 
RCSB  RCSB038743   ?            ?                   
WWPDB D_1000038743 ?            ?                   
# 
loop_
_pdbx_audit_revision_history.ordinal 
_pdbx_audit_revision_history.data_content_type 
_pdbx_audit_revision_history.major_revision 
_pdbx_audit_revision_history.minor_revision 
_pdbx_audit_revision_history.revision_date 
1 'Structure model' 1 0 2007-01-30 
2 'Structure model' 1 1 2008-05-01 
3 'Structure model' 1 2 2011-07-13 
4 'Structure model' 1 3 2022-03-09 
5 'Structure model' 1 4 2024-05-29 
# 
_pdbx_audit_revision_details.ordinal             1 
_pdbx_audit_revision_details.revision_ordinal    1 
_pdbx_audit_revision_details.data_content_type   'Structure model' 
_pdbx_audit_revision_details.provider            repository 
_pdbx_audit_revision_details.type                'Initial release' 
_pdbx_audit_revision_details.description         ? 
_pdbx_audit_revision_details.details             ? 
# 
loop_
_pdbx_audit_revision_group.ordinal 
_pdbx_audit_revision_group.revision_ordinal 
_pdbx_audit_revision_group.data_content_type 
_pdbx_audit_revision_group.group 
1 2 'Structure model' 'Version format compliance' 
2 3 'Structure model' 'Version format compliance' 
3 4 'Structure model' 'Database references'       
4 4 'Structure model' 'Derived calculations'      
5 5 'Structure model' 'Data collection'           
# 
loop_
_pdbx_audit_revision_category.ordinal 
_pdbx_audit_revision_category.revision_ordinal 
_pdbx_audit_revision_category.data_content_type 
_pdbx_audit_revision_category.category 
1 4 'Structure model' database_2            
2 4 'Structure model' pdbx_struct_assembly  
3 4 'Structure model' pdbx_struct_oper_list 
4 4 'Structure model' struct_ref_seq_dif    
5 5 'Structure model' chem_comp_atom        
6 5 'Structure model' chem_comp_bond        
# 
loop_
_pdbx_audit_revision_item.ordinal 
_pdbx_audit_revision_item.revision_ordinal 
_pdbx_audit_revision_item.data_content_type 
_pdbx_audit_revision_item.item 
1 4 'Structure model' '_database_2.pdbx_DOI'                
2 4 'Structure model' '_database_2.pdbx_database_accession' 
3 4 'Structure model' '_struct_ref_seq_dif.details'         
# 
_pdbx_database_status.status_code                     REL 
_pdbx_database_status.entry_id                        2HTJ 
_pdbx_database_status.recvd_initial_deposition_date   2006-07-25 
_pdbx_database_status.deposit_site                    RCSB 
_pdbx_database_status.process_site                    RCSB 
_pdbx_database_status.status_code_sf                  ? 
_pdbx_database_status.status_code_mr                  REL 
_pdbx_database_status.SG_entry                        ? 
_pdbx_database_status.pdb_format_compatible           Y 
_pdbx_database_status.status_code_cs                  ? 
_pdbx_database_status.status_code_nmr_data            ? 
_pdbx_database_status.methods_development_category    ? 
# 
loop_
_audit_author.name 
_audit_author.pdbx_ordinal 
'Kawamura, T.'    1 
'Zhou, H.'        2 
'Le, L.U.K.'      3 
'Dahlquist, F.W.' 4 
# 
_citation.id                        primary 
_citation.title                     'Solution Structure of Escherichia coli PapI, a Key Regulator of the Pap Pili Phase Variation.' 
_citation.journal_abbrev            J.Mol.Biol. 
_citation.journal_volume            365 
_citation.page_first                1130 
_citation.page_last                 1142 
_citation.year                      2007 
_citation.journal_id_ASTM           JMOBAK 
_citation.country                   UK 
_citation.journal_id_ISSN           0022-2836 
_citation.journal_id_CSD            0070 
_citation.book_publisher            ? 
_citation.pdbx_database_id_PubMed   17109885 
_citation.pdbx_database_id_DOI      10.1016/j.jmb.2006.10.066 
# 
loop_
_citation_author.citation_id 
_citation_author.name 
_citation_author.ordinal 
_citation_author.identifier_ORCID 
primary 'Kawamura, T.'    1 ? 
primary 'Le, L.U.'        2 ? 
primary 'Zhou, H.'        3 ? 
primary 'Dahlquist, F.W.' 4 ? 
# 
_entity.id                         1 
_entity.type                       polymer 
_entity.src_method                 man 
_entity.pdbx_description           'P fimbrial regulatory protein KS71A' 
_entity.formula_weight             9338.633 
_entity.pdbx_number_of_molecules   1 
_entity.pdbx_ec                    ? 
_entity.pdbx_mutation              ? 
_entity.pdbx_fragment              ? 
_entity.details                    ? 
# 
_entity_poly.entity_id                      1 
_entity_poly.type                           'polypeptide(L)' 
_entity_poly.nstd_linkage                   no 
_entity_poly.nstd_monomer                   no 
_entity_poly.pdbx_seq_one_letter_code       
;MKNEILEFLNRHNGGKTAEIAEALAVTDYQARYYLLLLEKAGMVQRSPLRRGMATYWFLKGEKQAGQSCSSTTLEHHHHH
H
;
_entity_poly.pdbx_seq_one_letter_code_can   
;MKNEILEFLNRHNGGKTAEIAEALAVTDYQARYYLLLLEKAGMVQRSPLRRGMATYWFLKGEKQAGQSCSSTTLEHHHHH
H
;
_entity_poly.pdbx_strand_id                 A 
_entity_poly.pdbx_target_identifier         ? 
# 
loop_
_entity_poly_seq.entity_id 
_entity_poly_seq.num 
_entity_poly_seq.mon_id 
_entity_poly_seq.hetero 
1 1  MET n 
1 2  LYS n 
1 3  ASN n 
1 4  GLU n 
1 5  ILE n 
1 6  LEU n 
1 7  GLU n 
1 8  PHE n 
1 9  LEU n 
1 10 ASN n 
1 11 ARG n 
1 12 HIS n 
1 13 ASN n 
1 14 GLY n 
1 15 GLY n 
1 16 LYS n 
1 17 THR n 
1 18 ALA n 
1 19 GLU n 
1 20 ILE n 
1 21 ALA n 
1 22 GLU n 
1 23 ALA n 
1 24 LEU n 
1 25 ALA n 
1 26 VAL n 
1 27 THR n 
1 28 ASP n 
1 29 TYR n 
1 30 GLN n 
1 31 ALA n 
1 32 ARG n 
1 33 TYR n 
1 34 TYR n 
1 35 LEU n 
1 36 LEU n 
1 37 LEU n 
1 38 LEU n 
1 39 GLU n 
1 40 LYS n 
1 41 ALA n 
1 42 GLY n 
1 43 MET n 
1 44 VAL n 
1 45 GLN n 
1 46 ARG n 
1 47 SER n 
1 48 PRO n 
1 49 LEU n 
1 50 ARG n 
1 51 ARG n 
1 52 GLY n 
1 53 MET n 
1 54 ALA n 
1 55 THR n 
1 56 TYR n 
1 57 TRP n 
1 58 PHE n 
1 59 LEU n 
1 60 LYS n 
1 61 GLY n 
1 62 GLU n 
1 63 LYS n 
1 64 GLN n 
1 65 ALA n 
1 66 GLY n 
1 67 GLN n 
1 68 SER n 
1 69 CYS n 
1 70 SER n 
1 71 SER n 
1 72 THR n 
1 73 THR n 
1 74 LEU n 
1 75 GLU n 
1 76 HIS n 
1 77 HIS n 
1 78 HIS n 
1 79 HIS n 
1 80 HIS n 
1 81 HIS n 
# 
_entity_src_gen.entity_id                          1 
_entity_src_gen.pdbx_src_id                        1 
_entity_src_gen.pdbx_alt_source_flag               sample 
_entity_src_gen.pdbx_seq_type                      ? 
_entity_src_gen.pdbx_beg_seq_num                   ? 
_entity_src_gen.pdbx_end_seq_num                   ? 
_entity_src_gen.gene_src_common_name               ? 
_entity_src_gen.gene_src_genus                     Escherichia 
_entity_src_gen.pdbx_gene_src_gene                 ? 
_entity_src_gen.gene_src_species                   ? 
_entity_src_gen.gene_src_strain                    ? 
_entity_src_gen.gene_src_tissue                    ? 
_entity_src_gen.gene_src_tissue_fraction           ? 
_entity_src_gen.gene_src_details                   ? 
_entity_src_gen.pdbx_gene_src_fragment             ? 
_entity_src_gen.pdbx_gene_src_scientific_name      'Escherichia coli' 
_entity_src_gen.pdbx_gene_src_ncbi_taxonomy_id     562 
_entity_src_gen.pdbx_gene_src_variant              ? 
_entity_src_gen.pdbx_gene_src_cell_line            ? 
_entity_src_gen.pdbx_gene_src_atcc                 ? 
_entity_src_gen.pdbx_gene_src_organ                ? 
_entity_src_gen.pdbx_gene_src_organelle            ? 
_entity_src_gen.pdbx_gene_src_cell                 ? 
_entity_src_gen.pdbx_gene_src_cellular_location    ? 
_entity_src_gen.host_org_common_name               ? 
_entity_src_gen.pdbx_host_org_scientific_name      'Escherichia coli BL21(DE3)' 
_entity_src_gen.pdbx_host_org_ncbi_taxonomy_id     469008 
_entity_src_gen.host_org_genus                     Escherichia 
_entity_src_gen.pdbx_host_org_gene                 ? 
_entity_src_gen.pdbx_host_org_organ                ? 
_entity_src_gen.host_org_species                   'Escherichia coli' 
_entity_src_gen.pdbx_host_org_tissue               ? 
_entity_src_gen.pdbx_host_org_tissue_fraction      ? 
_entity_src_gen.pdbx_host_org_strain               'BL21(DE3)' 
_entity_src_gen.pdbx_host_org_variant              ? 
_entity_src_gen.pdbx_host_org_cell_line            ? 
_entity_src_gen.pdbx_host_org_atcc                 ? 
_entity_src_gen.pdbx_host_org_culture_collection   ? 
_entity_src_gen.pdbx_host_org_cell                 ? 
_entity_src_gen.pdbx_host_org_organelle            ? 
_entity_src_gen.pdbx_host_org_cellular_location    ? 
_entity_src_gen.pdbx_host_org_vector_type          plasmid 
_entity_src_gen.pdbx_host_org_vector               ? 
_entity_src_gen.host_org_details                   ? 
_entity_src_gen.expression_system_id               ? 
_entity_src_gen.plasmid_name                       'pET28b(+)' 
_entity_src_gen.plasmid_details                    ? 
_entity_src_gen.pdbx_description                   ? 
# 
loop_
_chem_comp.id 
_chem_comp.type 
_chem_comp.mon_nstd_flag 
_chem_comp.name 
_chem_comp.pdbx_synonyms 
_chem_comp.formula 
_chem_comp.formula_weight 
ALA 'L-peptide linking' y ALANINE         ? 'C3 H7 N O2'     89.093  
ARG 'L-peptide linking' y ARGININE        ? 'C6 H15 N4 O2 1' 175.209 
ASN 'L-peptide linking' y ASPARAGINE      ? 'C4 H8 N2 O3'    132.118 
ASP 'L-peptide linking' y 'ASPARTIC ACID' ? 'C4 H7 N O4'     133.103 
CYS 'L-peptide linking' y CYSTEINE        ? 'C3 H7 N O2 S'   121.158 
GLN 'L-peptide linking' y GLUTAMINE       ? 'C5 H10 N2 O3'   146.144 
GLU 'L-peptide linking' y 'GLUTAMIC ACID' ? 'C5 H9 N O4'     147.129 
GLY 'peptide linking'   y GLYCINE         ? 'C2 H5 N O2'     75.067  
HIS 'L-peptide linking' y HISTIDINE       ? 'C6 H10 N3 O2 1' 156.162 
ILE 'L-peptide linking' y ISOLEUCINE      ? 'C6 H13 N O2'    131.173 
LEU 'L-peptide linking' y LEUCINE         ? 'C6 H13 N O2'    131.173 
LYS 'L-peptide linking' y LYSINE          ? 'C6 H15 N2 O2 1' 147.195 
MET 'L-peptide linking' y METHIONINE      ? 'C5 H11 N O2 S'  149.211 
PHE 'L-peptide linking' y PHENYLALANINE   ? 'C9 H11 N O2'    165.189 
PRO 'L-peptide linking' y PROLINE         ? 'C5 H9 N O2'     115.130 
SER 'L-peptide linking' y SERINE          ? 'C3 H7 N O3'     105.093 
THR 'L-peptide linking' y THREONINE       ? 'C4 H9 N O3'     119.119 
TRP 'L-peptide linking' y TRYPTOPHAN      ? 'C11 H12 N2 O2'  204.225 
TYR 'L-peptide linking' y TYROSINE        ? 'C9 H11 N O3'    181.189 
VAL 'L-peptide linking' y VALINE          ? 'C5 H11 N O2'    117.146 
# 
loop_
_pdbx_poly_seq_scheme.asym_id 
_pdbx_poly_seq_scheme.entity_id 
_pdbx_poly_seq_scheme.seq_id 
_pdbx_poly_seq_scheme.mon_id 
_pdbx_poly_seq_scheme.ndb_seq_num 
_pdbx_poly_seq_scheme.pdb_seq_num 
_pdbx_poly_seq_scheme.auth_seq_num 
_pdbx_poly_seq_scheme.pdb_mon_id 
_pdbx_poly_seq_scheme.auth_mon_id 
_pdbx_poly_seq_scheme.pdb_strand_id 
_pdbx_poly_seq_scheme.pdb_ins_code 
_pdbx_poly_seq_scheme.hetero 
A 1 1  MET 1  1  1  MET MET A . n 
A 1 2  LYS 2  2  2  LYS LYS A . n 
A 1 3  ASN 3  3  3  ASN ASN A . n 
A 1 4  GLU 4  4  4  GLU GLU A . n 
A 1 5  ILE 5  5  5  ILE ILE A . n 
A 1 6  LEU 6  6  6  LEU LEU A . n 
A 1 7  GLU 7  7  7  GLU GLU A . n 
A 1 8  PHE 8  8  8  PHE PHE A . n 
A 1 9  LEU 9  9  9  LEU LEU A . n 
A 1 10 ASN 10 10 10 ASN ASN A . n 
A 1 11 ARG 11 11 11 ARG ARG A . n 
A 1 12 HIS 12 12 12 HIS HIS A . n 
A 1 13 ASN 13 13 13 ASN ASN A . n 
A 1 14 GLY 14 14 14 GLY GLY A . n 
A 1 15 GLY 15 15 15 GLY GLY A . n 
A 1 16 LYS 16 16 16 LYS LYS A . n 
A 1 17 THR 17 17 17 THR THR A . n 
A 1 18 ALA 18 18 18 ALA ALA A . n 
A 1 19 GLU 19 19 19 GLU GLU A . n 
A 1 20 ILE 20 20 20 ILE ILE A . n 
A 1 21 ALA 21 21 21 ALA ALA A . n 
A 1 22 GLU 22 22 22 GLU GLU A . n 
A 1 23 ALA 23 23 23 ALA ALA A . n 
A 1 24 LEU 24 24 24 LEU LEU A . n 
A 1 25 ALA 25 25 25 ALA ALA A . n 
A 1 26 VAL 26 26 26 VAL VAL A . n 
A 1 27 THR 27 27 27 THR THR A . n 
A 1 28 ASP 28 28 28 ASP ASP A . n 
A 1 29 TYR 29 29 29 TYR TYR A . n 
A 1 30 GLN 30 30 30 GLN GLN A . n 
A 1 31 ALA 31 31 31 ALA ALA A . n 
A 1 32 ARG 32 32 32 ARG ARG A . n 
A 1 33 TYR 33 33 33 TYR TYR A . n 
A 1 34 TYR 34 34 34 TYR TYR A . n 
A 1 35 LEU 35 35 35 LEU LEU A . n 
A 1 36 LEU 36 36 36 LEU LEU A . n 
A 1 37 LEU 37 37 37 LEU LEU A . n 
A 1 38 LEU 38 38 38 LEU LEU A . n 
A 1 39 GLU 39 39 39 GLU GLU A . n 
A 1 40 LYS 40 40 40 LYS LYS A . n 
A 1 41 ALA 41 41 41 ALA ALA A . n 
A 1 42 GLY 42 42 42 GLY GLY A . n 
A 1 43 MET 43 43 43 MET MET A . n 
A 1 44 VAL 44 44 44 VAL VAL A . n 
A 1 45 GLN 45 45 45 GLN GLN A . n 
A 1 46 ARG 46 46 46 ARG ARG A . n 
A 1 47 SER 47 47 47 SER SER A . n 
A 1 48 PRO 48 48 48 PRO PRO A . n 
A 1 49 LEU 49 49 49 LEU LEU A . n 
A 1 50 ARG 50 50 50 ARG ARG A . n 
A 1 51 ARG 51 51 51 ARG ARG A . n 
A 1 52 GLY 52 52 52 GLY GLY A . n 
A 1 53 MET 53 53 53 MET MET A . n 
A 1 54 ALA 54 54 54 ALA ALA A . n 
A 1 55 THR 55 55 55 THR THR A . n 
A 1 56 TYR 56 56 56 TYR TYR A . n 
A 1 57 TRP 57 57 57 TRP TRP A . n 
A 1 58 PHE 58 58 58 PHE PHE A . n 
A 1 59 LEU 59 59 59 LEU LEU A . n 
A 1 60 LYS 60 60 60 LYS LYS A . n 
A 1 61 GLY 61 61 61 GLY GLY A . n 
A 1 62 GLU 62 62 62 GLU GLU A . n 
A 1 63 LYS 63 63 63 LYS LYS A . n 
A 1 64 GLN 64 64 64 GLN GLN A . n 
A 1 65 ALA 65 65 65 ALA ALA A . n 
A 1 66 GLY 66 66 66 GLY GLY A . n 
A 1 67 GLN 67 67 67 GLN GLN A . n 
A 1 68 SER 68 68 68 SER SER A . n 
A 1 69 CYS 69 69 69 CYS CYS A . n 
A 1 70 SER 70 70 70 SER SER A . n 
A 1 71 SER 71 71 71 SER SER A . n 
A 1 72 THR 72 72 72 THR THR A . n 
A 1 73 THR 73 73 73 THR THR A . n 
A 1 74 LEU 74 74 74 LEU LEU A . n 
A 1 75 GLU 75 75 75 GLU GLU A . n 
A 1 76 HIS 76 76 76 HIS HIS A . n 
A 1 77 HIS 77 77 77 HIS HIS A . n 
A 1 78 HIS 78 78 78 HIS HIS A . n 
A 1 79 HIS 79 79 79 HIS HIS A . n 
A 1 80 HIS 80 80 80 HIS HIS A . n 
A 1 81 HIS 81 81 81 HIS HIS A . n 
# 
_exptl.entry_id          2HTJ 
_exptl.method            'SOLUTION NMR' 
_exptl.crystals_number   ? 
# 
_exptl_crystal.id                    1 
_exptl_crystal.density_meas          ? 
_exptl_crystal.density_Matthews      ? 
_exptl_crystal.density_percent_sol   ? 
_exptl_crystal.description           ? 
# 
_diffrn.id                     1 
_diffrn.ambient_temp           ? 
_diffrn.ambient_temp_details   ? 
_diffrn.crystal_id             1 
# 
_diffrn_radiation.diffrn_id                        1 
_diffrn_radiation.wavelength_id                    1 
_diffrn_radiation.monochromator                    ? 
_diffrn_radiation.pdbx_monochromatic_or_laue_m_l   M 
_diffrn_radiation.pdbx_diffrn_protocol             'SINGLE WAVELENGTH' 
_diffrn_radiation.pdbx_scattering_type             ? 
# 
_diffrn_radiation_wavelength.id           1 
_diffrn_radiation_wavelength.wavelength   . 
_diffrn_radiation_wavelength.wt           1.0 
# 
_struct.entry_id                  2HTJ 
_struct.title                     'NMR structure of E.coli PapI' 
_struct.pdbx_model_details        ? 
_struct.pdbx_CASP_flag            ? 
_struct.pdbx_model_type_details   'minimized average' 
# 
_struct_keywords.entry_id        2HTJ 
_struct_keywords.pdbx_keywords   'TRANSCRIPTION ACTIVATOR' 
_struct_keywords.text            'winged helix-turn-helix, pap pili, TRANSCRIPTION ACTIVATOR' 
# 
_struct_asym.id                            A 
_struct_asym.pdbx_blank_PDB_chainid_flag   N 
_struct_asym.pdbx_modified                 N 
_struct_asym.entity_id                     1 
_struct_asym.details                       ? 
# 
_struct_ref.id                         1 
_struct_ref.db_name                    UNP 
_struct_ref.db_code                    KS7A_ECOLI 
_struct_ref.pdbx_db_accession          P62584 
_struct_ref.entity_id                  1 
_struct_ref.pdbx_seq_one_letter_code   MKNEILEFLNRHNGGKTAEIAEALAVTDYQARYYLLLLEKAGMVQRSPLRRGMATYWFLKGEKQAGQSCSSTT 
_struct_ref.pdbx_align_begin           5 
_struct_ref.pdbx_db_isoform            ? 
# 
_struct_ref_seq.align_id                      1 
_struct_ref_seq.ref_id                        1 
_struct_ref_seq.pdbx_PDB_id_code              2HTJ 
_struct_ref_seq.pdbx_strand_id                A 
_struct_ref_seq.seq_align_beg                 1 
_struct_ref_seq.pdbx_seq_align_beg_ins_code   ? 
_struct_ref_seq.seq_align_end                 73 
_struct_ref_seq.pdbx_seq_align_end_ins_code   ? 
_struct_ref_seq.pdbx_db_accession             P62584 
_struct_ref_seq.db_align_beg                  5 
_struct_ref_seq.pdbx_db_align_beg_ins_code    ? 
_struct_ref_seq.db_align_end                  77 
_struct_ref_seq.pdbx_db_align_end_ins_code    ? 
_struct_ref_seq.pdbx_auth_seq_align_beg       1 
_struct_ref_seq.pdbx_auth_seq_align_end       73 
# 
loop_
_struct_ref_seq_dif.align_id 
_struct_ref_seq_dif.pdbx_pdb_id_code 
_struct_ref_seq_dif.mon_id 
_struct_ref_seq_dif.pdbx_pdb_strand_id 
_struct_ref_seq_dif.seq_num 
_struct_ref_seq_dif.pdbx_pdb_ins_code 
_struct_ref_seq_dif.pdbx_seq_db_name 
_struct_ref_seq_dif.pdbx_seq_db_accession_code 
_struct_ref_seq_dif.db_mon_id 
_struct_ref_seq_dif.pdbx_seq_db_seq_num 
_struct_ref_seq_dif.details 
_struct_ref_seq_dif.pdbx_auth_seq_num 
_struct_ref_seq_dif.pdbx_ordinal 
1 2HTJ LEU A 74 ? UNP P62584 ? ? 'expression tag' 74 1 
1 2HTJ GLU A 75 ? UNP P62584 ? ? 'expression tag' 75 2 
1 2HTJ HIS A 76 ? UNP P62584 ? ? 'expression tag' 76 3 
1 2HTJ HIS A 77 ? UNP P62584 ? ? 'expression tag' 77 4 
1 2HTJ HIS A 78 ? UNP P62584 ? ? 'expression tag' 78 5 
1 2HTJ HIS A 79 ? UNP P62584 ? ? 'expression tag' 79 6 
1 2HTJ HIS A 80 ? UNP P62584 ? ? 'expression tag' 80 7 
1 2HTJ HIS A 81 ? UNP P62584 ? ? 'expression tag' 81 8 
# 
_pdbx_struct_assembly.id                   1 
_pdbx_struct_assembly.details              author_defined_assembly 
_pdbx_struct_assembly.method_details       ? 
_pdbx_struct_assembly.oligomeric_details   monomeric 
_pdbx_struct_assembly.oligomeric_count     1 
# 
_pdbx_struct_assembly_gen.assembly_id       1 
_pdbx_struct_assembly_gen.oper_expression   1 
_pdbx_struct_assembly_gen.asym_id_list      A 
# 
_pdbx_struct_oper_list.id                   1 
_pdbx_struct_oper_list.type                 'identity operation' 
_pdbx_struct_oper_list.name                 1_555 
_pdbx_struct_oper_list.symmetry_operation   x,y,z 
_pdbx_struct_oper_list.matrix[1][1]         1.0000000000 
_pdbx_struct_oper_list.matrix[1][2]         0.0000000000 
_pdbx_struct_oper_list.matrix[1][3]         0.0000000000 
_pdbx_struct_oper_list.vector[1]            0.0000000000 
_pdbx_struct_oper_list.matrix[2][1]         0.0000000000 
_pdbx_struct_oper_list.matrix[2][2]         1.0000000000 
_pdbx_struct_oper_list.matrix[2][3]         0.0000000000 
_pdbx_struct_oper_list.vector[2]            0.0000000000 
_pdbx_struct_oper_list.matrix[3][1]         0.0000000000 
_pdbx_struct_oper_list.matrix[3][2]         0.0000000000 
_pdbx_struct_oper_list.matrix[3][3]         1.0000000000 
_pdbx_struct_oper_list.vector[3]            0.0000000000 
# 
_struct_biol.id   1 
# 
loop_
_struct_conf.conf_type_id 
_struct_conf.id 
_struct_conf.pdbx_PDB_helix_id 
_struct_conf.beg_label_comp_id 
_struct_conf.beg_label_asym_id 
_struct_conf.beg_label_seq_id 
_struct_conf.pdbx_beg_PDB_ins_code 
_struct_conf.end_label_comp_id 
_struct_conf.end_label_asym_id 
_struct_conf.end_label_seq_id 
_struct_conf.pdbx_end_PDB_ins_code 
_struct_conf.beg_auth_comp_id 
_struct_conf.beg_auth_asym_id 
_struct_conf.beg_auth_seq_id 
_struct_conf.end_auth_comp_id 
_struct_conf.end_auth_asym_id 
_struct_conf.end_auth_seq_id 
_struct_conf.pdbx_PDB_helix_class 
_struct_conf.details 
_struct_conf.pdbx_PDB_helix_length 
HELX_P HELX_P1 1 MET A 1  ? HIS A 12 ? MET A 1  HIS A 12 1 ? 12 
HELX_P HELX_P2 2 LYS A 16 ? ALA A 25 ? LYS A 16 ALA A 25 1 ? 10 
HELX_P HELX_P3 3 THR A 27 ? GLY A 42 ? THR A 27 GLY A 42 1 ? 16 
HELX_P HELX_P4 4 GLN A 67 ? THR A 72 ? GLN A 67 THR A 72 5 ? 6  
# 
_struct_conf_type.id          HELX_P 
_struct_conf_type.criteria    ? 
_struct_conf_type.reference   ? 
# 
_struct_sheet.id               A 
_struct_sheet.type             ? 
_struct_sheet.number_strands   2 
_struct_sheet.details          ? 
# 
_struct_sheet_order.sheet_id     A 
_struct_sheet_order.range_id_1   1 
_struct_sheet_order.range_id_2   2 
_struct_sheet_order.offset       ? 
_struct_sheet_order.sense        anti-parallel 
# 
loop_
_struct_sheet_range.sheet_id 
_struct_sheet_range.id 
_struct_sheet_range.beg_label_comp_id 
_struct_sheet_range.beg_label_asym_id 
_struct_sheet_range.beg_label_seq_id 
_struct_sheet_range.pdbx_beg_PDB_ins_code 
_struct_sheet_range.end_label_comp_id 
_struct_sheet_range.end_label_asym_id 
_struct_sheet_range.end_label_seq_id 
_struct_sheet_range.pdbx_end_PDB_ins_code 
_struct_sheet_range.beg_auth_comp_id 
_struct_sheet_range.beg_auth_asym_id 
_struct_sheet_range.beg_auth_seq_id 
_struct_sheet_range.end_auth_comp_id 
_struct_sheet_range.end_auth_asym_id 
_struct_sheet_range.end_auth_seq_id 
A 1 VAL A 44 ? SER A 47 ? VAL A 44 SER A 47 
A 2 TYR A 56 ? LEU A 59 ? TYR A 56 LEU A 59 
# 
_pdbx_struct_sheet_hbond.sheet_id                A 
_pdbx_struct_sheet_hbond.range_id_1              1 
_pdbx_struct_sheet_hbond.range_id_2              2 
_pdbx_struct_sheet_hbond.range_1_label_atom_id   N 
_pdbx_struct_sheet_hbond.range_1_label_comp_id   SER 
_pdbx_struct_sheet_hbond.range_1_label_asym_id   A 
_pdbx_struct_sheet_hbond.range_1_label_seq_id    47 
_pdbx_struct_sheet_hbond.range_1_PDB_ins_code    ? 
_pdbx_struct_sheet_hbond.range_1_auth_atom_id    N 
_pdbx_struct_sheet_hbond.range_1_auth_comp_id    SER 
_pdbx_struct_sheet_hbond.range_1_auth_asym_id    A 
_pdbx_struct_sheet_hbond.range_1_auth_seq_id     47 
_pdbx_struct_sheet_hbond.range_2_label_atom_id   O 
_pdbx_struct_sheet_hbond.range_2_label_comp_id   TYR 
_pdbx_struct_sheet_hbond.range_2_label_asym_id   A 
_pdbx_struct_sheet_hbond.range_2_label_seq_id    56 
_pdbx_struct_sheet_hbond.range_2_PDB_ins_code    ? 
_pdbx_struct_sheet_hbond.range_2_auth_atom_id    O 
_pdbx_struct_sheet_hbond.range_2_auth_comp_id    TYR 
_pdbx_struct_sheet_hbond.range_2_auth_asym_id    A 
_pdbx_struct_sheet_hbond.range_2_auth_seq_id     56 
# 
_pdbx_validate_close_contact.id               1 
_pdbx_validate_close_contact.PDB_model_num    1 
_pdbx_validate_close_contact.auth_atom_id_1   O 
_pdbx_validate_close_contact.auth_asym_id_1   A 
_pdbx_validate_close_contact.auth_comp_id_1   HIS 
_pdbx_validate_close_contact.auth_seq_id_1    79 
_pdbx_validate_close_contact.PDB_ins_code_1   ? 
_pdbx_validate_close_contact.label_alt_id_1   ? 
_pdbx_validate_close_contact.auth_atom_id_2   H 
_pdbx_validate_close_contact.auth_asym_id_2   A 
_pdbx_validate_close_contact.auth_comp_id_2   HIS 
_pdbx_validate_close_contact.auth_seq_id_2    81 
_pdbx_validate_close_contact.PDB_ins_code_2   ? 
_pdbx_validate_close_contact.label_alt_id_2   ? 
_pdbx_validate_close_contact.dist             1.57 
# 
loop_
_pdbx_validate_torsion.id 
_pdbx_validate_torsion.PDB_model_num 
_pdbx_validate_torsion.auth_comp_id 
_pdbx_validate_torsion.auth_asym_id 
_pdbx_validate_torsion.auth_seq_id 
_pdbx_validate_torsion.PDB_ins_code 
_pdbx_validate_torsion.label_alt_id 
_pdbx_validate_torsion.phi 
_pdbx_validate_torsion.psi 
1  1 HIS A 12 ? ? -108.42 -151.36 
2  1 ASN A 13 ? ? 170.72  108.84  
3  1 VAL A 26 ? ? -86.15  -137.87 
4  1 LEU A 49 ? ? -33.04  94.61   
5  1 MET A 53 ? ? 179.84  51.94   
6  1 ALA A 54 ? ? 179.78  24.96   
7  1 THR A 55 ? ? 41.93   -165.46 
8  1 LEU A 59 ? ? -42.08  162.00  
9  1 LYS A 60 ? ? -65.40  66.66   
10 1 GLU A 62 ? ? -177.02 -110.76 
11 1 GLN A 64 ? ? 55.48   17.73   
12 1 SER A 68 ? ? -48.60  96.99   
13 1 HIS A 76 ? ? 56.91   117.22  
14 1 HIS A 77 ? ? -59.65  92.87   
15 1 HIS A 78 ? ? 57.07   105.01  
16 1 HIS A 79 ? ? -42.60  153.34  
17 1 HIS A 80 ? ? 67.24   -58.86  
# 
loop_
_pdbx_validate_planes.id 
_pdbx_validate_planes.PDB_model_num 
_pdbx_validate_planes.auth_comp_id 
_pdbx_validate_planes.auth_asym_id 
_pdbx_validate_planes.auth_seq_id 
_pdbx_validate_planes.PDB_ins_code 
_pdbx_validate_planes.label_alt_id 
_pdbx_validate_planes.rmsd 
_pdbx_validate_planes.type 
1 1 ARG A 11 ? ? 0.318 'SIDE CHAIN' 
2 1 ARG A 32 ? ? 0.266 'SIDE CHAIN' 
3 1 ARG A 46 ? ? 0.145 'SIDE CHAIN' 
4 1 ARG A 50 ? ? 0.220 'SIDE CHAIN' 
5 1 ARG A 51 ? ? 0.239 'SIDE CHAIN' 
# 
_pdbx_nmr_ensemble.entry_id                                      2HTJ 
_pdbx_nmr_ensemble.conformers_calculated_total_number            ? 
_pdbx_nmr_ensemble.conformers_submitted_total_number             1 
_pdbx_nmr_ensemble.conformer_selection_criteria                  0 
_pdbx_nmr_ensemble.average_constraints_per_residue               ? 
_pdbx_nmr_ensemble.average_constraint_violations_per_residue     ? 
_pdbx_nmr_ensemble.maximum_distance_constraint_violation         ? 
_pdbx_nmr_ensemble.average_distance_constraint_violation         ? 
_pdbx_nmr_ensemble.maximum_upper_distance_constraint_violation   ? 
_pdbx_nmr_ensemble.maximum_lower_distance_constraint_violation   ? 
_pdbx_nmr_ensemble.distance_constraint_violation_method          ? 
_pdbx_nmr_ensemble.maximum_torsion_angle_constraint_violation    ? 
_pdbx_nmr_ensemble.average_torsion_angle_constraint_violation    ? 
_pdbx_nmr_ensemble.torsion_angle_constraint_violation_method     ? 
# 
_pdbx_nmr_representative.entry_id             2HTJ 
_pdbx_nmr_representative.conformer_id         1 
_pdbx_nmr_representative.selection_criteria   'minimized average structure' 
# 
loop_
_pdbx_nmr_sample_details.solution_id 
_pdbx_nmr_sample_details.contents 
_pdbx_nmr_sample_details.solvent_system 
1 '50mM potassium phosphate pH6.0, 150mM potassium chloride, 5mM b-mercaptoethanol, 100uM EDTA, 8% D2O, 0.02% sodium azide' H2O 
2 '50mM potassium phosphate pD6.0, 150mM potassium chloride, 2mM DTT, D2O'                                                  D2O 
# 
_pdbx_nmr_exptl_sample_conditions.conditions_id       1 
_pdbx_nmr_exptl_sample_conditions.temperature         298 
_pdbx_nmr_exptl_sample_conditions.pressure            1 
_pdbx_nmr_exptl_sample_conditions.pH                  6.0 
_pdbx_nmr_exptl_sample_conditions.ionic_strength      150mM 
_pdbx_nmr_exptl_sample_conditions.pressure_units      atm 
_pdbx_nmr_exptl_sample_conditions.temperature_units   K 
# 
loop_
_pdbx_nmr_exptl.experiment_id 
_pdbx_nmr_exptl.conditions_id 
_pdbx_nmr_exptl.type 
_pdbx_nmr_exptl.solution_id 
1 1 '2D NOESY'                 1 
2 1 4D_13C-separated_NOESY     2 
3 1 4D_13C/15N-separated_NOESY 1 
4 1 HNHA                       1 
5 1 3D_15N-separated_NOESY     1 
# 
_pdbx_nmr_refine.entry_id           2HTJ 
_pdbx_nmr_refine.method             'distance geometry, simulated annealing, molecular dynamics' 
_pdbx_nmr_refine.details            ? 
_pdbx_nmr_refine.software_ordinal   1 
# 
loop_
_pdbx_nmr_software.classification 
_pdbx_nmr_software.name 
_pdbx_nmr_software.version 
_pdbx_nmr_software.authors 
_pdbx_nmr_software.ordinal 
refinement      X-PLOR       3.851 Brunger          1 
'data analysis' ansig4opengl 1.0.4 'Per Kraulis'    2 
processing      NMRPipe      ?     'Frank Delaglio' 3 
# 
loop_
_chem_comp_atom.comp_id 
_chem_comp_atom.atom_id 
_chem_comp_atom.type_symbol 
_chem_comp_atom.pdbx_aromatic_flag 
_chem_comp_atom.pdbx_stereo_config 
_chem_comp_atom.pdbx_ordinal 
ALA N    N N N 1   
ALA CA   C N S 2   
ALA C    C N N 3   
ALA O    O N N 4   
ALA CB   C N N 5   
ALA OXT  O N N 6   
ALA H    H N N 7   
ALA H2   H N N 8   
ALA HA   H N N 9   
ALA HB1  H N N 10  
ALA HB2  H N N 11  
ALA HB3  H N N 12  
ALA HXT  H N N 13  
ARG N    N N N 14  
ARG CA   C N S 15  
ARG C    C N N 16  
ARG O    O N N 17  
ARG CB   C N N 18  
ARG CG   C N N 19  
ARG CD   C N N 20  
ARG NE   N N N 21  
ARG CZ   C N N 22  
ARG NH1  N N N 23  
ARG NH2  N N N 24  
ARG OXT  O N N 25  
ARG H    H N N 26  
ARG H2   H N N 27  
ARG HA   H N N 28  
ARG HB2  H N N 29  
ARG HB3  H N N 30  
ARG HG2  H N N 31  
ARG HG3  H N N 32  
ARG HD2  H N N 33  
ARG HD3  H N N 34  
ARG HE   H N N 35  
ARG HH11 H N N 36  
ARG HH12 H N N 37  
ARG HH21 H N N 38  
ARG HH22 H N N 39  
ARG HXT  H N N 40  
ASN N    N N N 41  
ASN CA   C N S 42  
ASN C    C N N 43  
ASN O    O N N 44  
ASN CB   C N N 45  
ASN CG   C N N 46  
ASN OD1  O N N 47  
ASN ND2  N N N 48  
ASN OXT  O N N 49  
ASN H    H N N 50  
ASN H2   H N N 51  
ASN HA   H N N 52  
ASN HB2  H N N 53  
ASN HB3  H N N 54  
ASN HD21 H N N 55  
ASN HD22 H N N 56  
ASN HXT  H N N 57  
ASP N    N N N 58  
ASP CA   C N S 59  
ASP C    C N N 60  
ASP O    O N N 61  
ASP CB   C N N 62  
ASP CG   C N N 63  
ASP OD1  O N N 64  
ASP OD2  O N N 65  
ASP OXT  O N N 66  
ASP H    H N N 67  
ASP H2   H N N 68  
ASP HA   H N N 69  
ASP HB2  H N N 70  
ASP HB3  H N N 71  
ASP HD2  H N N 72  
ASP HXT  H N N 73  
CYS N    N N N 74  
CYS CA   C N R 75  
CYS C    C N N 76  
CYS O    O N N 77  
CYS CB   C N N 78  
CYS SG   S N N 79  
CYS OXT  O N N 80  
CYS H    H N N 81  
CYS H2   H N N 82  
CYS HA   H N N 83  
CYS HB2  H N N 84  
CYS HB3  H N N 85  
CYS HG   H N N 86  
CYS HXT  H N N 87  
GLN N    N N N 88  
GLN CA   C N S 89  
GLN C    C N N 90  
GLN O    O N N 91  
GLN CB   C N N 92  
GLN CG   C N N 93  
GLN CD   C N N 94  
GLN OE1  O N N 95  
GLN NE2  N N N 96  
GLN OXT  O N N 97  
GLN H    H N N 98  
GLN H2   H N N 99  
GLN HA   H N N 100 
GLN HB2  H N N 101 
GLN HB3  H N N 102 
GLN HG2  H N N 103 
GLN HG3  H N N 104 
GLN HE21 H N N 105 
GLN HE22 H N N 106 
GLN HXT  H N N 107 
GLU N    N N N 108 
GLU CA   C N S 109 
GLU C    C N N 110 
GLU O    O N N 111 
GLU CB   C N N 112 
GLU CG   C N N 113 
GLU CD   C N N 114 
GLU OE1  O N N 115 
GLU OE2  O N N 116 
GLU OXT  O N N 117 
GLU H    H N N 118 
GLU H2   H N N 119 
GLU HA   H N N 120 
GLU HB2  H N N 121 
GLU HB3  H N N 122 
GLU HG2  H N N 123 
GLU HG3  H N N 124 
GLU HE2  H N N 125 
GLU HXT  H N N 126 
GLY N    N N N 127 
GLY CA   C N N 128 
GLY C    C N N 129 
GLY O    O N N 130 
GLY OXT  O N N 131 
GLY H    H N N 132 
GLY H2   H N N 133 
GLY HA2  H N N 134 
GLY HA3  H N N 135 
GLY HXT  H N N 136 
HIS N    N N N 137 
HIS CA   C N S 138 
HIS C    C N N 139 
HIS O    O N N 140 
HIS CB   C N N 141 
HIS CG   C Y N 142 
HIS ND1  N Y N 143 
HIS CD2  C Y N 144 
HIS CE1  C Y N 145 
HIS NE2  N Y N 146 
HIS OXT  O N N 147 
HIS H    H N N 148 
HIS H2   H N N 149 
HIS HA   H N N 150 
HIS HB2  H N N 151 
HIS HB3  H N N 152 
HIS HD1  H N N 153 
HIS HD2  H N N 154 
HIS HE1  H N N 155 
HIS HE2  H N N 156 
HIS HXT  H N N 157 
ILE N    N N N 158 
ILE CA   C N S 159 
ILE C    C N N 160 
ILE O    O N N 161 
ILE CB   C N S 162 
ILE CG1  C N N 163 
ILE CG2  C N N 164 
ILE CD1  C N N 165 
ILE OXT  O N N 166 
ILE H    H N N 167 
ILE H2   H N N 168 
ILE HA   H N N 169 
ILE HB   H N N 170 
ILE HG12 H N N 171 
ILE HG13 H N N 172 
ILE HG21 H N N 173 
ILE HG22 H N N 174 
ILE HG23 H N N 175 
ILE HD11 H N N 176 
ILE HD12 H N N 177 
ILE HD13 H N N 178 
ILE HXT  H N N 179 
LEU N    N N N 180 
LEU CA   C N S 181 
LEU C    C N N 182 
LEU O    O N N 183 
LEU CB   C N N 184 
LEU CG   C N N 185 
LEU CD1  C N N 186 
LEU CD2  C N N 187 
LEU OXT  O N N 188 
LEU H    H N N 189 
LEU H2   H N N 190 
LEU HA   H N N 191 
LEU HB2  H N N 192 
LEU HB3  H N N 193 
LEU HG   H N N 194 
LEU HD11 H N N 195 
LEU HD12 H N N 196 
LEU HD13 H N N 197 
LEU HD21 H N N 198 
LEU HD22 H N N 199 
LEU HD23 H N N 200 
LEU HXT  H N N 201 
LYS N    N N N 202 
LYS CA   C N S 203 
LYS C    C N N 204 
LYS O    O N N 205 
LYS CB   C N N 206 
LYS CG   C N N 207 
LYS CD   C N N 208 
LYS CE   C N N 209 
LYS NZ   N N N 210 
LYS OXT  O N N 211 
LYS H    H N N 212 
LYS H2   H N N 213 
LYS HA   H N N 214 
LYS HB2  H N N 215 
LYS HB3  H N N 216 
LYS HG2  H N N 217 
LYS HG3  H N N 218 
LYS HD2  H N N 219 
LYS HD3  H N N 220 
LYS HE2  H N N 221 
LYS HE3  H N N 222 
LYS HZ1  H N N 223 
LYS HZ2  H N N 224 
LYS HZ3  H N N 225 
LYS HXT  H N N 226 
MET N    N N N 227 
MET CA   C N S 228 
MET C    C N N 229 
MET O    O N N 230 
MET CB   C N N 231 
MET CG   C N N 232 
MET SD   S N N 233 
MET CE   C N N 234 
MET OXT  O N N 235 
MET H    H N N 236 
MET H2   H N N 237 
MET HA   H N N 238 
MET HB2  H N N 239 
MET HB3  H N N 240 
MET HG2  H N N 241 
MET HG3  H N N 242 
MET HE1  H N N 243 
MET HE2  H N N 244 
MET HE3  H N N 245 
MET HXT  H N N 246 
PHE N    N N N 247 
PHE CA   C N S 248 
PHE C    C N N 249 
PHE O    O N N 250 
PHE CB   C N N 251 
PHE CG   C Y N 252 
PHE CD1  C Y N 253 
PHE CD2  C Y N 254 
PHE CE1  C Y N 255 
PHE CE2  C Y N 256 
PHE CZ   C Y N 257 
PHE OXT  O N N 258 
PHE H    H N N 259 
PHE H2   H N N 260 
PHE HA   H N N 261 
PHE HB2  H N N 262 
PHE HB3  H N N 263 
PHE HD1  H N N 264 
PHE HD2  H N N 265 
PHE HE1  H N N 266 
PHE HE2  H N N 267 
PHE HZ   H N N 268 
PHE HXT  H N N 269 
PRO N    N N N 270 
PRO CA   C N S 271 
PRO C    C N N 272 
PRO O    O N N 273 
PRO CB   C N N 274 
PRO CG   C N N 275 
PRO CD   C N N 276 
PRO OXT  O N N 277 
PRO H    H N N 278 
PRO HA   H N N 279 
PRO HB2  H N N 280 
PRO HB3  H N N 281 
PRO HG2  H N N 282 
PRO HG3  H N N 283 
PRO HD2  H N N 284 
PRO HD3  H N N 285 
PRO HXT  H N N 286 
SER N    N N N 287 
SER CA   C N S 288 
SER C    C N N 289 
SER O    O N N 290 
SER CB   C N N 291 
SER OG   O N N 292 
SER OXT  O N N 293 
SER H    H N N 294 
SER H2   H N N 295 
SER HA   H N N 296 
SER HB2  H N N 297 
SER HB3  H N N 298 
SER HG   H N N 299 
SER HXT  H N N 300 
THR N    N N N 301 
THR CA   C N S 302 
THR C    C N N 303 
THR O    O N N 304 
THR CB   C N R 305 
THR OG1  O N N 306 
THR CG2  C N N 307 
THR OXT  O N N 308 
THR H    H N N 309 
THR H2   H N N 310 
THR HA   H N N 311 
THR HB   H N N 312 
THR HG1  H N N 313 
THR HG21 H N N 314 
THR HG22 H N N 315 
THR HG23 H N N 316 
THR HXT  H N N 317 
TRP N    N N N 318 
TRP CA   C N S 319 
TRP C    C N N 320 
TRP O    O N N 321 
TRP CB   C N N 322 
TRP CG   C Y N 323 
TRP CD1  C Y N 324 
TRP CD2  C Y N 325 
TRP NE1  N Y N 326 
TRP CE2  C Y N 327 
TRP CE3  C Y N 328 
TRP CZ2  C Y N 329 
TRP CZ3  C Y N 330 
TRP CH2  C Y N 331 
TRP OXT  O N N 332 
TRP H    H N N 333 
TRP H2   H N N 334 
TRP HA   H N N 335 
TRP HB2  H N N 336 
TRP HB3  H N N 337 
TRP HD1  H N N 338 
TRP HE1  H N N 339 
TRP HE3  H N N 340 
TRP HZ2  H N N 341 
TRP HZ3  H N N 342 
TRP HH2  H N N 343 
TRP HXT  H N N 344 
TYR N    N N N 345 
TYR CA   C N S 346 
TYR C    C N N 347 
TYR O    O N N 348 
TYR CB   C N N 349 
TYR CG   C Y N 350 
TYR CD1  C Y N 351 
TYR CD2  C Y N 352 
TYR CE1  C Y N 353 
TYR CE2  C Y N 354 
TYR CZ   C Y N 355 
TYR OH   O N N 356 
TYR OXT  O N N 357 
TYR H    H N N 358 
TYR H2   H N N 359 
TYR HA   H N N 360 
TYR HB2  H N N 361 
TYR HB3  H N N 362 
TYR HD1  H N N 363 
TYR HD2  H N N 364 
TYR HE1  H N N 365 
TYR HE2  H N N 366 
TYR HH   H N N 367 
TYR HXT  H N N 368 
VAL N    N N N 369 
VAL CA   C N S 370 
VAL C    C N N 371 
VAL O    O N N 372 
VAL CB   C N N 373 
VAL CG1  C N N 374 
VAL CG2  C N N 375 
VAL OXT  O N N 376 
VAL H    H N N 377 
VAL H2   H N N 378 
VAL HA   H N N 379 
VAL HB   H N N 380 
VAL HG11 H N N 381 
VAL HG12 H N N 382 
VAL HG13 H N N 383 
VAL HG21 H N N 384 
VAL HG22 H N N 385 
VAL HG23 H N N 386 
VAL HXT  H N N 387 
# 
loop_
_chem_comp_bond.comp_id 
_chem_comp_bond.atom_id_1 
_chem_comp_bond.atom_id_2 
_chem_comp_bond.value_order 
_chem_comp_bond.pdbx_aromatic_flag 
_chem_comp_bond.pdbx_stereo_config 
_chem_comp_bond.pdbx_ordinal 
ALA N   CA   sing N N 1   
ALA N   H    sing N N 2   
ALA N   H2   sing N N 3   
ALA CA  C    sing N N 4   
ALA CA  CB   sing N N 5   
ALA CA  HA   sing N N 6   
ALA C   O    doub N N 7   
ALA C   OXT  sing N N 8   
ALA CB  HB1  sing N N 9   
ALA CB  HB2  sing N N 10  
ALA CB  HB3  sing N N 11  
ALA OXT HXT  sing N N 12  
ARG N   CA   sing N N 13  
ARG N   H    sing N N 14  
ARG N   H2   sing N N 15  
ARG CA  C    sing N N 16  
ARG CA  CB   sing N N 17  
ARG CA  HA   sing N N 18  
ARG C   O    doub N N 19  
ARG C   OXT  sing N N 20  
ARG CB  CG   sing N N 21  
ARG CB  HB2  sing N N 22  
ARG CB  HB3  sing N N 23  
ARG CG  CD   sing N N 24  
ARG CG  HG2  sing N N 25  
ARG CG  HG3  sing N N 26  
ARG CD  NE   sing N N 27  
ARG CD  HD2  sing N N 28  
ARG CD  HD3  sing N N 29  
ARG NE  CZ   sing N N 30  
ARG NE  HE   sing N N 31  
ARG CZ  NH1  sing N N 32  
ARG CZ  NH2  doub N N 33  
ARG NH1 HH11 sing N N 34  
ARG NH1 HH12 sing N N 35  
ARG NH2 HH21 sing N N 36  
ARG NH2 HH22 sing N N 37  
ARG OXT HXT  sing N N 38  
ASN N   CA   sing N N 39  
ASN N   H    sing N N 40  
ASN N   H2   sing N N 41  
ASN CA  C    sing N N 42  
ASN CA  CB   sing N N 43  
ASN CA  HA   sing N N 44  
ASN C   O    doub N N 45  
ASN C   OXT  sing N N 46  
ASN CB  CG   sing N N 47  
ASN CB  HB2  sing N N 48  
ASN CB  HB3  sing N N 49  
ASN CG  OD1  doub N N 50  
ASN CG  ND2  sing N N 51  
ASN ND2 HD21 sing N N 52  
ASN ND2 HD22 sing N N 53  
ASN OXT HXT  sing N N 54  
ASP N   CA   sing N N 55  
ASP N   H    sing N N 56  
ASP N   H2   sing N N 57  
ASP CA  C    sing N N 58  
ASP CA  CB   sing N N 59  
ASP CA  HA   sing N N 60  
ASP C   O    doub N N 61  
ASP C   OXT  sing N N 62  
ASP CB  CG   sing N N 63  
ASP CB  HB2  sing N N 64  
ASP CB  HB3  sing N N 65  
ASP CG  OD1  doub N N 66  
ASP CG  OD2  sing N N 67  
ASP OD2 HD2  sing N N 68  
ASP OXT HXT  sing N N 69  
CYS N   CA   sing N N 70  
CYS N   H    sing N N 71  
CYS N   H2   sing N N 72  
CYS CA  C    sing N N 73  
CYS CA  CB   sing N N 74  
CYS CA  HA   sing N N 75  
CYS C   O    doub N N 76  
CYS C   OXT  sing N N 77  
CYS CB  SG   sing N N 78  
CYS CB  HB2  sing N N 79  
CYS CB  HB3  sing N N 80  
CYS SG  HG   sing N N 81  
CYS OXT HXT  sing N N 82  
GLN N   CA   sing N N 83  
GLN N   H    sing N N 84  
GLN N   H2   sing N N 85  
GLN CA  C    sing N N 86  
GLN CA  CB   sing N N 87  
GLN CA  HA   sing N N 88  
GLN C   O    doub N N 89  
GLN C   OXT  sing N N 90  
GLN CB  CG   sing N N 91  
GLN CB  HB2  sing N N 92  
GLN CB  HB3  sing N N 93  
GLN CG  CD   sing N N 94  
GLN CG  HG2  sing N N 95  
GLN CG  HG3  sing N N 96  
GLN CD  OE1  doub N N 97  
GLN CD  NE2  sing N N 98  
GLN NE2 HE21 sing N N 99  
GLN NE2 HE22 sing N N 100 
GLN OXT HXT  sing N N 101 
GLU N   CA   sing N N 102 
GLU N   H    sing N N 103 
GLU N   H2   sing N N 104 
GLU CA  C    sing N N 105 
GLU CA  CB   sing N N 106 
GLU CA  HA   sing N N 107 
GLU C   O    doub N N 108 
GLU C   OXT  sing N N 109 
GLU CB  CG   sing N N 110 
GLU CB  HB2  sing N N 111 
GLU CB  HB3  sing N N 112 
GLU CG  CD   sing N N 113 
GLU CG  HG2  sing N N 114 
GLU CG  HG3  sing N N 115 
GLU CD  OE1  doub N N 116 
GLU CD  OE2  sing N N 117 
GLU OE2 HE2  sing N N 118 
GLU OXT HXT  sing N N 119 
GLY N   CA   sing N N 120 
GLY N   H    sing N N 121 
GLY N   H2   sing N N 122 
GLY CA  C    sing N N 123 
GLY CA  HA2  sing N N 124 
GLY CA  HA3  sing N N 125 
GLY C   O    doub N N 126 
GLY C   OXT  sing N N 127 
GLY OXT HXT  sing N N 128 
HIS N   CA   sing N N 129 
HIS N   H    sing N N 130 
HIS N   H2   sing N N 131 
HIS CA  C    sing N N 132 
HIS CA  CB   sing N N 133 
HIS CA  HA   sing N N 134 
HIS C   O    doub N N 135 
HIS C   OXT  sing N N 136 
HIS CB  CG   sing N N 137 
HIS CB  HB2  sing N N 138 
HIS CB  HB3  sing N N 139 
HIS CG  ND1  sing Y N 140 
HIS CG  CD2  doub Y N 141 
HIS ND1 CE1  doub Y N 142 
HIS ND1 HD1  sing N N 143 
HIS CD2 NE2  sing Y N 144 
HIS CD2 HD2  sing N N 145 
HIS CE1 NE2  sing Y N 146 
HIS CE1 HE1  sing N N 147 
HIS NE2 HE2  sing N N 148 
HIS OXT HXT  sing N N 149 
ILE N   CA   sing N N 150 
ILE N   H    sing N N 151 
ILE N   H2   sing N N 152 
ILE CA  C    sing N N 153 
ILE CA  CB   sing N N 154 
ILE CA  HA   sing N N 155 
ILE C   O    doub N N 156 
ILE C   OXT  sing N N 157 
ILE CB  CG1  sing N N 158 
ILE CB  CG2  sing N N 159 
ILE CB  HB   sing N N 160 
ILE CG1 CD1  sing N N 161 
ILE CG1 HG12 sing N N 162 
ILE CG1 HG13 sing N N 163 
ILE CG2 HG21 sing N N 164 
ILE CG2 HG22 sing N N 165 
ILE CG2 HG23 sing N N 166 
ILE CD1 HD11 sing N N 167 
ILE CD1 HD12 sing N N 168 
ILE CD1 HD13 sing N N 169 
ILE OXT HXT  sing N N 170 
LEU N   CA   sing N N 171 
LEU N   H    sing N N 172 
LEU N   H2   sing N N 173 
LEU CA  C    sing N N 174 
LEU CA  CB   sing N N 175 
LEU CA  HA   sing N N 176 
LEU C   O    doub N N 177 
LEU C   OXT  sing N N 178 
LEU CB  CG   sing N N 179 
LEU CB  HB2  sing N N 180 
LEU CB  HB3  sing N N 181 
LEU CG  CD1  sing N N 182 
LEU CG  CD2  sing N N 183 
LEU CG  HG   sing N N 184 
LEU CD1 HD11 sing N N 185 
LEU CD1 HD12 sing N N 186 
LEU CD1 HD13 sing N N 187 
LEU CD2 HD21 sing N N 188 
LEU CD2 HD22 sing N N 189 
LEU CD2 HD23 sing N N 190 
LEU OXT HXT  sing N N 191 
LYS N   CA   sing N N 192 
LYS N   H    sing N N 193 
LYS N   H2   sing N N 194 
LYS CA  C    sing N N 195 
LYS CA  CB   sing N N 196 
LYS CA  HA   sing N N 197 
LYS C   O    doub N N 198 
LYS C   OXT  sing N N 199 
LYS CB  CG   sing N N 200 
LYS CB  HB2  sing N N 201 
LYS CB  HB3  sing N N 202 
LYS CG  CD   sing N N 203 
LYS CG  HG2  sing N N 204 
LYS CG  HG3  sing N N 205 
LYS CD  CE   sing N N 206 
LYS CD  HD2  sing N N 207 
LYS CD  HD3  sing N N 208 
LYS CE  NZ   sing N N 209 
LYS CE  HE2  sing N N 210 
LYS CE  HE3  sing N N 211 
LYS NZ  HZ1  sing N N 212 
LYS NZ  HZ2  sing N N 213 
LYS NZ  HZ3  sing N N 214 
LYS OXT HXT  sing N N 215 
MET N   CA   sing N N 216 
MET N   H    sing N N 217 
MET N   H2   sing N N 218 
MET CA  C    sing N N 219 
MET CA  CB   sing N N 220 
MET CA  HA   sing N N 221 
MET C   O    doub N N 222 
MET C   OXT  sing N N 223 
MET CB  CG   sing N N 224 
MET CB  HB2  sing N N 225 
MET CB  HB3  sing N N 226 
MET CG  SD   sing N N 227 
MET CG  HG2  sing N N 228 
MET CG  HG3  sing N N 229 
MET SD  CE   sing N N 230 
MET CE  HE1  sing N N 231 
MET CE  HE2  sing N N 232 
MET CE  HE3  sing N N 233 
MET OXT HXT  sing N N 234 
PHE N   CA   sing N N 235 
PHE N   H    sing N N 236 
PHE N   H2   sing N N 237 
PHE CA  C    sing N N 238 
PHE CA  CB   sing N N 239 
PHE CA  HA   sing N N 240 
PHE C   O    doub N N 241 
PHE C   OXT  sing N N 242 
PHE CB  CG   sing N N 243 
PHE CB  HB2  sing N N 244 
PHE CB  HB3  sing N N 245 
PHE CG  CD1  doub Y N 246 
PHE CG  CD2  sing Y N 247 
PHE CD1 CE1  sing Y N 248 
PHE CD1 HD1  sing N N 249 
PHE CD2 CE2  doub Y N 250 
PHE CD2 HD2  sing N N 251 
PHE CE1 CZ   doub Y N 252 
PHE CE1 HE1  sing N N 253 
PHE CE2 CZ   sing Y N 254 
PHE CE2 HE2  sing N N 255 
PHE CZ  HZ   sing N N 256 
PHE OXT HXT  sing N N 257 
PRO N   CA   sing N N 258 
PRO N   CD   sing N N 259 
PRO N   H    sing N N 260 
PRO CA  C    sing N N 261 
PRO CA  CB   sing N N 262 
PRO CA  HA   sing N N 263 
PRO C   O    doub N N 264 
PRO C   OXT  sing N N 265 
PRO CB  CG   sing N N 266 
PRO CB  HB2  sing N N 267 
PRO CB  HB3  sing N N 268 
PRO CG  CD   sing N N 269 
PRO CG  HG2  sing N N 270 
PRO CG  HG3  sing N N 271 
PRO CD  HD2  sing N N 272 
PRO CD  HD3  sing N N 273 
PRO OXT HXT  sing N N 274 
SER N   CA   sing N N 275 
SER N   H    sing N N 276 
SER N   H2   sing N N 277 
SER CA  C    sing N N 278 
SER CA  CB   sing N N 279 
SER CA  HA   sing N N 280 
SER C   O    doub N N 281 
SER C   OXT  sing N N 282 
SER CB  OG   sing N N 283 
SER CB  HB2  sing N N 284 
SER CB  HB3  sing N N 285 
SER OG  HG   sing N N 286 
SER OXT HXT  sing N N 287 
THR N   CA   sing N N 288 
THR N   H    sing N N 289 
THR N   H2   sing N N 290 
THR CA  C    sing N N 291 
THR CA  CB   sing N N 292 
THR CA  HA   sing N N 293 
THR C   O    doub N N 294 
THR C   OXT  sing N N 295 
THR CB  OG1  sing N N 296 
THR CB  CG2  sing N N 297 
THR CB  HB   sing N N 298 
THR OG1 HG1  sing N N 299 
THR CG2 HG21 sing N N 300 
THR CG2 HG22 sing N N 301 
THR CG2 HG23 sing N N 302 
THR OXT HXT  sing N N 303 
TRP N   CA   sing N N 304 
TRP N   H    sing N N 305 
TRP N   H2   sing N N 306 
TRP CA  C    sing N N 307 
TRP CA  CB   sing N N 308 
TRP CA  HA   sing N N 309 
TRP C   O    doub N N 310 
TRP C   OXT  sing N N 311 
TRP CB  CG   sing N N 312 
TRP CB  HB2  sing N N 313 
TRP CB  HB3  sing N N 314 
TRP CG  CD1  doub Y N 315 
TRP CG  CD2  sing Y N 316 
TRP CD1 NE1  sing Y N 317 
TRP CD1 HD1  sing N N 318 
TRP CD2 CE2  doub Y N 319 
TRP CD2 CE3  sing Y N 320 
TRP NE1 CE2  sing Y N 321 
TRP NE1 HE1  sing N N 322 
TRP CE2 CZ2  sing Y N 323 
TRP CE3 CZ3  doub Y N 324 
TRP CE3 HE3  sing N N 325 
TRP CZ2 CH2  doub Y N 326 
TRP CZ2 HZ2  sing N N 327 
TRP CZ3 CH2  sing Y N 328 
TRP CZ3 HZ3  sing N N 329 
TRP CH2 HH2  sing N N 330 
TRP OXT HXT  sing N N 331 
TYR N   CA   sing N N 332 
TYR N   H    sing N N 333 
TYR N   H2   sing N N 334 
TYR CA  C    sing N N 335 
TYR CA  CB   sing N N 336 
TYR CA  HA   sing N N 337 
TYR C   O    doub N N 338 
TYR C   OXT  sing N N 339 
TYR CB  CG   sing N N 340 
TYR CB  HB2  sing N N 341 
TYR CB  HB3  sing N N 342 
TYR CG  CD1  doub Y N 343 
TYR CG  CD2  sing Y N 344 
TYR CD1 CE1  sing Y N 345 
TYR CD1 HD1  sing N N 346 
TYR CD2 CE2  doub Y N 347 
TYR CD2 HD2  sing N N 348 
TYR CE1 CZ   doub Y N 349 
TYR CE1 HE1  sing N N 350 
TYR CE2 CZ   sing Y N 351 
TYR CE2 HE2  sing N N 352 
TYR CZ  OH   sing N N 353 
TYR OH  HH   sing N N 354 
TYR OXT HXT  sing N N 355 
VAL N   CA   sing N N 356 
VAL N   H    sing N N 357 
VAL N   H2   sing N N 358 
VAL CA  C    sing N N 359 
VAL CA  CB   sing N N 360 
VAL CA  HA   sing N N 361 
VAL C   O    doub N N 362 
VAL C   OXT  sing N N 363 
VAL CB  CG1  sing N N 364 
VAL CB  CG2  sing N N 365 
VAL CB  HB   sing N N 366 
VAL CG1 HG11 sing N N 367 
VAL CG1 HG12 sing N N 368 
VAL CG1 HG13 sing N N 369 
VAL CG2 HG21 sing N N 370 
VAL CG2 HG22 sing N N 371 
VAL CG2 HG23 sing N N 372 
VAL OXT HXT  sing N N 373 
# 
_pdbx_nmr_spectrometer.spectrometer_id   1 
_pdbx_nmr_spectrometer.model             INOVA 
_pdbx_nmr_spectrometer.manufacturer      Varian 
_pdbx_nmr_spectrometer.field_strength    600 
_pdbx_nmr_spectrometer.type              ? 
# 
_atom_sites.entry_id                    2HTJ 
_atom_sites.fract_transf_matrix[1][1]   1.000000 
_atom_sites.fract_transf_matrix[1][2]   0.000000 
_atom_sites.fract_transf_matrix[1][3]   0.000000 
_atom_sites.fract_transf_matrix[2][1]   0.000000 
_atom_sites.fract_transf_matrix[2][2]   1.000000 
_atom_sites.fract_transf_matrix[2][3]   0.000000 
_atom_sites.fract_transf_matrix[3][1]   0.000000 
_atom_sites.fract_transf_matrix[3][2]   0.000000 
_atom_sites.fract_transf_matrix[3][3]   1.000000 
_atom_sites.fract_transf_vector[1]      0.00000 
_atom_sites.fract_transf_vector[2]      0.00000 
_atom_sites.fract_transf_vector[3]      0.00000 
# 
loop_
_atom_type.symbol 
C 
H 
N 
O 
S 
# 
loop_
_atom_site.group_PDB 
_atom_site.id 
_atom_site.type_symbol 
_atom_site.label_atom_id 
_atom_site.label_alt_id 
_atom_site.label_comp_id 
_atom_site.label_asym_id 
_atom_site.label_entity_id 
_atom_site.label_seq_id 
_atom_site.pdbx_PDB_ins_code 
_atom_site.Cartn_x 
_atom_site.Cartn_y 
_atom_site.Cartn_z 
_atom_site.occupancy 
_atom_site.B_iso_or_equiv 
_atom_site.pdbx_formal_charge 
_atom_site.auth_seq_id 
_atom_site.auth_comp_id 
_atom_site.auth_asym_id 
_atom_site.auth_atom_id 
_atom_site.pdbx_PDB_model_num 
ATOM 1    N N    . MET A 1 1  ? -7.048  -10.512 -10.709 1.00 1.92  ? 1  MET A N    1 
ATOM 2    C CA   . MET A 1 1  ? -6.583  -11.088 -9.414  1.00 1.14  ? 1  MET A CA   1 
ATOM 3    C C    . MET A 1 1  ? -5.901  -10.008 -8.570  1.00 0.86  ? 1  MET A C    1 
ATOM 4    O O    . MET A 1 1  ? -4.748  -9.684  -8.771  1.00 0.89  ? 1  MET A O    1 
ATOM 5    C CB   . MET A 1 1  ? -5.584  -12.178 -9.802  1.00 1.51  ? 1  MET A CB   1 
ATOM 6    C CG   . MET A 1 1  ? -6.231  -13.552 -9.623  1.00 1.94  ? 1  MET A CG   1 
ATOM 7    S SD   . MET A 1 1  ? -7.620  -13.719 -10.769 1.00 2.87  ? 1  MET A SD   1 
ATOM 8    C CE   . MET A 1 1  ? -7.971  -15.464 -10.448 1.00 3.42  ? 1  MET A CE   1 
ATOM 9    H H1   . MET A 1 1  ? -7.809  -11.104 -11.100 1.00 2.48  ? 1  MET A H1   1 
ATOM 10   H H2   . MET A 1 1  ? -6.252  -10.481 -11.379 1.00 2.35  ? 1  MET A H2   1 
ATOM 11   H H3   . MET A 1 1  ? -7.407  -9.549  -10.552 1.00 2.32  ? 1  MET A H3   1 
ATOM 12   H HA   . MET A 1 1  ? -7.411  -11.522 -8.875  1.00 1.62  ? 1  MET A HA   1 
ATOM 13   H HB2  . MET A 1 1  ? -5.292  -12.048 -10.834 1.00 2.11  ? 1  MET A HB2  1 
ATOM 14   H HB3  . MET A 1 1  ? -4.711  -12.107 -9.169  1.00 1.92  ? 1  MET A HB3  1 
ATOM 15   H HG2  . MET A 1 1  ? -5.502  -14.322 -9.826  1.00 2.41  ? 1  MET A HG2  1 
ATOM 16   H HG3  . MET A 1 1  ? -6.587  -13.652 -8.608  1.00 2.19  ? 1  MET A HG3  1 
ATOM 17   H HE1  . MET A 1 1  ? -8.655  -15.546 -9.613  1.00 3.61  ? 1  MET A HE1  1 
ATOM 18   H HE2  . MET A 1 1  ? -7.054  -15.979 -10.210 1.00 3.81  ? 1  MET A HE2  1 
ATOM 19   H HE3  . MET A 1 1  ? -8.414  -15.910 -11.328 1.00 3.83  ? 1  MET A HE3  1 
ATOM 20   N N    . LYS A 1 2  ? -6.606  -9.448  -7.624  1.00 0.77  ? 2  LYS A N    1 
ATOM 21   C CA   . LYS A 1 2  ? -5.997  -8.391  -6.768  1.00 0.62  ? 2  LYS A CA   1 
ATOM 22   C C    . LYS A 1 2  ? -4.842  -8.972  -5.948  1.00 0.51  ? 2  LYS A C    1 
ATOM 23   O O    . LYS A 1 2  ? -3.875  -8.298  -5.656  1.00 0.51  ? 2  LYS A O    1 
ATOM 24   C CB   . LYS A 1 2  ? -7.127  -7.927  -5.848  1.00 0.76  ? 2  LYS A CB   1 
ATOM 25   C CG   . LYS A 1 2  ? -7.426  -9.015  -4.816  1.00 1.24  ? 2  LYS A CG   1 
ATOM 26   C CD   . LYS A 1 2  ? -8.839  -8.822  -4.262  1.00 1.54  ? 2  LYS A CD   1 
ATOM 27   C CE   . LYS A 1 2  ? -8.784  -8.758  -2.734  1.00 1.94  ? 2  LYS A CE   1 
ATOM 28   N NZ   . LYS A 1 2  ? -10.198 -8.921  -2.293  1.00 2.49  ? 2  LYS A NZ   1 
ATOM 29   H H    . LYS A 1 2  ? -7.535  -9.724  -7.477  1.00 0.94  ? 2  LYS A H    1 
ATOM 30   H HA   . LYS A 1 2  ? -5.654  -7.567  -7.373  1.00 0.68  ? 2  LYS A HA   1 
ATOM 31   H HB2  . LYS A 1 2  ? -6.829  -7.021  -5.341  1.00 1.34  ? 2  LYS A HB2  1 
ATOM 32   H HB3  . LYS A 1 2  ? -8.014  -7.737  -6.434  1.00 1.23  ? 2  LYS A HB3  1 
ATOM 33   H HG2  . LYS A 1 2  ? -7.352  -9.986  -5.285  1.00 1.88  ? 2  LYS A HG2  1 
ATOM 34   H HG3  . LYS A 1 2  ? -6.712  -8.951  -4.008  1.00 1.89  ? 2  LYS A HG3  1 
ATOM 35   H HD2  . LYS A 1 2  ? -9.253  -7.901  -4.648  1.00 2.14  ? 2  LYS A HD2  1 
ATOM 36   H HD3  . LYS A 1 2  ? -9.460  -9.651  -4.563  1.00 1.94  ? 2  LYS A HD3  1 
ATOM 37   H HE2  . LYS A 1 2  ? -8.171  -9.560  -2.347  1.00 2.33  ? 2  LYS A HE2  1 
ATOM 38   H HE3  . LYS A 1 2  ? -8.404  -7.802  -2.410  1.00 2.41  ? 2  LYS A HE3  1 
ATOM 39   H HZ1  . LYS A 1 2  ? -10.697 -9.550  -2.952  1.00 2.88  ? 2  LYS A HZ1  1 
ATOM 40   H HZ2  . LYS A 1 2  ? -10.666 -7.991  -2.278  1.00 2.87  ? 2  LYS A HZ2  1 
ATOM 41   H HZ3  . LYS A 1 2  ? -10.218 -9.335  -1.339  1.00 2.86  ? 2  LYS A HZ3  1 
ATOM 42   N N    . ASN A 1 3  ? -4.936  -10.218 -5.575  1.00 0.53  ? 3  ASN A N    1 
ATOM 43   C CA   . ASN A 1 3  ? -3.844  -10.841 -4.774  1.00 0.53  ? 3  ASN A CA   1 
ATOM 44   C C    . ASN A 1 3  ? -2.499  -10.666 -5.484  1.00 0.49  ? 3  ASN A C    1 
ATOM 45   O O    . ASN A 1 3  ? -1.482  -10.436 -4.860  1.00 0.51  ? 3  ASN A O    1 
ATOM 46   C CB   . ASN A 1 3  ? -4.214  -12.322 -4.684  1.00 0.66  ? 3  ASN A CB   1 
ATOM 47   C CG   . ASN A 1 3  ? -5.029  -12.569 -3.413  1.00 1.53  ? 3  ASN A CG   1 
ATOM 48   O OD1  . ASN A 1 3  ? -6.098  -12.016 -3.247  1.00 2.38  ? 3  ASN A OD1  1 
ATOM 49   N ND2  . ASN A 1 3  ? -4.568  -13.383 -2.503  1.00 2.25  ? 3  ASN A ND2  1 
ATOM 50   H H    . ASN A 1 3  ? -5.725  -10.745 -5.820  1.00 0.62  ? 3  ASN A H    1 
ATOM 51   H HA   . ASN A 1 3  ? -3.807  -10.410 -3.785  1.00 0.54  ? 3  ASN A HA   1 
ATOM 52   H HB2  . ASN A 1 3  ? -4.798  -12.600 -5.549  1.00 1.22  ? 3  ASN A HB2  1 
ATOM 53   H HB3  . ASN A 1 3  ? -3.313  -12.917 -4.651  1.00 1.31  ? 3  ASN A HB3  1 
ATOM 54   H HD21 . ASN A 1 3  ? -3.707  -13.830 -2.638  1.00 2.40  ? 3  ASN A HD21 1 
ATOM 55   H HD22 . ASN A 1 3  ? -5.085  -13.548 -1.687  1.00 3.05  ? 3  ASN A HD22 1 
ATOM 56   N N    . GLU A 1 4  ? -2.485  -10.772 -6.785  1.00 0.49  ? 4  GLU A N    1 
ATOM 57   C CA   . GLU A 1 4  ? -1.205  -10.612 -7.533  1.00 0.53  ? 4  GLU A CA   1 
ATOM 58   C C    . GLU A 1 4  ? -0.721  -9.162  -7.447  1.00 0.49  ? 4  GLU A C    1 
ATOM 59   O O    . GLU A 1 4  ? 0.463   -8.894  -7.402  1.00 0.55  ? 4  GLU A O    1 
ATOM 60   C CB   . GLU A 1 4  ? -1.541  -10.980 -8.977  1.00 0.62  ? 4  GLU A CB   1 
ATOM 61   C CG   . GLU A 1 4  ? -0.560  -12.043 -9.476  1.00 1.01  ? 4  GLU A CG   1 
ATOM 62   C CD   . GLU A 1 4  ? -1.138  -12.732 -10.714 1.00 1.12  ? 4  GLU A CD   1 
ATOM 63   O OE1  . GLU A 1 4  ? -2.349  -12.723 -10.861 1.00 1.84  ? 4  GLU A OE1  1 
ATOM 64   O OE2  . GLU A 1 4  ? -0.360  -13.254 -11.494 1.00 1.64  ? 4  GLU A OE2  1 
ATOM 65   H H    . GLU A 1 4  ? -3.316  -10.957 -7.270  1.00 0.52  ? 4  GLU A H    1 
ATOM 66   H HA   . GLU A 1 4  ? -0.455  -11.284 -7.146  1.00 0.56  ? 4  GLU A HA   1 
ATOM 67   H HB2  . GLU A 1 4  ? -2.549  -11.368 -9.024  1.00 0.89  ? 4  GLU A HB2  1 
ATOM 68   H HB3  . GLU A 1 4  ? -1.464  -10.102 -9.601  1.00 0.90  ? 4  GLU A HB3  1 
ATOM 69   H HG2  . GLU A 1 4  ? 0.380   -11.574 -9.729  1.00 1.64  ? 4  GLU A HG2  1 
ATOM 70   H HG3  . GLU A 1 4  ? -0.399  -12.778 -8.700  1.00 1.69  ? 4  GLU A HG3  1 
ATOM 71   N N    . ILE A 1 5  ? -1.628  -8.226  -7.428  1.00 0.43  ? 5  ILE A N    1 
ATOM 72   C CA   . ILE A 1 5  ? -1.223  -6.794  -7.351  1.00 0.45  ? 5  ILE A CA   1 
ATOM 73   C C    . ILE A 1 5  ? -0.683  -6.465  -5.956  1.00 0.37  ? 5  ILE A C    1 
ATOM 74   O O    . ILE A 1 5  ? 0.334   -5.817  -5.812  1.00 0.39  ? 5  ILE A O    1 
ATOM 75   C CB   . ILE A 1 5  ? -2.501  -6.007  -7.627  1.00 0.47  ? 5  ILE A CB   1 
ATOM 76   C CG1  . ILE A 1 5  ? -3.065  -6.417  -8.990  1.00 0.68  ? 5  ILE A CG1  1 
ATOM 77   C CG2  . ILE A 1 5  ? -2.188  -4.510  -7.632  1.00 0.57  ? 5  ILE A CG2  1 
ATOM 78   C CD1  . ILE A 1 5  ? -4.153  -5.429  -9.413  1.00 0.83  ? 5  ILE A CD1  1 
ATOM 79   H H    . ILE A 1 5  ? -2.578  -8.464  -7.470  1.00 0.43  ? 5  ILE A H    1 
ATOM 80   H HA   . ILE A 1 5  ? -0.484  -6.569  -8.104  1.00 0.55  ? 5  ILE A HA   1 
ATOM 81   H HB   . ILE A 1 5  ? -3.229  -6.220  -6.856  1.00 0.39  ? 5  ILE A HB   1 
ATOM 82   H HG12 . ILE A 1 5  ? -2.271  -6.414  -9.722  1.00 1.18  ? 5  ILE A HG12 1 
ATOM 83   H HG13 . ILE A 1 5  ? -3.489  -7.407  -8.921  1.00 1.32  ? 5  ILE A HG13 1 
ATOM 84   H HG21 . ILE A 1 5  ? -1.554  -4.273  -6.789  1.00 1.23  ? 5  ILE A HG21 1 
ATOM 85   H HG22 . ILE A 1 5  ? -3.108  -3.948  -7.559  1.00 1.13  ? 5  ILE A HG22 1 
ATOM 86   H HG23 . ILE A 1 5  ? -1.679  -4.251  -8.548  1.00 1.18  ? 5  ILE A HG23 1 
ATOM 87   H HD11 . ILE A 1 5  ? -4.825  -5.259  -8.585  1.00 1.49  ? 5  ILE A HD11 1 
ATOM 88   H HD12 . ILE A 1 5  ? -4.703  -5.836  -10.247 1.00 1.42  ? 5  ILE A HD12 1 
ATOM 89   H HD13 . ILE A 1 5  ? -3.695  -4.494  -9.703  1.00 1.36  ? 5  ILE A HD13 1 
ATOM 90   N N    . LEU A 1 6  ? -1.354  -6.907  -4.929  1.00 0.32  ? 6  LEU A N    1 
ATOM 91   C CA   . LEU A 1 6  ? -0.873  -6.617  -3.548  1.00 0.30  ? 6  LEU A CA   1 
ATOM 92   C C    . LEU A 1 6  ? 0.423   -7.383  -3.282  1.00 0.33  ? 6  LEU A C    1 
ATOM 93   O O    . LEU A 1 6  ? 1.397   -6.832  -2.808  1.00 0.32  ? 6  LEU A O    1 
ATOM 94   C CB   . LEU A 1 6  ? -1.992  -7.104  -2.626  1.00 0.33  ? 6  LEU A CB   1 
ATOM 95   C CG   . LEU A 1 6  ? -3.331  -6.525  -3.091  1.00 0.34  ? 6  LEU A CG   1 
ATOM 96   C CD1  . LEU A 1 6  ? -4.383  -6.731  -2.000  1.00 0.65  ? 6  LEU A CD1  1 
ATOM 97   C CD2  . LEU A 1 6  ? -3.176  -5.027  -3.370  1.00 0.71  ? 6  LEU A CD2  1 
ATOM 98   H H    . LEU A 1 6  ? -2.171  -7.432  -5.064  1.00 0.34  ? 6  LEU A H    1 
ATOM 99   H HA   . LEU A 1 6  ? -0.720  -5.557  -3.417  1.00 0.34  ? 6  LEU A HA   1 
ATOM 100  H HB2  . LEU A 1 6  ? -2.036  -8.183  -2.653  1.00 0.38  ? 6  LEU A HB2  1 
ATOM 101  H HB3  . LEU A 1 6  ? -1.793  -6.778  -1.616  1.00 0.40  ? 6  LEU A HB3  1 
ATOM 102  H HG   . LEU A 1 6  ? -3.647  -7.031  -3.993  1.00 0.60  ? 6  LEU A HG   1 
ATOM 103  H HD11 . LEU A 1 6  ? -4.030  -7.470  -1.296  1.00 1.26  ? 6  LEU A HD11 1 
ATOM 104  H HD12 . LEU A 1 6  ? -5.304  -7.070  -2.447  1.00 1.40  ? 6  LEU A HD12 1 
ATOM 105  H HD13 . LEU A 1 6  ? -4.554  -5.797  -1.485  1.00 1.16  ? 6  LEU A HD13 1 
ATOM 106  H HD21 . LEU A 1 6  ? -2.350  -4.871  -4.047  1.00 1.35  ? 6  LEU A HD21 1 
ATOM 107  H HD22 . LEU A 1 6  ? -2.985  -4.507  -2.442  1.00 1.31  ? 6  LEU A HD22 1 
ATOM 108  H HD23 . LEU A 1 6  ? -4.084  -4.647  -3.815  1.00 1.30  ? 6  LEU A HD23 1 
ATOM 109  N N    . GLU A 1 7  ? 0.444   -8.649  -3.594  1.00 0.45  ? 7  GLU A N    1 
ATOM 110  C CA   . GLU A 1 7  ? 1.679   -9.450  -3.370  1.00 0.53  ? 7  GLU A CA   1 
ATOM 111  C C    . GLU A 1 7  ? 2.832   -8.854  -4.179  1.00 0.46  ? 7  GLU A C    1 
ATOM 112  O O    . GLU A 1 7  ? 3.965   -8.825  -3.740  1.00 0.45  ? 7  GLU A O    1 
ATOM 113  C CB   . GLU A 1 7  ? 1.334   -10.850 -3.876  1.00 0.71  ? 7  GLU A CB   1 
ATOM 114  C CG   . GLU A 1 7  ? 2.024   -11.896 -2.997  1.00 1.23  ? 7  GLU A CG   1 
ATOM 115  C CD   . GLU A 1 7  ? 1.713   -13.296 -3.530  1.00 1.40  ? 7  GLU A CD   1 
ATOM 116  O OE1  . GLU A 1 7  ? 1.994   -13.542 -4.692  1.00 2.05  ? 7  GLU A OE1  1 
ATOM 117  O OE2  . GLU A 1 7  ? 1.202   -14.099 -2.767  1.00 1.98  ? 7  GLU A OE2  1 
ATOM 118  H H    . GLU A 1 7  ? -0.350  -9.070  -3.983  1.00 0.53  ? 7  GLU A H    1 
ATOM 119  H HA   . GLU A 1 7  ? 1.925   -9.484  -2.322  1.00 0.56  ? 7  GLU A HA   1 
ATOM 120  H HB2  . GLU A 1 7  ? 0.263   -10.992 -3.834  1.00 0.86  ? 7  GLU A HB2  1 
ATOM 121  H HB3  . GLU A 1 7  ? 1.671   -10.959 -4.895  1.00 0.93  ? 7  GLU A HB3  1 
ATOM 122  H HG2  . GLU A 1 7  ? 3.092   -11.731 -3.014  1.00 1.88  ? 7  GLU A HG2  1 
ATOM 123  H HG3  . GLU A 1 7  ? 1.662   -11.810 -1.984  1.00 1.93  ? 7  GLU A HG3  1 
ATOM 124  N N    . PHE A 1 8  ? 2.547   -8.371  -5.356  1.00 0.47  ? 8  PHE A N    1 
ATOM 125  C CA   . PHE A 1 8  ? 3.618   -7.766  -6.198  1.00 0.48  ? 8  PHE A CA   1 
ATOM 126  C C    . PHE A 1 8  ? 4.180   -6.520  -5.507  1.00 0.41  ? 8  PHE A C    1 
ATOM 127  O O    . PHE A 1 8  ? 5.377   -6.341  -5.402  1.00 0.45  ? 8  PHE A O    1 
ATOM 128  C CB   . PHE A 1 8  ? 2.919   -7.399  -7.511  1.00 0.57  ? 8  PHE A CB   1 
ATOM 129  C CG   . PHE A 1 8  ? 3.716   -6.344  -8.244  1.00 0.57  ? 8  PHE A CG   1 
ATOM 130  C CD1  . PHE A 1 8  ? 5.114   -6.410  -8.262  1.00 0.61  ? 8  PHE A CD1  1 
ATOM 131  C CD2  . PHE A 1 8  ? 3.054   -5.299  -8.900  1.00 0.80  ? 8  PHE A CD2  1 
ATOM 132  C CE1  . PHE A 1 8  ? 5.852   -5.431  -8.939  1.00 0.71  ? 8  PHE A CE1  1 
ATOM 133  C CE2  . PHE A 1 8  ? 3.792   -4.320  -9.577  1.00 0.91  ? 8  PHE A CE2  1 
ATOM 134  C CZ   . PHE A 1 8  ? 5.191   -4.387  -9.596  1.00 0.80  ? 8  PHE A CZ   1 
ATOM 135  H H    . PHE A 1 8  ? 1.624   -8.400  -5.687  1.00 0.51  ? 8  PHE A H    1 
ATOM 136  H HA   . PHE A 1 8  ? 4.402   -8.482  -6.384  1.00 0.52  ? 8  PHE A HA   1 
ATOM 137  H HB2  . PHE A 1 8  ? 2.836   -8.279  -8.131  1.00 0.64  ? 8  PHE A HB2  1 
ATOM 138  H HB3  . PHE A 1 8  ? 1.931   -7.017  -7.297  1.00 0.67  ? 8  PHE A HB3  1 
ATOM 139  H HD1  . PHE A 1 8  ? 5.624   -7.216  -7.756  1.00 0.75  ? 8  PHE A HD1  1 
ATOM 140  H HD2  . PHE A 1 8  ? 1.975   -5.247  -8.884  1.00 1.00  ? 8  PHE A HD2  1 
ATOM 141  H HE1  . PHE A 1 8  ? 6.930   -5.483  -8.954  1.00 0.86  ? 8  PHE A HE1  1 
ATOM 142  H HE2  . PHE A 1 8  ? 3.283   -3.514  -10.084 1.00 1.17  ? 8  PHE A HE2  1 
ATOM 143  H HZ   . PHE A 1 8  ? 5.760   -3.631  -10.118 1.00 0.93  ? 8  PHE A HZ   1 
ATOM 144  N N    . LEU A 1 9  ? 3.322   -5.657  -5.033  1.00 0.39  ? 9  LEU A N    1 
ATOM 145  C CA   . LEU A 1 9  ? 3.805   -4.425  -4.347  1.00 0.43  ? 9  LEU A CA   1 
ATOM 146  C C    . LEU A 1 9  ? 4.641   -4.800  -3.121  1.00 0.44  ? 9  LEU A C    1 
ATOM 147  O O    . LEU A 1 9  ? 5.508   -4.060  -2.699  1.00 0.56  ? 9  LEU A O    1 
ATOM 148  C CB   . LEU A 1 9  ? 2.536   -3.683  -3.927  1.00 0.47  ? 9  LEU A CB   1 
ATOM 149  C CG   . LEU A 1 9  ? 2.217   -2.591  -4.950  1.00 0.52  ? 9  LEU A CG   1 
ATOM 150  C CD1  . LEU A 1 9  ? 2.308   -3.169  -6.363  1.00 0.88  ? 9  LEU A CD1  1 
ATOM 151  C CD2  . LEU A 1 9  ? 0.802   -2.064  -4.707  1.00 1.12  ? 9  LEU A CD2  1 
ATOM 152  H H    . LEU A 1 9  ? 2.361   -5.821  -5.126  1.00 0.43  ? 9  LEU A H    1 
ATOM 153  H HA   . LEU A 1 9  ? 4.381   -3.816  -5.026  1.00 0.51  ? 9  LEU A HA   1 
ATOM 154  H HB2  . LEU A 1 9  ? 1.712   -4.380  -3.875  1.00 0.49  ? 9  LEU A HB2  1 
ATOM 155  H HB3  . LEU A 1 9  ? 2.687   -3.232  -2.957  1.00 0.56  ? 9  LEU A HB3  1 
ATOM 156  H HG   . LEU A 1 9  ? 2.928   -1.782  -4.845  1.00 0.98  ? 9  LEU A HG   1 
ATOM 157  H HD11 . LEU A 1 9  ? 3.258   -2.899  -6.802  1.00 1.49  ? 9  LEU A HD11 1 
ATOM 158  H HD12 . LEU A 1 9  ? 1.506   -2.771  -6.967  1.00 1.48  ? 9  LEU A HD12 1 
ATOM 159  H HD13 . LEU A 1 9  ? 2.225   -4.245  -6.317  1.00 1.41  ? 9  LEU A HD13 1 
ATOM 160  H HD21 . LEU A 1 9  ? 0.088   -2.710  -5.195  1.00 1.78  ? 9  LEU A HD21 1 
ATOM 161  H HD22 . LEU A 1 9  ? 0.716   -1.064  -5.107  1.00 1.68  ? 9  LEU A HD22 1 
ATOM 162  H HD23 . LEU A 1 9  ? 0.602   -2.043  -3.645  1.00 1.51  ? 9  LEU A HD23 1 
ATOM 163  N N    . ASN A 1 10 ? 4.389   -5.945  -2.547  1.00 0.41  ? 10 ASN A N    1 
ATOM 164  C CA   . ASN A 1 10 ? 5.172   -6.366  -1.350  1.00 0.50  ? 10 ASN A CA   1 
ATOM 165  C C    . ASN A 1 10 ? 6.647   -6.546  -1.722  1.00 0.54  ? 10 ASN A C    1 
ATOM 166  O O    . ASN A 1 10 ? 7.524   -5.963  -1.117  1.00 0.66  ? 10 ASN A O    1 
ATOM 167  C CB   . ASN A 1 10 ? 4.560   -7.701  -0.925  1.00 0.55  ? 10 ASN A CB   1 
ATOM 168  C CG   . ASN A 1 10 ? 4.670   -7.854  0.593   1.00 0.89  ? 10 ASN A CG   1 
ATOM 169  O OD1  . ASN A 1 10 ? 5.544   -7.278  1.211   1.00 1.70  ? 10 ASN A OD1  1 
ATOM 170  N ND2  . ASN A 1 10 ? 3.814   -8.609  1.224   1.00 1.42  ? 10 ASN A ND2  1 
ATOM 171  H H    . ASN A 1 10 ? 3.686   -6.528  -2.903  1.00 0.39  ? 10 ASN A H    1 
ATOM 172  H HA   . ASN A 1 10 ? 5.068   -5.643  -0.557  1.00 0.58  ? 10 ASN A HA   1 
ATOM 173  H HB2  . ASN A 1 10 ? 3.519   -7.728  -1.217  1.00 0.83  ? 10 ASN A HB2  1 
ATOM 174  H HB3  . ASN A 1 10 ? 5.089   -8.510  -1.405  1.00 0.85  ? 10 ASN A HB3  1 
ATOM 175  H HD21 . ASN A 1 10 ? 3.108   -9.073  0.727   1.00 1.95  ? 10 ASN A HD21 1 
ATOM 176  H HD22 . ASN A 1 10 ? 3.876   -8.713  2.196   1.00 1.76  ? 10 ASN A HD22 1 
ATOM 177  N N    . ARG A 1 11 ? 6.925   -7.346  -2.716  1.00 0.58  ? 11 ARG A N    1 
ATOM 178  C CA   . ARG A 1 11 ? 8.343   -7.559  -3.126  1.00 0.70  ? 11 ARG A CA   1 
ATOM 179  C C    . ARG A 1 11 ? 8.981   -6.224  -3.520  1.00 0.75  ? 11 ARG A C    1 
ATOM 180  O O    . ARG A 1 11 ? 10.104  -5.932  -3.160  1.00 0.96  ? 11 ARG A O    1 
ATOM 181  C CB   . ARG A 1 11 ? 8.269   -8.495  -4.333  1.00 0.77  ? 11 ARG A CB   1 
ATOM 182  C CG   . ARG A 1 11 ? 8.770   -9.884  -3.932  1.00 1.42  ? 11 ARG A CG   1 
ATOM 183  C CD   . ARG A 1 11 ? 10.246  -9.802  -3.537  1.00 1.47  ? 11 ARG A CD   1 
ATOM 184  N NE   . ARG A 1 11 ? 10.967  -10.575 -4.586  1.00 2.22  ? 11 ARG A NE   1 
ATOM 185  C CZ   . ARG A 1 11 ? 11.045  -11.876 -4.499  1.00 2.75  ? 11 ARG A CZ   1 
ATOM 186  N NH1  . ARG A 1 11 ? 12.033  -12.428 -3.849  1.00 3.12  ? 11 ARG A NH1  1 
ATOM 187  N NH2  . ARG A 1 11 ? 10.135  -12.622 -5.062  1.00 3.41  ? 11 ARG A NH2  1 
ATOM 188  H H    . ARG A 1 11 ? 6.203   -7.804  -3.193  1.00 0.63  ? 11 ARG A H    1 
ATOM 189  H HA   . ARG A 1 11 ? 8.900   -8.024  -2.330  1.00 0.85  ? 11 ARG A HA   1 
ATOM 190  H HB2  . ARG A 1 11 ? 7.246   -8.565  -4.673  1.00 1.07  ? 11 ARG A HB2  1 
ATOM 191  H HB3  . ARG A 1 11 ? 8.889   -8.108  -5.128  1.00 1.01  ? 11 ARG A HB3  1 
ATOM 192  H HG2  . ARG A 1 11 ? 8.192   -10.247 -3.093  1.00 2.02  ? 11 ARG A HG2  1 
ATOM 193  H HG3  . ARG A 1 11 ? 8.660   -10.562 -4.766  1.00 2.16  ? 11 ARG A HG3  1 
ATOM 194  H HD2  . ARG A 1 11 ? 10.576  -8.771  -3.533  1.00 1.71  ? 11 ARG A HD2  1 
ATOM 195  H HD3  . ARG A 1 11 ? 10.404  -10.253 -2.571  1.00 1.76  ? 11 ARG A HD3  1 
ATOM 196  H HE   . ARG A 1 11 ? 11.384  -10.110 -5.340  1.00 2.72  ? 11 ARG A HE   1 
ATOM 197  H HH11 . ARG A 1 11 ? 12.730  -11.856 -3.418  1.00 3.06  ? 11 ARG A HH11 1 
ATOM 198  H HH12 . ARG A 1 11 ? 12.092  -13.425 -3.783  1.00 3.76  ? 11 ARG A HH12 1 
ATOM 199  H HH21 . ARG A 1 11 ? 9.378   -12.199 -5.560  1.00 3.51  ? 11 ARG A HH21 1 
ATOM 200  H HH22 . ARG A 1 11 ? 10.195  -13.619 -4.995  1.00 4.05  ? 11 ARG A HH22 1 
ATOM 201  N N    . HIS A 1 12 ? 8.272   -5.411  -4.255  1.00 0.82  ? 12 HIS A N    1 
ATOM 202  C CA   . HIS A 1 12 ? 8.837   -4.096  -4.670  1.00 0.98  ? 12 HIS A CA   1 
ATOM 203  C C    . HIS A 1 12 ? 8.140   -2.964  -3.910  1.00 0.96  ? 12 HIS A C    1 
ATOM 204  O O    . HIS A 1 12 ? 7.677   -3.143  -2.801  1.00 1.84  ? 12 HIS A O    1 
ATOM 205  C CB   . HIS A 1 12 ? 8.545   -3.995  -6.168  1.00 1.41  ? 12 HIS A CB   1 
ATOM 206  C CG   . HIS A 1 12 ? 9.829   -3.754  -6.914  1.00 1.74  ? 12 HIS A CG   1 
ATOM 207  N ND1  . HIS A 1 12 ? 10.697  -2.728  -6.579  1.00 2.50  ? 12 HIS A ND1  1 
ATOM 208  C CD2  . HIS A 1 12 ? 10.405  -4.398  -7.981  1.00 2.12  ? 12 HIS A CD2  1 
ATOM 209  C CE1  . HIS A 1 12 ? 11.738  -2.783  -7.429  1.00 2.79  ? 12 HIS A CE1  1 
ATOM 210  N NE2  . HIS A 1 12 ? 11.610  -3.783  -8.305  1.00 2.58  ? 12 HIS A NE2  1 
ATOM 211  H H    . HIS A 1 12 ? 7.368   -5.665  -4.533  1.00 0.94  ? 12 HIS A H    1 
ATOM 212  H HA   . HIS A 1 12 ? 9.900   -4.069  -4.498  1.00 1.21  ? 12 HIS A HA   1 
ATOM 213  H HB2  . HIS A 1 12 ? 8.098   -4.917  -6.510  1.00 1.57  ? 12 HIS A HB2  1 
ATOM 214  H HB3  . HIS A 1 12 ? 7.865   -3.177  -6.349  1.00 1.74  ? 12 HIS A HB3  1 
ATOM 215  H HD1  . HIS A 1 12 ? 10.576  -2.079  -5.854  1.00 3.05  ? 12 HIS A HD1  1 
ATOM 216  H HD2  . HIS A 1 12 ? 9.985   -5.252  -8.492  1.00 2.54  ? 12 HIS A HD2  1 
ATOM 217  H HE1  . HIS A 1 12 ? 12.576  -2.102  -7.407  1.00 3.46  ? 12 HIS A HE1  1 
ATOM 218  N N    . ASN A 1 13 ? 8.062   -1.800  -4.496  1.00 1.02  ? 13 ASN A N    1 
ATOM 219  C CA   . ASN A 1 13 ? 7.394   -0.659  -3.805  1.00 1.22  ? 13 ASN A CA   1 
ATOM 220  C C    . ASN A 1 13 ? 7.628   0.641   -4.579  1.00 1.31  ? 13 ASN A C    1 
ATOM 221  O O    . ASN A 1 13 ? 8.721   1.172   -4.605  1.00 1.95  ? 13 ASN A O    1 
ATOM 222  C CB   . ASN A 1 13 ? 8.054   -0.587  -2.426  1.00 1.81  ? 13 ASN A CB   1 
ATOM 223  C CG   . ASN A 1 13 ? 6.998   -0.812  -1.342  1.00 2.41  ? 13 ASN A CG   1 
ATOM 224  O OD1  . ASN A 1 13 ? 5.881   -0.349  -1.462  1.00 3.02  ? 13 ASN A OD1  1 
ATOM 225  N ND2  . ASN A 1 13 ? 7.306   -1.509  -0.283  1.00 2.93  ? 13 ASN A ND2  1 
ATOM 226  H H    . ASN A 1 13 ? 8.442   -1.678  -5.391  1.00 1.65  ? 13 ASN A H    1 
ATOM 227  H HA   . ASN A 1 13 ? 6.339   -0.850  -3.698  1.00 1.39  ? 13 ASN A HA   1 
ATOM 228  H HB2  . ASN A 1 13 ? 8.816   -1.349  -2.352  1.00 2.06  ? 13 ASN A HB2  1 
ATOM 229  H HB3  . ASN A 1 13 ? 8.503   0.386   -2.293  1.00 2.33  ? 13 ASN A HB3  1 
ATOM 230  H HD21 . ASN A 1 13 ? 8.206   -1.882  -0.186  1.00 3.01  ? 13 ASN A HD21 1 
ATOM 231  H HD22 . ASN A 1 13 ? 6.636   -1.658  0.416   1.00 3.57  ? 13 ASN A HD22 1 
ATOM 232  N N    . GLY A 1 14 ? 6.609   1.159   -5.210  1.00 1.00  ? 14 GLY A N    1 
ATOM 233  C CA   . GLY A 1 14 ? 6.774   2.425   -5.978  1.00 1.43  ? 14 GLY A CA   1 
ATOM 234  C C    . GLY A 1 14 ? 6.696   2.132   -7.478  1.00 1.06  ? 14 GLY A C    1 
ATOM 235  O O    . GLY A 1 14 ? 7.650   1.686   -8.083  1.00 1.28  ? 14 GLY A O    1 
ATOM 236  H H    . GLY A 1 14 ? 5.735   0.717   -5.175  1.00 0.86  ? 14 GLY A H    1 
ATOM 237  H HA2  . GLY A 1 14 ? 5.989   3.117   -5.704  1.00 1.86  ? 14 GLY A HA2  1 
ATOM 238  H HA3  . GLY A 1 14 ? 7.734   2.862   -5.750  1.00 1.82  ? 14 GLY A HA3  1 
ATOM 239  N N    . GLY A 1 15 ? 5.567   2.382   -8.084  1.00 0.64  ? 15 GLY A N    1 
ATOM 240  C CA   . GLY A 1 15 ? 5.430   2.121   -9.545  1.00 0.44  ? 15 GLY A CA   1 
ATOM 241  C C    . GLY A 1 15 ? 4.110   2.709   -10.048 1.00 0.39  ? 15 GLY A C    1 
ATOM 242  O O    . GLY A 1 15 ? 3.080   2.574   -9.417  1.00 0.44  ? 15 GLY A O    1 
ATOM 243  H H    . GLY A 1 15 ? 4.809   2.743   -7.578  1.00 0.68  ? 15 GLY A H    1 
ATOM 244  H HA2  . GLY A 1 15 ? 6.255   2.580   -10.070 1.00 0.53  ? 15 GLY A HA2  1 
ATOM 245  H HA3  . GLY A 1 15 ? 5.436   1.056   -9.722  1.00 0.58  ? 15 GLY A HA3  1 
ATOM 246  N N    . LYS A 1 16 ? 4.131   3.357   -11.180 1.00 0.40  ? 16 LYS A N    1 
ATOM 247  C CA   . LYS A 1 16 ? 2.872   3.948   -11.720 1.00 0.41  ? 16 LYS A CA   1 
ATOM 248  C C    . LYS A 1 16 ? 1.818   2.855   -11.895 1.00 0.37  ? 16 LYS A C    1 
ATOM 249  O O    . LYS A 1 16 ? 2.113   1.680   -11.810 1.00 0.44  ? 16 LYS A O    1 
ATOM 250  C CB   . LYS A 1 16 ? 3.263   4.541   -13.073 1.00 0.51  ? 16 LYS A CB   1 
ATOM 251  C CG   . LYS A 1 16 ? 4.080   5.816   -12.855 1.00 1.13  ? 16 LYS A CG   1 
ATOM 252  C CD   . LYS A 1 16 ? 4.093   6.638   -14.144 1.00 1.65  ? 16 LYS A CD   1 
ATOM 253  C CE   . LYS A 1 16 ? 5.291   6.228   -15.002 1.00 2.25  ? 16 LYS A CE   1 
ATOM 254  N NZ   . LYS A 1 16 ? 4.741   6.063   -16.376 1.00 3.03  ? 16 LYS A NZ   1 
ATOM 255  H H    . LYS A 1 16 ? 4.970   3.453   -11.676 1.00 0.46  ? 16 LYS A H    1 
ATOM 256  H HA   . LYS A 1 16 ? 2.509   4.725   -11.066 1.00 0.44  ? 16 LYS A HA   1 
ATOM 257  H HB2  . LYS A 1 16 ? 3.855   3.822   -13.622 1.00 1.16  ? 16 LYS A HB2  1 
ATOM 258  H HB3  . LYS A 1 16 ? 2.372   4.778   -13.634 1.00 1.10  ? 16 LYS A HB3  1 
ATOM 259  H HG2  . LYS A 1 16 ? 3.636   6.396   -12.060 1.00 1.83  ? 16 LYS A HG2  1 
ATOM 260  H HG3  . LYS A 1 16 ? 5.093   5.554   -12.589 1.00 1.73  ? 16 LYS A HG3  1 
ATOM 261  H HD2  . LYS A 1 16 ? 3.179   6.460   -14.691 1.00 1.98  ? 16 LYS A HD2  1 
ATOM 262  H HD3  . LYS A 1 16 ? 4.168   7.687   -13.901 1.00 2.21  ? 16 LYS A HD3  1 
ATOM 263  H HE2  . LYS A 1 16 ? 6.046   7.002   -14.986 1.00 2.54  ? 16 LYS A HE2  1 
ATOM 264  H HE3  . LYS A 1 16 ? 5.702   5.293   -14.653 1.00 2.61  ? 16 LYS A HE3  1 
ATOM 265  H HZ1  . LYS A 1 16 ? 4.345   6.966   -16.702 1.00 3.40  ? 16 LYS A HZ1  1 
ATOM 266  H HZ2  . LYS A 1 16 ? 3.994   5.339   -16.365 1.00 3.33  ? 16 LYS A HZ2  1 
ATOM 267  H HZ3  . LYS A 1 16 ? 5.501   5.767   -17.021 1.00 3.49  ? 16 LYS A HZ3  1 
ATOM 268  N N    . THR A 1 17 ? 0.591   3.224   -12.142 1.00 0.37  ? 17 THR A N    1 
ATOM 269  C CA   . THR A 1 17 ? -0.465  2.192   -12.323 1.00 0.38  ? 17 THR A CA   1 
ATOM 270  C C    . THR A 1 17 ? -0.149  1.354   -13.569 1.00 0.34  ? 17 THR A C    1 
ATOM 271  O O    . THR A 1 17 ? 0.036   0.156   -13.489 1.00 0.31  ? 17 THR A O    1 
ATOM 272  C CB   . THR A 1 17 ? -1.776  2.992   -12.464 1.00 0.49  ? 17 THR A CB   1 
ATOM 273  O OG1  . THR A 1 17 ? -2.611  2.712   -11.350 1.00 1.23  ? 17 THR A OG1  1 
ATOM 274  C CG2  . THR A 1 17 ? -2.517  2.623   -13.754 1.00 0.79  ? 17 THR A CG2  1 
ATOM 275  H H    . THR A 1 17 ? 0.366   4.176   -12.215 1.00 0.45  ? 17 THR A H    1 
ATOM 276  H HA   . THR A 1 17 ? -0.516  1.558   -11.452 1.00 0.42  ? 17 THR A HA   1 
ATOM 277  H HB   . THR A 1 17 ? -1.548  4.047   -12.477 1.00 1.08  ? 17 THR A HB   1 
ATOM 278  H HG1  . THR A 1 17 ? -3.509  2.960   -11.583 1.00 1.75  ? 17 THR A HG1  1 
ATOM 279  H HG21 . THR A 1 17 ? -2.067  3.143   -14.585 1.00 1.52  ? 17 THR A HG21 1 
ATOM 280  H HG22 . THR A 1 17 ? -3.554  2.910   -13.668 1.00 1.34  ? 17 THR A HG22 1 
ATOM 281  H HG23 . THR A 1 17 ? -2.449  1.558   -13.915 1.00 1.39  ? 17 THR A HG23 1 
ATOM 282  N N    . ALA A 1 18 ? -0.079  1.973   -14.717 1.00 0.41  ? 18 ALA A N    1 
ATOM 283  C CA   . ALA A 1 18 ? 0.235   1.199   -15.951 1.00 0.45  ? 18 ALA A CA   1 
ATOM 284  C C    . ALA A 1 18 ? 1.581   0.513   -15.790 1.00 0.38  ? 18 ALA A C    1 
ATOM 285  O O    . ALA A 1 18 ? 1.884   -0.463  -16.447 1.00 0.38  ? 18 ALA A O    1 
ATOM 286  C CB   . ALA A 1 18 ? 0.270   2.226   -17.083 1.00 0.58  ? 18 ALA A CB   1 
ATOM 287  H H    . ALA A 1 18 ? -0.223  2.941   -14.766 1.00 0.48  ? 18 ALA A H    1 
ATOM 288  H HA   . ALA A 1 18 ? -0.526  0.468   -16.127 1.00 0.47  ? 18 ALA A HA   1 
ATOM 289  H HB1  . ALA A 1 18 ? 1.001   2.987   -16.855 1.00 1.27  ? 18 ALA A HB1  1 
ATOM 290  H HB2  . ALA A 1 18 ? -0.704  2.681   -17.186 1.00 1.03  ? 18 ALA A HB2  1 
ATOM 291  H HB3  . ALA A 1 18 ? 0.538   1.735   -18.006 1.00 1.19  ? 18 ALA A HB3  1 
ATOM 292  N N    . GLU A 1 19 ? 2.375   1.002   -14.892 1.00 0.38  ? 19 GLU A N    1 
ATOM 293  C CA   . GLU A 1 19 ? 3.695   0.370   -14.643 1.00 0.37  ? 19 GLU A CA   1 
ATOM 294  C C    . GLU A 1 19 ? 3.470   -0.843  -13.755 1.00 0.30  ? 19 GLU A C    1 
ATOM 295  O O    . GLU A 1 19 ? 4.048   -1.894  -13.949 1.00 0.31  ? 19 GLU A O    1 
ATOM 296  C CB   . GLU A 1 19 ? 4.532   1.431   -13.928 1.00 0.44  ? 19 GLU A CB   1 
ATOM 297  C CG   . GLU A 1 19 ? 5.139   2.385   -14.958 1.00 0.97  ? 19 GLU A CG   1 
ATOM 298  C CD   . GLU A 1 19 ? 6.355   1.724   -15.611 1.00 1.13  ? 19 GLU A CD   1 
ATOM 299  O OE1  . GLU A 1 19 ? 6.853   0.760   -15.052 1.00 1.68  ? 19 GLU A OE1  1 
ATOM 300  O OE2  . GLU A 1 19 ? 6.768   2.192   -16.659 1.00 1.56  ? 19 GLU A OE2  1 
ATOM 301  H H    . GLU A 1 19 ? 2.085   1.769   -14.363 1.00 0.42  ? 19 GLU A H    1 
ATOM 302  H HA   . GLU A 1 19 ? 4.158   0.078   -15.571 1.00 0.41  ? 19 GLU A HA   1 
ATOM 303  H HB2  . GLU A 1 19 ? 3.903   1.987   -13.248 1.00 0.86  ? 19 GLU A HB2  1 
ATOM 304  H HB3  . GLU A 1 19 ? 5.325   0.951   -13.374 1.00 0.78  ? 19 GLU A HB3  1 
ATOM 305  H HG2  . GLU A 1 19 ? 4.402   2.612   -15.716 1.00 1.44  ? 19 GLU A HG2  1 
ATOM 306  H HG3  . GLU A 1 19 ? 5.447   3.296   -14.469 1.00 1.43  ? 19 GLU A HG3  1 
ATOM 307  N N    . ILE A 1 20 ? 2.594   -0.709  -12.801 1.00 0.28  ? 20 ILE A N    1 
ATOM 308  C CA   . ILE A 1 20 ? 2.283   -1.858  -11.921 1.00 0.26  ? 20 ILE A CA   1 
ATOM 309  C C    . ILE A 1 20 ? 1.660   -2.954  -12.784 1.00 0.24  ? 20 ILE A C    1 
ATOM 310  O O    . ILE A 1 20 ? 1.925   -4.128  -12.613 1.00 0.24  ? 20 ILE A O    1 
ATOM 311  C CB   . ILE A 1 20 ? 1.275   -1.314  -10.907 1.00 0.30  ? 20 ILE A CB   1 
ATOM 312  C CG1  . ILE A 1 20 ? 1.982   -0.341  -9.960  1.00 0.34  ? 20 ILE A CG1  1 
ATOM 313  C CG2  . ILE A 1 20 ? 0.682   -2.467  -10.097 1.00 0.36  ? 20 ILE A CG2  1 
ATOM 314  C CD1  . ILE A 1 20 ? 0.973   0.676   -9.425  1.00 0.51  ? 20 ILE A CD1  1 
ATOM 315  H H    . ILE A 1 20 ? 2.119   0.140   -12.685 1.00 0.31  ? 20 ILE A H    1 
ATOM 316  H HA   . ILE A 1 20 ? 3.170   -2.214  -11.422 1.00 0.29  ? 20 ILE A HA   1 
ATOM 317  H HB   . ILE A 1 20 ? 0.483   -0.796  -11.432 1.00 0.33  ? 20 ILE A HB   1 
ATOM 318  H HG12 . ILE A 1 20 ? 2.411   -0.891  -9.134  1.00 0.50  ? 20 ILE A HG12 1 
ATOM 319  H HG13 . ILE A 1 20 ? 2.766   0.178   -10.492 1.00 0.54  ? 20 ILE A HG13 1 
ATOM 320  H HG21 . ILE A 1 20 ? 0.470   -2.128  -9.094  1.00 1.07  ? 20 ILE A HG21 1 
ATOM 321  H HG22 . ILE A 1 20 ? 1.390   -3.282  -10.061 1.00 1.09  ? 20 ILE A HG22 1 
ATOM 322  H HG23 . ILE A 1 20 ? -0.232  -2.803  -10.565 1.00 1.10  ? 20 ILE A HG23 1 
ATOM 323  H HD11 . ILE A 1 20 ? 1.330   1.081   -8.490  1.00 1.10  ? 20 ILE A HD11 1 
ATOM 324  H HD12 . ILE A 1 20 ? 0.022   0.190   -9.267  1.00 1.12  ? 20 ILE A HD12 1 
ATOM 325  H HD13 . ILE A 1 20 ? 0.854   1.475   -10.141 1.00 1.22  ? 20 ILE A HD13 1 
ATOM 326  N N    . ALA A 1 21 ? 0.848   -2.566  -13.734 1.00 0.27  ? 21 ALA A N    1 
ATOM 327  C CA   . ALA A 1 21 ? 0.225   -3.569  -14.636 1.00 0.30  ? 21 ALA A CA   1 
ATOM 328  C C    . ALA A 1 21 ? 1.316   -4.307  -15.409 1.00 0.30  ? 21 ALA A C    1 
ATOM 329  O O    . ALA A 1 21 ? 1.276   -5.510  -15.561 1.00 0.35  ? 21 ALA A O    1 
ATOM 330  C CB   . ALA A 1 21 ? -0.655  -2.762  -15.589 1.00 0.39  ? 21 ALA A CB   1 
ATOM 331  H H    . ALA A 1 21 ? 0.667   -1.608  -13.868 1.00 0.29  ? 21 ALA A H    1 
ATOM 332  H HA   . ALA A 1 21 ? -0.379  -4.263  -14.073 1.00 0.31  ? 21 ALA A HA   1 
ATOM 333  H HB1  . ALA A 1 21 ? -1.403  -2.227  -15.023 1.00 1.11  ? 21 ALA A HB1  1 
ATOM 334  H HB2  . ALA A 1 21 ? -1.139  -3.432  -16.284 1.00 0.98  ? 21 ALA A HB2  1 
ATOM 335  H HB3  . ALA A 1 21 ? -0.044  -2.058  -16.134 1.00 1.14  ? 21 ALA A HB3  1 
ATOM 336  N N    . GLU A 1 22 ? 2.296   -3.593  -15.899 1.00 0.32  ? 22 GLU A N    1 
ATOM 337  C CA   . GLU A 1 22 ? 3.390   -4.261  -16.659 1.00 0.38  ? 22 GLU A CA   1 
ATOM 338  C C    . GLU A 1 22 ? 4.067   -5.308  -15.775 1.00 0.34  ? 22 GLU A C    1 
ATOM 339  O O    . GLU A 1 22 ? 4.456   -6.364  -16.233 1.00 0.43  ? 22 GLU A O    1 
ATOM 340  C CB   . GLU A 1 22 ? 4.369   -3.141  -17.016 1.00 0.47  ? 22 GLU A CB   1 
ATOM 341  C CG   . GLU A 1 22 ? 4.661   -3.177  -18.517 1.00 1.10  ? 22 GLU A CG   1 
ATOM 342  C CD   . GLU A 1 22 ? 6.003   -2.495  -18.793 1.00 1.46  ? 22 GLU A CD   1 
ATOM 343  O OE1  . GLU A 1 22 ? 6.230   -1.432  -18.239 1.00 1.73  ? 22 GLU A OE1  1 
ATOM 344  O OE2  . GLU A 1 22 ? 6.781   -3.048  -19.552 1.00 2.22  ? 22 GLU A OE2  1 
ATOM 345  H H    . GLU A 1 22 ? 2.314   -2.619  -15.764 1.00 0.34  ? 22 GLU A H    1 
ATOM 346  H HA   . GLU A 1 22 ? 3.003   -4.716  -17.556 1.00 0.42  ? 22 GLU A HA   1 
ATOM 347  H HB2  . GLU A 1 22 ? 3.934   -2.187  -16.755 1.00 0.68  ? 22 GLU A HB2  1 
ATOM 348  H HB3  . GLU A 1 22 ? 5.289   -3.280  -16.469 1.00 0.66  ? 22 GLU A HB3  1 
ATOM 349  H HG2  . GLU A 1 22 ? 4.703   -4.204  -18.851 1.00 1.65  ? 22 GLU A HG2  1 
ATOM 350  H HG3  . GLU A 1 22 ? 3.879   -2.656  -19.048 1.00 1.46  ? 22 GLU A HG3  1 
ATOM 351  N N    . ALA A 1 23 ? 4.204   -5.026  -14.509 1.00 0.31  ? 23 ALA A N    1 
ATOM 352  C CA   . ALA A 1 23 ? 4.846   -6.007  -13.593 1.00 0.38  ? 23 ALA A CA   1 
ATOM 353  C C    . ALA A 1 23 ? 4.016   -7.291  -13.543 1.00 0.34  ? 23 ALA A C    1 
ATOM 354  O O    . ALA A 1 23 ? 4.544   -8.385  -13.570 1.00 0.42  ? 23 ALA A O    1 
ATOM 355  C CB   . ALA A 1 23 ? 4.863   -5.324  -12.226 1.00 0.42  ? 23 ALA A CB   1 
ATOM 356  H H    . ALA A 1 23 ? 3.877   -4.169  -14.160 1.00 0.32  ? 23 ALA A H    1 
ATOM 357  H HA   . ALA A 1 23 ? 5.854   -6.220  -13.913 1.00 0.47  ? 23 ALA A HA   1 
ATOM 358  H HB1  . ALA A 1 23 ? 4.205   -4.468  -12.243 1.00 1.16  ? 23 ALA A HB1  1 
ATOM 359  H HB2  . ALA A 1 23 ? 5.868   -5.001  -11.997 1.00 1.11  ? 23 ALA A HB2  1 
ATOM 360  H HB3  . ALA A 1 23 ? 4.528   -6.020  -11.471 1.00 1.03  ? 23 ALA A HB3  1 
ATOM 361  N N    . LEU A 1 24 ? 2.719   -7.166  -13.473 1.00 0.26  ? 24 LEU A N    1 
ATOM 362  C CA   . LEU A 1 24 ? 1.856   -8.381  -13.424 1.00 0.32  ? 24 LEU A CA   1 
ATOM 363  C C    . LEU A 1 24 ? 1.433   -8.784  -14.839 1.00 0.32  ? 24 LEU A C    1 
ATOM 364  O O    . LEU A 1 24 ? 0.987   -9.890  -15.074 1.00 0.39  ? 24 LEU A O    1 
ATOM 365  C CB   . LEU A 1 24 ? 0.641   -7.970  -12.593 1.00 0.38  ? 24 LEU A CB   1 
ATOM 366  C CG   . LEU A 1 24 ? 1.104   -7.199  -11.356 1.00 0.40  ? 24 LEU A CG   1 
ATOM 367  C CD1  . LEU A 1 24 ? -0.114  -6.698  -10.580 1.00 0.60  ? 24 LEU A CD1  1 
ATOM 368  C CD2  . LEU A 1 24 ? 1.932   -8.125  -10.462 1.00 0.61  ? 24 LEU A CD2  1 
ATOM 369  H H    . LEU A 1 24 ? 2.308   -6.272  -13.453 1.00 0.22  ? 24 LEU A H    1 
ATOM 370  H HA   . LEU A 1 24 ? 2.376   -9.193  -12.940 1.00 0.40  ? 24 LEU A HA   1 
ATOM 371  H HB2  . LEU A 1 24 ? -0.005  -7.341  -13.189 1.00 0.38  ? 24 LEU A HB2  1 
ATOM 372  H HB3  . LEU A 1 24 ? 0.101   -8.852  -12.283 1.00 0.49  ? 24 LEU A HB3  1 
ATOM 373  H HG   . LEU A 1 24 ? 1.706   -6.356  -11.663 1.00 0.32  ? 24 LEU A HG   1 
ATOM 374  H HD11 . LEU A 1 24 ? -0.939  -6.550  -11.262 1.00 1.16  ? 24 LEU A HD11 1 
ATOM 375  H HD12 . LEU A 1 24 ? 0.126   -5.763  -10.097 1.00 1.15  ? 24 LEU A HD12 1 
ATOM 376  H HD13 . LEU A 1 24 ? -0.390  -7.429  -9.834  1.00 1.31  ? 24 LEU A HD13 1 
ATOM 377  H HD21 . LEU A 1 24 ? 2.179   -9.024  -11.006 1.00 1.25  ? 24 LEU A HD21 1 
ATOM 378  H HD22 . LEU A 1 24 ? 1.360   -8.381  -9.582  1.00 1.13  ? 24 LEU A HD22 1 
ATOM 379  H HD23 . LEU A 1 24 ? 2.840   -7.621  -10.166 1.00 1.23  ? 24 LEU A HD23 1 
ATOM 380  N N    . ALA A 1 25 ? 1.565   -7.893  -15.784 1.00 0.30  ? 25 ALA A N    1 
ATOM 381  C CA   . ALA A 1 25 ? 1.168   -8.220  -17.183 1.00 0.39  ? 25 ALA A CA   1 
ATOM 382  C C    . ALA A 1 25 ? -0.273  -8.727  -17.216 1.00 0.49  ? 25 ALA A C    1 
ATOM 383  O O    . ALA A 1 25 ? -0.684  -9.406  -18.136 1.00 0.63  ? 25 ALA A O    1 
ATOM 384  C CB   . ALA A 1 25 ? 2.137   -9.316  -17.629 1.00 0.52  ? 25 ALA A CB   1 
ATOM 385  H H    . ALA A 1 25 ? 1.925   -7.006  -15.573 1.00 0.26  ? 25 ALA A H    1 
ATOM 386  H HA   . ALA A 1 25 ? 1.273   -7.352  -17.816 1.00 0.37  ? 25 ALA A HA   1 
ATOM 387  H HB1  . ALA A 1 25 ? 2.258   -9.275  -18.701 1.00 1.14  ? 25 ALA A HB1  1 
ATOM 388  H HB2  . ALA A 1 25 ? 1.742   -10.281 -17.348 1.00 0.97  ? 25 ALA A HB2  1 
ATOM 389  H HB3  . ALA A 1 25 ? 3.094   -9.166  -17.152 1.00 1.23  ? 25 ALA A HB3  1 
ATOM 390  N N    . VAL A 1 26 ? -1.047  -8.394  -16.223 1.00 0.48  ? 26 VAL A N    1 
ATOM 391  C CA   . VAL A 1 26 ? -2.466  -8.846  -16.201 1.00 0.64  ? 26 VAL A CA   1 
ATOM 392  C C    . VAL A 1 26 ? -3.329  -7.853  -16.983 1.00 0.57  ? 26 VAL A C    1 
ATOM 393  O O    . VAL A 1 26 ? -2.941  -7.378  -18.031 1.00 1.03  ? 26 VAL A O    1 
ATOM 394  C CB   . VAL A 1 26 ? -2.859  -8.855  -14.724 1.00 0.73  ? 26 VAL A CB   1 
ATOM 395  C CG1  . VAL A 1 26 ? -1.961  -9.830  -13.960 1.00 1.33  ? 26 VAL A CG1  1 
ATOM 396  C CG2  . VAL A 1 26 ? -2.695  -7.447  -14.143 1.00 0.86  ? 26 VAL A CG2  1 
ATOM 397  H H    . VAL A 1 26 ? -0.699  -7.837  -15.495 1.00 0.43  ? 26 VAL A H    1 
ATOM 398  H HA   . VAL A 1 26 ? -2.556  -9.837  -16.617 1.00 0.82  ? 26 VAL A HA   1 
ATOM 399  H HB   . VAL A 1 26 ? -3.888  -9.167  -14.629 1.00 1.26  ? 26 VAL A HB   1 
ATOM 400  H HG11 . VAL A 1 26 ? -0.933  -9.672  -14.249 1.00 1.78  ? 26 VAL A HG11 1 
ATOM 401  H HG12 . VAL A 1 26 ? -2.250  -10.844 -14.195 1.00 1.81  ? 26 VAL A HG12 1 
ATOM 402  H HG13 . VAL A 1 26 ? -2.067  -9.662  -12.899 1.00 1.90  ? 26 VAL A HG13 1 
ATOM 403  H HG21 . VAL A 1 26 ? -2.088  -7.495  -13.250 1.00 1.35  ? 26 VAL A HG21 1 
ATOM 404  H HG22 . VAL A 1 26 ? -3.666  -7.046  -13.896 1.00 1.45  ? 26 VAL A HG22 1 
ATOM 405  H HG23 . VAL A 1 26 ? -2.217  -6.810  -14.872 1.00 1.40  ? 26 VAL A HG23 1 
ATOM 406  N N    . THR A 1 27 ? -4.484  -7.522  -16.480 1.00 0.70  ? 27 THR A N    1 
ATOM 407  C CA   . THR A 1 27 ? -5.346  -6.549  -17.198 1.00 0.67  ? 27 THR A CA   1 
ATOM 408  C C    . THR A 1 27 ? -5.075  -5.144  -16.663 1.00 0.57  ? 27 THR A C    1 
ATOM 409  O O    . THR A 1 27 ? -5.815  -4.633  -15.849 1.00 0.52  ? 27 THR A O    1 
ATOM 410  C CB   . THR A 1 27 ? -6.780  -6.975  -16.888 1.00 0.72  ? 27 THR A CB   1 
ATOM 411  O OG1  . THR A 1 27 ? -6.819  -7.618  -15.622 1.00 0.85  ? 27 THR A OG1  1 
ATOM 412  C CG2  . THR A 1 27 ? -7.275  -7.936  -17.969 1.00 1.03  ? 27 THR A CG2  1 
ATOM 413  H H    . THR A 1 27 ? -4.781  -7.903  -15.628 1.00 1.15  ? 27 THR A H    1 
ATOM 414  H HA   . THR A 1 27 ? -5.166  -6.593  -18.260 1.00 0.75  ? 27 THR A HA   1 
ATOM 415  H HB   . THR A 1 27 ? -7.416  -6.103  -16.869 1.00 0.65  ? 27 THR A HB   1 
ATOM 416  H HG1  . THR A 1 27 ? -7.486  -8.308  -15.660 1.00 1.12  ? 27 THR A HG1  1 
ATOM 417  H HG21 . THR A 1 27 ? -8.354  -7.977  -17.949 1.00 1.56  ? 27 THR A HG21 1 
ATOM 418  H HG22 . THR A 1 27 ? -6.874  -8.922  -17.785 1.00 1.52  ? 27 THR A HG22 1 
ATOM 419  H HG23 . THR A 1 27 ? -6.946  -7.590  -18.937 1.00 1.45  ? 27 THR A HG23 1 
ATOM 420  N N    . ASP A 1 28 ? -4.008  -4.531  -17.109 1.00 0.59  ? 28 ASP A N    1 
ATOM 421  C CA   . ASP A 1 28 ? -3.658  -3.156  -16.630 1.00 0.59  ? 28 ASP A CA   1 
ATOM 422  C C    . ASP A 1 28 ? -4.922  -2.350  -16.322 1.00 0.49  ? 28 ASP A C    1 
ATOM 423  O O    . ASP A 1 28 ? -5.022  -1.703  -15.299 1.00 0.46  ? 28 ASP A O    1 
ATOM 424  C CB   . ASP A 1 28 ? -2.886  -2.518  -17.785 1.00 0.68  ? 28 ASP A CB   1 
ATOM 425  C CG   . ASP A 1 28 ? -3.732  -2.575  -19.058 1.00 1.38  ? 28 ASP A CG   1 
ATOM 426  O OD1  . ASP A 1 28 ? -3.640  -3.567  -19.764 1.00 2.02  ? 28 ASP A OD1  1 
ATOM 427  O OD2  . ASP A 1 28 ? -4.457  -1.626  -19.307 1.00 2.18  ? 28 ASP A OD2  1 
ATOM 428  H H    . ASP A 1 28 ? -3.425  -4.985  -17.755 1.00 0.65  ? 28 ASP A H    1 
ATOM 429  H HA   . ASP A 1 28 ? -3.029  -3.213  -15.756 1.00 0.67  ? 28 ASP A HA   1 
ATOM 430  H HB2  . ASP A 1 28 ? -2.664  -1.488  -17.544 1.00 1.17  ? 28 ASP A HB2  1 
ATOM 431  H HB3  . ASP A 1 28 ? -1.964  -3.057  -17.944 1.00 1.12  ? 28 ASP A HB3  1 
ATOM 432  N N    . TYR A 1 29 ? -5.896  -2.395  -17.190 1.00 0.48  ? 29 TYR A N    1 
ATOM 433  C CA   . TYR A 1 29 ? -7.154  -1.640  -16.929 1.00 0.44  ? 29 TYR A CA   1 
ATOM 434  C C    . TYR A 1 29 ? -7.796  -2.151  -15.637 1.00 0.40  ? 29 TYR A C    1 
ATOM 435  O O    . TYR A 1 29 ? -8.193  -1.382  -14.783 1.00 0.40  ? 29 TYR A O    1 
ATOM 436  C CB   . TYR A 1 29 ? -8.052  -1.932  -18.132 1.00 0.50  ? 29 TYR A CB   1 
ATOM 437  C CG   . TYR A 1 29 ? -8.808  -0.682  -18.512 1.00 0.80  ? 29 TYR A CG   1 
ATOM 438  C CD1  . TYR A 1 29 ? -10.017 -0.374  -17.876 1.00 1.46  ? 29 TYR A CD1  1 
ATOM 439  C CD2  . TYR A 1 29 ? -8.300  0.170   -19.500 1.00 1.08  ? 29 TYR A CD2  1 
ATOM 440  C CE1  . TYR A 1 29 ? -10.719 0.784   -18.230 1.00 2.06  ? 29 TYR A CE1  1 
ATOM 441  C CE2  . TYR A 1 29 ? -9.002  1.329   -19.853 1.00 1.59  ? 29 TYR A CE2  1 
ATOM 442  C CZ   . TYR A 1 29 ? -10.211 1.636   -19.217 1.00 2.02  ? 29 TYR A CZ   1 
ATOM 443  O OH   . TYR A 1 29 ? -10.903 2.778   -19.565 1.00 2.66  ? 29 TYR A OH   1 
ATOM 444  H H    . TYR A 1 29 ? -5.803  -2.931  -18.006 1.00 0.54  ? 29 TYR A H    1 
ATOM 445  H HA   . TYR A 1 29 ? -6.954  -0.582  -16.860 1.00 0.46  ? 29 TYR A HA   1 
ATOM 446  H HB2  . TYR A 1 29 ? -7.443  -2.253  -18.964 1.00 0.84  ? 29 TYR A HB2  1 
ATOM 447  H HB3  . TYR A 1 29 ? -8.753  -2.712  -17.876 1.00 0.74  ? 29 TYR A HB3  1 
ATOM 448  H HD1  . TYR A 1 29 ? -10.408 -1.032  -17.114 1.00 1.68  ? 29 TYR A HD1  1 
ATOM 449  H HD2  . TYR A 1 29 ? -7.368  -0.067  -19.991 1.00 1.29  ? 29 TYR A HD2  1 
ATOM 450  H HE1  . TYR A 1 29 ? -11.652 1.022   -17.738 1.00 2.66  ? 29 TYR A HE1  1 
ATOM 451  H HE2  . TYR A 1 29 ? -8.611  1.986   -20.615 1.00 1.88  ? 29 TYR A HE2  1 
ATOM 452  H HH   . TYR A 1 29 ? -10.619 3.487   -18.983 1.00 2.93  ? 29 TYR A HH   1 
ATOM 453  N N    . GLN A 1 30 ? -7.890  -3.444  -15.483 1.00 0.42  ? 30 GLN A N    1 
ATOM 454  C CA   . GLN A 1 30 ? -8.494  -4.003  -14.242 1.00 0.43  ? 30 GLN A CA   1 
ATOM 455  C C    . GLN A 1 30 ? -7.518  -3.850  -13.082 1.00 0.37  ? 30 GLN A C    1 
ATOM 456  O O    . GLN A 1 30 ? -7.901  -3.651  -11.945 1.00 0.39  ? 30 GLN A O    1 
ATOM 457  C CB   . GLN A 1 30 ? -8.749  -5.480  -14.546 1.00 0.54  ? 30 GLN A CB   1 
ATOM 458  C CG   . GLN A 1 30 ? -10.001 -5.614  -15.415 1.00 1.15  ? 30 GLN A CG   1 
ATOM 459  C CD   . GLN A 1 30 ? -10.706 -6.934  -15.095 1.00 1.49  ? 30 GLN A CD   1 
ATOM 460  O OE1  . GLN A 1 30 ? -10.193 -7.746  -14.352 1.00 2.09  ? 30 GLN A OE1  1 
ATOM 461  N NE2  . GLN A 1 30 ? -11.871 -7.183  -15.630 1.00 1.95  ? 30 GLN A NE2  1 
ATOM 462  H H    . GLN A 1 30 ? -7.556  -4.046  -16.180 1.00 0.46  ? 30 GLN A H    1 
ATOM 463  H HA   . GLN A 1 30 ? -9.410  -3.507  -14.020 1.00 0.45  ? 30 GLN A HA   1 
ATOM 464  H HB2  . GLN A 1 30 ? -7.900  -5.891  -15.072 1.00 0.96  ? 30 GLN A HB2  1 
ATOM 465  H HB3  . GLN A 1 30 ? -8.897  -6.018  -13.622 1.00 0.79  ? 30 GLN A HB3  1 
ATOM 466  H HG2  . GLN A 1 30 ? -10.670 -4.789  -15.212 1.00 1.59  ? 30 GLN A HG2  1 
ATOM 467  H HG3  . GLN A 1 30 ? -9.720  -5.602  -16.457 1.00 1.61  ? 30 GLN A HG3  1 
ATOM 468  H HE21 . GLN A 1 30 ? -12.286 -6.529  -16.229 1.00 2.35  ? 30 GLN A HE21 1 
ATOM 469  H HE22 . GLN A 1 30 ? -12.330 -8.026  -15.431 1.00 2.28  ? 30 GLN A HE22 1 
ATOM 470  N N    . ALA A 1 31 ? -6.260  -3.928  -13.374 1.00 0.35  ? 31 ALA A N    1 
ATOM 471  C CA   . ALA A 1 31 ? -5.230  -3.772  -12.306 1.00 0.32  ? 31 ALA A CA   1 
ATOM 472  C C    . ALA A 1 31 ? -5.379  -2.395  -11.658 1.00 0.29  ? 31 ALA A C    1 
ATOM 473  O O    . ALA A 1 31 ? -5.488  -2.268  -10.456 1.00 0.29  ? 31 ALA A O    1 
ATOM 474  C CB   . ALA A 1 31 ? -3.884  -3.893  -13.024 1.00 0.34  ? 31 ALA A CB   1 
ATOM 475  H H    . ALA A 1 31 ? -5.995  -4.076  -14.301 1.00 0.39  ? 31 ALA A H    1 
ATOM 476  H HA   . ALA A 1 31 ? -5.331  -4.553  -11.567 1.00 0.34  ? 31 ALA A HA   1 
ATOM 477  H HB1  . ALA A 1 31 ? -3.391  -2.932  -13.029 1.00 0.97  ? 31 ALA A HB1  1 
ATOM 478  H HB2  . ALA A 1 31 ? -4.044  -4.220  -14.040 1.00 1.15  ? 31 ALA A HB2  1 
ATOM 479  H HB3  . ALA A 1 31 ? -3.262  -4.612  -12.509 1.00 1.05  ? 31 ALA A HB3  1 
ATOM 480  N N    . ARG A 1 32 ? -5.396  -1.360  -12.452 1.00 0.31  ? 32 ARG A N    1 
ATOM 481  C CA   . ARG A 1 32 ? -5.554  0.010   -11.889 1.00 0.34  ? 32 ARG A CA   1 
ATOM 482  C C    . ARG A 1 32 ? -6.871  0.109   -11.110 1.00 0.31  ? 32 ARG A C    1 
ATOM 483  O O    . ARG A 1 32 ? -6.916  0.601   -9.998  1.00 0.34  ? 32 ARG A O    1 
ATOM 484  C CB   . ARG A 1 32 ? -5.580  0.935   -13.107 1.00 0.41  ? 32 ARG A CB   1 
ATOM 485  C CG   . ARG A 1 32 ? -5.889  2.365   -12.659 1.00 0.59  ? 32 ARG A CG   1 
ATOM 486  C CD   . ARG A 1 32 ? -7.398  2.607   -12.724 1.00 1.00  ? 32 ARG A CD   1 
ATOM 487  N NE   . ARG A 1 32 ? -7.553  4.086   -12.653 1.00 1.42  ? 32 ARG A NE   1 
ATOM 488  C CZ   . ARG A 1 32 ? -8.194  4.722   -13.596 1.00 1.72  ? 32 ARG A CZ   1 
ATOM 489  N NH1  . ARG A 1 32 ? -7.794  4.629   -14.834 1.00 2.23  ? 32 ARG A NH1  1 
ATOM 490  N NH2  . ARG A 1 32 ? -9.236  5.450   -13.299 1.00 2.24  ? 32 ARG A NH2  1 
ATOM 491  H H    . ARG A 1 32 ? -5.315  -1.484  -13.420 1.00 0.33  ? 32 ARG A H    1 
ATOM 492  H HA   . ARG A 1 32 ? -4.718  0.258   -11.254 1.00 0.37  ? 32 ARG A HA   1 
ATOM 493  H HB2  . ARG A 1 32 ? -4.615  0.911   -13.596 1.00 0.51  ? 32 ARG A HB2  1 
ATOM 494  H HB3  . ARG A 1 32 ? -6.341  0.603   -13.798 1.00 0.43  ? 32 ARG A HB3  1 
ATOM 495  H HG2  . ARG A 1 32 ? -5.544  2.507   -11.645 1.00 1.21  ? 32 ARG A HG2  1 
ATOM 496  H HG3  . ARG A 1 32 ? -5.387  3.063   -13.312 1.00 1.39  ? 32 ARG A HG3  1 
ATOM 497  H HD2  . ARG A 1 32 ? -7.799  2.227   -13.655 1.00 1.51  ? 32 ARG A HD2  1 
ATOM 498  H HD3  . ARG A 1 32 ? -7.891  2.143   -11.883 1.00 1.49  ? 32 ARG A HD3  1 
ATOM 499  H HE   . ARG A 1 32 ? -7.173  4.583   -11.900 1.00 1.97  ? 32 ARG A HE   1 
ATOM 500  H HH11 . ARG A 1 32 ? -6.995  4.072   -15.062 1.00 2.41  ? 32 ARG A HH11 1 
ATOM 501  H HH12 . ARG A 1 32 ? -8.285  5.116   -15.557 1.00 2.76  ? 32 ARG A HH12 1 
ATOM 502  H HH21 . ARG A 1 32 ? -9.543  5.521   -12.351 1.00 2.43  ? 32 ARG A HH21 1 
ATOM 503  H HH22 . ARG A 1 32 ? -9.727  5.937   -14.022 1.00 2.76  ? 32 ARG A HH22 1 
ATOM 504  N N    . TYR A 1 33 ? -7.946  -0.355  -11.692 1.00 0.33  ? 33 TYR A N    1 
ATOM 505  C CA   . TYR A 1 33 ? -9.265  -0.287  -10.997 1.00 0.34  ? 33 TYR A CA   1 
ATOM 506  C C    . TYR A 1 33 ? -9.201  -1.009  -9.656  1.00 0.28  ? 33 TYR A C    1 
ATOM 507  O O    . TYR A 1 33 ? -9.974  -0.747  -8.755  1.00 0.26  ? 33 TYR A O    1 
ATOM 508  C CB   . TYR A 1 33 ? -10.248 -0.981  -11.941 1.00 0.42  ? 33 TYR A CB   1 
ATOM 509  C CG   . TYR A 1 33 ? -11.662 -0.643  -11.532 1.00 0.60  ? 33 TYR A CG   1 
ATOM 510  C CD1  . TYR A 1 33 ? -12.220 0.587   -11.898 1.00 0.83  ? 33 TYR A CD1  1 
ATOM 511  C CD2  . TYR A 1 33 ? -12.413 -1.560  -10.788 1.00 0.87  ? 33 TYR A CD2  1 
ATOM 512  C CE1  . TYR A 1 33 ? -13.532 0.900   -11.520 1.00 1.08  ? 33 TYR A CE1  1 
ATOM 513  C CE2  . TYR A 1 33 ? -13.724 -1.247  -10.410 1.00 1.10  ? 33 TYR A CE2  1 
ATOM 514  C CZ   . TYR A 1 33 ? -14.284 -0.017  -10.776 1.00 1.13  ? 33 TYR A CZ   1 
ATOM 515  O OH   . TYR A 1 33 ? -15.576 0.292   -10.403 1.00 1.41  ? 33 TYR A OH   1 
ATOM 516  H H    . TYR A 1 33 ? -7.886  -0.744  -12.591 1.00 0.37  ? 33 TYR A H    1 
ATOM 517  H HA   . TYR A 1 33 ? -9.550  0.731   -10.851 1.00 0.39  ? 33 TYR A HA   1 
ATOM 518  H HB2  . TYR A 1 33 ? -10.074 -0.644  -12.952 1.00 0.50  ? 33 TYR A HB2  1 
ATOM 519  H HB3  . TYR A 1 33 ? -10.105 -2.050  -11.887 1.00 0.46  ? 33 TYR A HB3  1 
ATOM 520  H HD1  . TYR A 1 33 ? -11.641 1.295   -12.472 1.00 0.98  ? 33 TYR A HD1  1 
ATOM 521  H HD2  . TYR A 1 33 ? -11.982 -2.509  -10.506 1.00 1.04  ? 33 TYR A HD2  1 
ATOM 522  H HE1  . TYR A 1 33 ? -13.964 1.849   -11.802 1.00 1.34  ? 33 TYR A HE1  1 
ATOM 523  H HE2  . TYR A 1 33 ? -14.304 -1.956  -9.836  1.00 1.36  ? 33 TYR A HE2  1 
ATOM 524  H HH   . TYR A 1 33 ? -15.847 -0.335  -9.727  1.00 1.73  ? 33 TYR A HH   1 
ATOM 525  N N    . TYR A 1 34 ? -8.280  -1.908  -9.519  1.00 0.28  ? 34 TYR A N    1 
ATOM 526  C CA   . TYR A 1 34 ? -8.149  -2.651  -8.234  1.00 0.26  ? 34 TYR A CA   1 
ATOM 527  C C    . TYR A 1 34 ? -7.478  -1.756  -7.191  1.00 0.22  ? 34 TYR A C    1 
ATOM 528  O O    . TYR A 1 34 ? -7.996  -1.550  -6.111  1.00 0.24  ? 34 TYR A O    1 
ATOM 529  C CB   . TYR A 1 34 ? -7.274  -3.865  -8.554  1.00 0.30  ? 34 TYR A CB   1 
ATOM 530  C CG   . TYR A 1 34 ? -8.154  -5.036  -8.919  1.00 0.37  ? 34 TYR A CG   1 
ATOM 531  C CD1  . TYR A 1 34 ? -9.201  -4.865  -9.832  1.00 0.82  ? 34 TYR A CD1  1 
ATOM 532  C CD2  . TYR A 1 34 ? -7.922  -6.291  -8.346  1.00 0.94  ? 34 TYR A CD2  1 
ATOM 533  C CE1  . TYR A 1 34 ? -10.018 -5.951  -10.171 1.00 0.86  ? 34 TYR A CE1  1 
ATOM 534  C CE2  . TYR A 1 34 ? -8.739  -7.377  -8.685  1.00 1.04  ? 34 TYR A CE2  1 
ATOM 535  C CZ   . TYR A 1 34 ? -9.786  -7.207  -9.598  1.00 0.65  ? 34 TYR A CZ   1 
ATOM 536  O OH   . TYR A 1 34 ? -10.590 -8.277  -9.932  1.00 0.80  ? 34 TYR A OH   1 
ATOM 537  H H    . TYR A 1 34 ? -7.672  -2.085  -10.261 1.00 0.33  ? 34 TYR A H    1 
ATOM 538  H HA   . TYR A 1 34 ? -9.117  -2.975  -7.885  1.00 0.29  ? 34 TYR A HA   1 
ATOM 539  H HB2  . TYR A 1 34 ? -6.624  -3.631  -9.382  1.00 0.34  ? 34 TYR A HB2  1 
ATOM 540  H HB3  . TYR A 1 34 ? -6.680  -4.119  -7.689  1.00 0.33  ? 34 TYR A HB3  1 
ATOM 541  H HD1  . TYR A 1 34 ? -9.380  -3.896  -10.274 1.00 1.36  ? 34 TYR A HD1  1 
ATOM 542  H HD2  . TYR A 1 34 ? -7.114  -6.422  -7.642  1.00 1.46  ? 34 TYR A HD2  1 
ATOM 543  H HE1  . TYR A 1 34 ? -10.826 -5.819  -10.876 1.00 1.37  ? 34 TYR A HE1  1 
ATOM 544  H HE2  . TYR A 1 34 ? -8.559  -8.346  -8.242  1.00 1.60  ? 34 TYR A HE2  1 
ATOM 545  H HH   . TYR A 1 34 ? -10.747 -8.246  -10.880 1.00 1.20  ? 34 TYR A HH   1 
ATOM 546  N N    . LEU A 1 35 ? -6.335  -1.212  -7.508  1.00 0.23  ? 35 LEU A N    1 
ATOM 547  C CA   . LEU A 1 35 ? -5.644  -0.319  -6.536  1.00 0.26  ? 35 LEU A CA   1 
ATOM 548  C C    . LEU A 1 35 ? -6.642  0.694   -5.973  1.00 0.26  ? 35 LEU A C    1 
ATOM 549  O O    . LEU A 1 35 ? -6.641  0.994   -4.795  1.00 0.30  ? 35 LEU A O    1 
ATOM 550  C CB   . LEU A 1 35 ? -4.559  0.390   -7.347  1.00 0.32  ? 35 LEU A CB   1 
ATOM 551  C CG   . LEU A 1 35 ? -3.584  -0.641  -7.916  1.00 0.35  ? 35 LEU A CG   1 
ATOM 552  C CD1  . LEU A 1 35 ? -3.019  -0.135  -9.245  1.00 0.60  ? 35 LEU A CD1  1 
ATOM 553  C CD2  . LEU A 1 35 ? -2.437  -0.856  -6.925  1.00 0.61  ? 35 LEU A CD2  1 
ATOM 554  H H    . LEU A 1 35 ? -5.936  -1.384  -8.387  1.00 0.25  ? 35 LEU A H    1 
ATOM 555  H HA   . LEU A 1 35 ? -5.197  -0.896  -5.742  1.00 0.28  ? 35 LEU A HA   1 
ATOM 556  H HB2  . LEU A 1 35 ? -5.018  0.938   -8.158  1.00 0.37  ? 35 LEU A HB2  1 
ATOM 557  H HB3  . LEU A 1 35 ? -4.022  1.076   -6.708  1.00 0.40  ? 35 LEU A HB3  1 
ATOM 558  H HG   . LEU A 1 35 ? -4.102  -1.576  -8.077  1.00 0.58  ? 35 LEU A HG   1 
ATOM 559  H HD11 . LEU A 1 35 ? -1.945  -0.245  -9.246  1.00 1.29  ? 35 LEU A HD11 1 
ATOM 560  H HD12 . LEU A 1 35 ? -3.274  0.908   -9.369  1.00 1.12  ? 35 LEU A HD12 1 
ATOM 561  H HD13 . LEU A 1 35 ? -3.441  -0.707  -10.057 1.00 1.28  ? 35 LEU A HD13 1 
ATOM 562  H HD21 . LEU A 1 35 ? -2.726  -0.484  -5.953  1.00 1.18  ? 35 LEU A HD21 1 
ATOM 563  H HD22 . LEU A 1 35 ? -1.561  -0.325  -7.268  1.00 1.26  ? 35 LEU A HD22 1 
ATOM 564  H HD23 . LEU A 1 35 ? -2.214  -1.911  -6.855  1.00 1.22  ? 35 LEU A HD23 1 
ATOM 565  N N    . LEU A 1 36 ? -7.496  1.222   -6.809  1.00 0.26  ? 36 LEU A N    1 
ATOM 566  C CA   . LEU A 1 36 ? -8.499  2.214   -6.324  1.00 0.30  ? 36 LEU A CA   1 
ATOM 567  C C    . LEU A 1 36 ? -9.444  1.556   -5.317  1.00 0.31  ? 36 LEU A C    1 
ATOM 568  O O    . LEU A 1 36 ? -9.570  1.993   -4.190  1.00 0.38  ? 36 LEU A O    1 
ATOM 569  C CB   . LEU A 1 36 ? -9.269  2.643   -7.573  1.00 0.34  ? 36 LEU A CB   1 
ATOM 570  C CG   . LEU A 1 36 ? -8.327  3.380   -8.524  1.00 0.39  ? 36 LEU A CG   1 
ATOM 571  C CD1  . LEU A 1 36 ? -8.948  3.428   -9.921  1.00 0.47  ? 36 LEU A CD1  1 
ATOM 572  C CD2  . LEU A 1 36 ? -8.106  4.805   -8.015  1.00 0.47  ? 36 LEU A CD2  1 
ATOM 573  H H    . LEU A 1 36 ? -7.479  0.963   -7.756  1.00 0.28  ? 36 LEU A H    1 
ATOM 574  H HA   . LEU A 1 36 ? -8.007  3.066   -5.883  1.00 0.33  ? 36 LEU A HA   1 
ATOM 575  H HB2  . LEU A 1 36 ? -9.669  1.769   -8.066  1.00 0.34  ? 36 LEU A HB2  1 
ATOM 576  H HB3  . LEU A 1 36 ? -10.077 3.299   -7.290  1.00 0.38  ? 36 LEU A HB3  1 
ATOM 577  H HG   . LEU A 1 36 ? -7.382  2.859   -8.569  1.00 0.44  ? 36 LEU A HG   1 
ATOM 578  H HD11 . LEU A 1 36 ? -8.945  2.437   -10.351 1.00 1.10  ? 36 LEU A HD11 1 
ATOM 579  H HD12 . LEU A 1 36 ? -8.373  4.094   -10.548 1.00 1.09  ? 36 LEU A HD12 1 
ATOM 580  H HD13 . LEU A 1 36 ? -9.964  3.787   -9.851  1.00 1.14  ? 36 LEU A HD13 1 
ATOM 581  H HD21 . LEU A 1 36 ? -7.858  5.450   -8.846  1.00 1.13  ? 36 LEU A HD21 1 
ATOM 582  H HD22 . LEU A 1 36 ? -7.296  4.811   -7.302  1.00 1.18  ? 36 LEU A HD22 1 
ATOM 583  H HD23 . LEU A 1 36 ? -9.007  5.162   -7.540  1.00 1.09  ? 36 LEU A HD23 1 
ATOM 584  N N    . LEU A 1 37 ? -10.113 0.509   -5.716  1.00 0.32  ? 37 LEU A N    1 
ATOM 585  C CA   . LEU A 1 37 ? -11.053 -0.176  -4.784  1.00 0.37  ? 37 LEU A CA   1 
ATOM 586  C C    . LEU A 1 37 ? -10.332 -0.548  -3.485  1.00 0.36  ? 37 LEU A C    1 
ATOM 587  O O    . LEU A 1 37 ? -10.827 -0.315  -2.400  1.00 0.43  ? 37 LEU A O    1 
ATOM 588  C CB   . LEU A 1 37 ? -11.501 -1.434  -5.528  1.00 0.45  ? 37 LEU A CB   1 
ATOM 589  C CG   . LEU A 1 37 ? -12.650 -1.083  -6.478  1.00 0.58  ? 37 LEU A CG   1 
ATOM 590  C CD1  . LEU A 1 37 ? -12.326 -1.589  -7.885  1.00 0.65  ? 37 LEU A CD1  1 
ATOM 591  C CD2  . LEU A 1 37 ? -13.940 -1.744  -5.984  1.00 1.00  ? 37 LEU A CD2  1 
ATOM 592  H H    . LEU A 1 37 ? -9.997  0.174   -6.631  1.00 0.34  ? 37 LEU A H    1 
ATOM 593  H HA   . LEU A 1 37 ? -11.903 0.453   -4.575  1.00 0.42  ? 37 LEU A HA   1 
ATOM 594  H HB2  . LEU A 1 37 ? -10.672 -1.832  -6.094  1.00 0.41  ? 37 LEU A HB2  1 
ATOM 595  H HB3  . LEU A 1 37 ? -11.838 -2.173  -4.817  1.00 0.56  ? 37 LEU A HB3  1 
ATOM 596  H HG   . LEU A 1 37 ? -12.780 -0.010  -6.502  1.00 0.90  ? 37 LEU A HG   1 
ATOM 597  H HD11 . LEU A 1 37 ? -13.190 -2.093  -8.293  1.00 1.29  ? 37 LEU A HD11 1 
ATOM 598  H HD12 . LEU A 1 37 ? -11.496 -2.277  -7.839  1.00 1.30  ? 37 LEU A HD12 1 
ATOM 599  H HD13 . LEU A 1 37 ? -12.066 -0.752  -8.517  1.00 1.17  ? 37 LEU A HD13 1 
ATOM 600  H HD21 . LEU A 1 37 ? -14.741 -1.527  -6.675  1.00 1.67  ? 37 LEU A HD21 1 
ATOM 601  H HD22 . LEU A 1 37 ? -14.191 -1.358  -5.008  1.00 1.36  ? 37 LEU A HD22 1 
ATOM 602  H HD23 . LEU A 1 37 ? -13.797 -2.812  -5.923  1.00 1.46  ? 37 LEU A HD23 1 
ATOM 603  N N    . LEU A 1 38 ? -9.164  -1.122  -3.587  1.00 0.34  ? 38 LEU A N    1 
ATOM 604  C CA   . LEU A 1 38 ? -8.414  -1.506  -2.357  1.00 0.39  ? 38 LEU A CA   1 
ATOM 605  C C    . LEU A 1 38 ? -8.033  -0.255  -1.561  1.00 0.35  ? 38 LEU A C    1 
ATOM 606  O O    . LEU A 1 38 ? -8.125  -0.227  -0.350  1.00 0.39  ? 38 LEU A O    1 
ATOM 607  C CB   . LEU A 1 38 ? -7.162  -2.220  -2.865  1.00 0.45  ? 38 LEU A CB   1 
ATOM 608  C CG   . LEU A 1 38 ? -7.568  -3.339  -3.826  1.00 0.48  ? 38 LEU A CG   1 
ATOM 609  C CD1  . LEU A 1 38 ? -6.584  -3.390  -4.996  1.00 0.61  ? 38 LEU A CD1  1 
ATOM 610  C CD2  . LEU A 1 38 ? -7.548  -4.678  -3.084  1.00 0.83  ? 38 LEU A CD2  1 
ATOM 611  H H    . LEU A 1 38 ? -8.780  -1.300  -4.471  1.00 0.36  ? 38 LEU A H    1 
ATOM 612  H HA   . LEU A 1 38 ? -9.001  -2.176  -1.750  1.00 0.45  ? 38 LEU A HA   1 
ATOM 613  H HB2  . LEU A 1 38 ? -6.528  -1.513  -3.380  1.00 0.46  ? 38 LEU A HB2  1 
ATOM 614  H HB3  . LEU A 1 38 ? -6.625  -2.644  -2.028  1.00 0.57  ? 38 LEU A HB3  1 
ATOM 615  H HG   . LEU A 1 38 ? -8.563  -3.148  -4.200  1.00 0.70  ? 38 LEU A HG   1 
ATOM 616  H HD11 . LEU A 1 38 ? -7.108  -3.682  -5.893  1.00 1.23  ? 38 LEU A HD11 1 
ATOM 617  H HD12 . LEU A 1 38 ? -5.807  -4.108  -4.781  1.00 1.21  ? 38 LEU A HD12 1 
ATOM 618  H HD13 . LEU A 1 38 ? -6.143  -2.415  -5.138  1.00 1.28  ? 38 LEU A HD13 1 
ATOM 619  H HD21 . LEU A 1 38 ? -7.857  -5.465  -3.755  1.00 1.38  ? 38 LEU A HD21 1 
ATOM 620  H HD22 . LEU A 1 38 ? -8.226  -4.634  -2.244  1.00 1.31  ? 38 LEU A HD22 1 
ATOM 621  H HD23 . LEU A 1 38 ? -6.548  -4.878  -2.729  1.00 1.41  ? 38 LEU A HD23 1 
ATOM 622  N N    . GLU A 1 39 ? -7.609  0.781   -2.233  1.00 0.36  ? 39 GLU A N    1 
ATOM 623  C CA   . GLU A 1 39 ? -7.228  2.029   -1.512  1.00 0.41  ? 39 GLU A CA   1 
ATOM 624  C C    . GLU A 1 39 ? -8.390  2.507   -0.640  1.00 0.40  ? 39 GLU A C    1 
ATOM 625  O O    . GLU A 1 39 ? -8.196  3.095   0.404   1.00 0.46  ? 39 GLU A O    1 
ATOM 626  C CB   . GLU A 1 39 ? -6.929  3.047   -2.614  1.00 0.50  ? 39 GLU A CB   1 
ATOM 627  C CG   . GLU A 1 39 ? -6.579  4.396   -1.982  1.00 0.83  ? 39 GLU A CG   1 
ATOM 628  C CD   . GLU A 1 39 ? -7.297  5.515   -2.737  1.00 1.09  ? 39 GLU A CD   1 
ATOM 629  O OE1  . GLU A 1 39 ? -7.914  5.221   -3.749  1.00 1.61  ? 39 GLU A OE1  1 
ATOM 630  O OE2  . GLU A 1 39 ? -7.221  6.647   -2.290  1.00 1.81  ? 39 GLU A OE2  1 
ATOM 631  H H    . GLU A 1 39 ? -7.545  0.739   -3.209  1.00 0.38  ? 39 GLU A H    1 
ATOM 632  H HA   . GLU A 1 39 ? -6.347  1.864   -0.912  1.00 0.46  ? 39 GLU A HA   1 
ATOM 633  H HB2  . GLU A 1 39 ? -6.095  2.699   -3.208  1.00 0.80  ? 39 GLU A HB2  1 
ATOM 634  H HB3  . GLU A 1 39 ? -7.798  3.161   -3.245  1.00 0.80  ? 39 GLU A HB3  1 
ATOM 635  H HG2  . GLU A 1 39 ? -6.891  4.399   -0.948  1.00 1.39  ? 39 GLU A HG2  1 
ATOM 636  H HG3  . GLU A 1 39 ? -5.513  4.554   -2.037  1.00 1.32  ? 39 GLU A HG3  1 
ATOM 637  N N    . LYS A 1 40 ? -9.600  2.255   -1.062  1.00 0.40  ? 40 LYS A N    1 
ATOM 638  C CA   . LYS A 1 40 ? -10.775 2.693   -0.256  1.00 0.46  ? 40 LYS A CA   1 
ATOM 639  C C    . LYS A 1 40 ? -10.819 1.926   1.068   1.00 0.46  ? 40 LYS A C    1 
ATOM 640  O O    . LYS A 1 40 ? -11.286 2.427   2.072   1.00 0.55  ? 40 LYS A O    1 
ATOM 641  C CB   . LYS A 1 40 ? -11.994 2.354   -1.114  1.00 0.54  ? 40 LYS A CB   1 
ATOM 642  C CG   . LYS A 1 40 ? -12.708 3.643   -1.522  1.00 1.17  ? 40 LYS A CG   1 
ATOM 643  C CD   . LYS A 1 40 ? -12.403 3.956   -2.988  1.00 2.07  ? 40 LYS A CD   1 
ATOM 644  C CE   . LYS A 1 40 ? -13.558 4.757   -3.593  1.00 2.73  ? 40 LYS A CE   1 
ATOM 645  N NZ   . LYS A 1 40 ? -13.366 4.657   -5.066  1.00 3.42  ? 40 LYS A NZ   1 
ATOM 646  H H    . LYS A 1 40 ? -9.736  1.777   -1.907  1.00 0.40  ? 40 LYS A H    1 
ATOM 647  H HA   . LYS A 1 40 ? -10.735 3.756   -0.075  1.00 0.51  ? 40 LYS A HA   1 
ATOM 648  H HB2  . LYS A 1 40 ? -11.674 1.823   -1.999  1.00 0.92  ? 40 LYS A HB2  1 
ATOM 649  H HB3  . LYS A 1 40 ? -12.672 1.733   -0.548  1.00 0.90  ? 40 LYS A HB3  1 
ATOM 650  H HG2  . LYS A 1 40 ? -13.774 3.522   -1.393  1.00 1.52  ? 40 LYS A HG2  1 
ATOM 651  H HG3  . LYS A 1 40 ? -12.362 4.458   -0.904  1.00 1.57  ? 40 LYS A HG3  1 
ATOM 652  H HD2  . LYS A 1 40 ? -11.492 4.534   -3.051  1.00 2.31  ? 40 LYS A HD2  1 
ATOM 653  H HD3  . LYS A 1 40 ? -12.282 3.033   -3.536  1.00 2.51  ? 40 LYS A HD3  1 
ATOM 654  H HE2  . LYS A 1 40 ? -14.506 4.322   -3.304  1.00 3.00  ? 40 LYS A HE2  1 
ATOM 655  H HE3  . LYS A 1 40 ? -13.504 5.788   -3.281  1.00 3.05  ? 40 LYS A HE3  1 
ATOM 656  H HZ1  . LYS A 1 40 ? -13.459 3.665   -5.362  1.00 3.89  ? 40 LYS A HZ1  1 
ATOM 657  H HZ2  . LYS A 1 40 ? -12.418 5.007   -5.316  1.00 3.83  ? 40 LYS A HZ2  1 
ATOM 658  H HZ3  . LYS A 1 40 ? -14.087 5.230   -5.549  1.00 3.57  ? 40 LYS A HZ3  1 
ATOM 659  N N    . ALA A 1 41 ? -10.334 0.715   1.077   1.00 0.44  ? 41 ALA A N    1 
ATOM 660  C CA   . ALA A 1 41 ? -10.346 -0.084  2.336   1.00 0.53  ? 41 ALA A CA   1 
ATOM 661  C C    . ALA A 1 41 ? -9.189  0.341   3.244   1.00 0.57  ? 41 ALA A C    1 
ATOM 662  O O    . ALA A 1 41 ? -9.244  0.190   4.448   1.00 0.72  ? 41 ALA A O    1 
ATOM 663  C CB   . ALA A 1 41 ? -10.169 -1.534  1.885   1.00 0.60  ? 41 ALA A CB   1 
ATOM 664  H H    . ALA A 1 41 ? -9.961  0.331   0.256   1.00 0.44  ? 41 ALA A H    1 
ATOM 665  H HA   . ALA A 1 41 ? -11.289 0.030   2.847   1.00 0.60  ? 41 ALA A HA   1 
ATOM 666  H HB1  . ALA A 1 41 ? -9.125  -1.806  1.946   1.00 1.23  ? 41 ALA A HB1  1 
ATOM 667  H HB2  . ALA A 1 41 ? -10.508 -1.638  0.864   1.00 1.22  ? 41 ALA A HB2  1 
ATOM 668  H HB3  . ALA A 1 41 ? -10.748 -2.184  2.525   1.00 1.06  ? 41 ALA A HB3  1 
ATOM 669  N N    . GLY A 1 42 ? -8.140  0.871   2.675   1.00 0.58  ? 42 GLY A N    1 
ATOM 670  C CA   . GLY A 1 42 ? -6.981  1.306   3.506   1.00 0.70  ? 42 GLY A CA   1 
ATOM 671  C C    . GLY A 1 42 ? -5.874  0.253   3.432   1.00 0.76  ? 42 GLY A C    1 
ATOM 672  O O    . GLY A 1 42 ? -4.899  0.313   4.155   1.00 1.11  ? 42 GLY A O    1 
ATOM 673  H H    . GLY A 1 42 ? -8.116  0.985   1.702   1.00 0.59  ? 42 GLY A H    1 
ATOM 674  H HA2  . GLY A 1 42 ? -6.608  2.251   3.137   1.00 0.68  ? 42 GLY A HA2  1 
ATOM 675  H HA3  . GLY A 1 42 ? -7.297  1.421   4.533   1.00 0.82  ? 42 GLY A HA3  1 
ATOM 676  N N    . MET A 1 43 ? -6.016  -0.713  2.566   1.00 0.62  ? 43 MET A N    1 
ATOM 677  C CA   . MET A 1 43 ? -4.970  -1.769  2.447   1.00 0.70  ? 43 MET A CA   1 
ATOM 678  C C    . MET A 1 43 ? -3.874  -1.322  1.475   1.00 0.63  ? 43 MET A C    1 
ATOM 679  O O    . MET A 1 43 ? -2.800  -1.886  1.431   1.00 0.73  ? 43 MET A O    1 
ATOM 680  C CB   . MET A 1 43 ? -5.704  -2.995  1.904   1.00 0.75  ? 43 MET A CB   1 
ATOM 681  C CG   . MET A 1 43 ? -6.528  -3.635  3.022   1.00 0.99  ? 43 MET A CG   1 
ATOM 682  S SD   . MET A 1 43 ? -5.781  -5.214  3.496   1.00 1.72  ? 43 MET A SD   1 
ATOM 683  C CE   . MET A 1 43 ? -6.958  -5.640  4.803   1.00 2.43  ? 43 MET A CE   1 
ATOM 684  H H    . MET A 1 43 ? -6.810  -0.744  1.992   1.00 0.68  ? 43 MET A H    1 
ATOM 685  H HA   . MET A 1 43 ? -4.547  -1.991  3.415   1.00 0.83  ? 43 MET A HA   1 
ATOM 686  H HB2  . MET A 1 43 ? -6.358  -2.694  1.098   1.00 0.71  ? 43 MET A HB2  1 
ATOM 687  H HB3  . MET A 1 43 ? -4.985  -3.711  1.535   1.00 0.89  ? 43 MET A HB3  1 
ATOM 688  H HG2  . MET A 1 43 ? -6.550  -2.976  3.877   1.00 1.31  ? 43 MET A HG2  1 
ATOM 689  H HG3  . MET A 1 43 ? -7.537  -3.804  2.672   1.00 1.27  ? 43 MET A HG3  1 
ATOM 690  H HE1  . MET A 1 43 ? -6.545  -6.432  5.413   1.00 2.87  ? 43 MET A HE1  1 
ATOM 691  H HE2  . MET A 1 43 ? -7.883  -5.975  4.361   1.00 3.05  ? 43 MET A HE2  1 
ATOM 692  H HE3  . MET A 1 43 ? -7.147  -4.768  5.414   1.00 2.64  ? 43 MET A HE3  1 
ATOM 693  N N    . VAL A 1 44 ? -4.141  -0.310  0.694   1.00 0.51  ? 44 VAL A N    1 
ATOM 694  C CA   . VAL A 1 44 ? -3.118  0.177   -0.275  1.00 0.46  ? 44 VAL A CA   1 
ATOM 695  C C    . VAL A 1 44 ? -3.111  1.708   -0.306  1.00 0.43  ? 44 VAL A C    1 
ATOM 696  O O    . VAL A 1 44 ? -4.016  2.351   0.186   1.00 0.45  ? 44 VAL A O    1 
ATOM 697  C CB   . VAL A 1 44 ? -3.551  -0.387  -1.630  1.00 0.45  ? 44 VAL A CB   1 
ATOM 698  C CG1  . VAL A 1 44 ? -3.898  -1.869  -1.479  1.00 0.58  ? 44 VAL A CG1  1 
ATOM 699  C CG2  . VAL A 1 44 ? -4.781  0.375   -2.131  1.00 0.50  ? 44 VAL A CG2  1 
ATOM 700  H H    . VAL A 1 44 ? -5.014  0.131   0.747   1.00 0.48  ? 44 VAL A H    1 
ATOM 701  H HA   . VAL A 1 44 ? -2.142  -0.200  -0.015  1.00 0.50  ? 44 VAL A HA   1 
ATOM 702  H HB   . VAL A 1 44 ? -2.743  -0.277  -2.339  1.00 0.44  ? 44 VAL A HB   1 
ATOM 703  H HG11 . VAL A 1 44 ? -3.071  -2.388  -1.016  1.00 1.19  ? 44 VAL A HG11 1 
ATOM 704  H HG12 . VAL A 1 44 ? -4.089  -2.295  -2.453  1.00 1.13  ? 44 VAL A HG12 1 
ATOM 705  H HG13 . VAL A 1 44 ? -4.778  -1.972  -0.862  1.00 1.26  ? 44 VAL A HG13 1 
ATOM 706  H HG21 . VAL A 1 44 ? -5.002  0.074   -3.144  1.00 1.24  ? 44 VAL A HG21 1 
ATOM 707  H HG22 . VAL A 1 44 ? -4.582  1.436   -2.105  1.00 1.00  ? 44 VAL A HG22 1 
ATOM 708  H HG23 . VAL A 1 44 ? -5.626  0.151   -1.497  1.00 1.13  ? 44 VAL A HG23 1 
ATOM 709  N N    . GLN A 1 45 ? -2.097  2.296   -0.877  1.00 0.41  ? 45 GLN A N    1 
ATOM 710  C CA   . GLN A 1 45 ? -2.036  3.786   -0.933  1.00 0.42  ? 45 GLN A CA   1 
ATOM 711  C C    . GLN A 1 45 ? -1.642  4.246   -2.338  1.00 0.40  ? 45 GLN A C    1 
ATOM 712  O O    . GLN A 1 45 ? -1.177  3.469   -3.149  1.00 0.44  ? 45 GLN A O    1 
ATOM 713  C CB   . GLN A 1 45 ? -0.962  4.178   0.082   1.00 0.50  ? 45 GLN A CB   1 
ATOM 714  C CG   . GLN A 1 45 ? -1.533  5.217   1.050   1.00 1.00  ? 45 GLN A CG   1 
ATOM 715  C CD   . GLN A 1 45 ? -0.386  5.973   1.724   1.00 1.20  ? 45 GLN A CD   1 
ATOM 716  O OE1  . GLN A 1 45 ? 0.682   5.428   1.923   1.00 1.94  ? 45 GLN A OE1  1 
ATOM 717  N NE2  . GLN A 1 45 ? -0.563  7.213   2.089   1.00 1.66  ? 45 GLN A NE2  1 
ATOM 718  H H    . GLN A 1 45 ? -1.374  1.761   -1.267  1.00 0.43  ? 45 GLN A H    1 
ATOM 719  H HA   . GLN A 1 45 ? -2.985  4.212   -0.648  1.00 0.44  ? 45 GLN A HA   1 
ATOM 720  H HB2  . GLN A 1 45 ? -0.651  3.302   0.634   1.00 0.70  ? 45 GLN A HB2  1 
ATOM 721  H HB3  . GLN A 1 45 ? -0.114  4.598   -0.435  1.00 0.71  ? 45 GLN A HB3  1 
ATOM 722  H HG2  . GLN A 1 45 ? -2.153  5.914   0.505   1.00 1.65  ? 45 GLN A HG2  1 
ATOM 723  H HG3  . GLN A 1 45 ? -2.126  4.720   1.803   1.00 1.54  ? 45 GLN A HG3  1 
ATOM 724  H HE21 . GLN A 1 45 ? -1.425  7.652   1.930   1.00 2.06  ? 45 GLN A HE21 1 
ATOM 725  H HE22 . GLN A 1 45 ? 0.165   7.706   2.522   1.00 2.09  ? 45 GLN A HE22 1 
ATOM 726  N N    . ARG A 1 46 ? -1.827  5.503   -2.633  1.00 0.41  ? 46 ARG A N    1 
ATOM 727  C CA   . ARG A 1 46 ? -1.468  6.013   -3.988  1.00 0.43  ? 46 ARG A CA   1 
ATOM 728  C C    . ARG A 1 46 ? -0.863  7.414   -3.881  1.00 0.51  ? 46 ARG A C    1 
ATOM 729  O O    . ARG A 1 46 ? -1.111  8.137   -2.937  1.00 0.59  ? 46 ARG A O    1 
ATOM 730  C CB   . ARG A 1 46 ? -2.791  6.054   -4.755  1.00 0.48  ? 46 ARG A CB   1 
ATOM 731  C CG   . ARG A 1 46 ? -2.634  6.924   -6.004  1.00 1.00  ? 46 ARG A CG   1 
ATOM 732  C CD   . ARG A 1 46 ? -3.127  8.341   -5.704  1.00 1.12  ? 46 ARG A CD   1 
ATOM 733  N NE   . ARG A 1 46 ? -4.566  8.335   -6.088  1.00 1.03  ? 46 ARG A NE   1 
ATOM 734  C CZ   . ARG A 1 46 ? -5.399  9.160   -5.514  1.00 1.30  ? 46 ARG A CZ   1 
ATOM 735  N NH1  . ARG A 1 46 ? -4.971  10.302  -5.050  1.00 1.73  ? 46 ARG A NH1  1 
ATOM 736  N NH2  . ARG A 1 46 ? -6.660  8.842   -5.401  1.00 1.77  ? 46 ARG A NH2  1 
ATOM 737  H H    . ARG A 1 46 ? -2.206  6.113   -1.965  1.00 0.45  ? 46 ARG A H    1 
ATOM 738  H HA   . ARG A 1 46 ? -0.781  5.338   -4.474  1.00 0.46  ? 46 ARG A HA   1 
ATOM 739  H HB2  . ARG A 1 46 ? -3.069  5.051   -5.045  1.00 0.82  ? 46 ARG A HB2  1 
ATOM 740  H HB3  . ARG A 1 46 ? -3.560  6.471   -4.123  1.00 0.67  ? 46 ARG A HB3  1 
ATOM 741  H HG2  . ARG A 1 46 ? -1.593  6.956   -6.291  1.00 1.85  ? 46 ARG A HG2  1 
ATOM 742  H HG3  . ARG A 1 46 ? -3.217  6.504   -6.810  1.00 1.59  ? 46 ARG A HG3  1 
ATOM 743  H HD2  . ARG A 1 46 ? -3.018  8.561   -4.651  1.00 1.72  ? 46 ARG A HD2  1 
ATOM 744  H HD3  . ARG A 1 46 ? -2.589  9.062   -6.300  1.00 1.90  ? 46 ARG A HD3  1 
ATOM 745  H HE   . ARG A 1 46 ? -4.888  7.711   -6.771  1.00 1.47  ? 46 ARG A HE   1 
ATOM 746  H HH11 . ARG A 1 46 ? -4.004  10.545  -5.136  1.00 1.96  ? 46 ARG A HH11 1 
ATOM 747  H HH12 . ARG A 1 46 ? -5.609  10.934  -4.610  1.00 2.13  ? 46 ARG A HH12 1 
ATOM 748  H HH21 . ARG A 1 46 ? -6.988  7.966   -5.757  1.00 2.02  ? 46 ARG A HH21 1 
ATOM 749  H HH22 . ARG A 1 46 ? -7.298  9.473   -4.962  1.00 2.17  ? 46 ARG A HH22 1 
ATOM 750  N N    . SER A 1 47 ? -0.066  7.801   -4.839  1.00 0.57  ? 47 SER A N    1 
ATOM 751  C CA   . SER A 1 47 ? 0.558   9.154   -4.786  1.00 0.69  ? 47 SER A CA   1 
ATOM 752  C C    . SER A 1 47 ? 0.142   9.986   -6.004  1.00 0.72  ? 47 SER A C    1 
ATOM 753  O O    . SER A 1 47 ? 0.131   9.496   -7.116  1.00 0.75  ? 47 SER A O    1 
ATOM 754  C CB   . SER A 1 47 ? 2.064   8.894   -4.806  1.00 0.81  ? 47 SER A CB   1 
ATOM 755  O OG   . SER A 1 47 ? 2.556   8.887   -3.472  1.00 1.67  ? 47 SER A OG   1 
ATOM 756  H H    . SER A 1 47 ? 0.125   7.203   -5.591  1.00 0.60  ? 47 SER A H    1 
ATOM 757  H HA   . SER A 1 47 ? 0.285   9.658   -3.873  1.00 0.87  ? 47 SER A HA   1 
ATOM 758  H HB2  . SER A 1 47 ? 2.260   7.938   -5.261  1.00 1.31  ? 47 SER A HB2  1 
ATOM 759  H HB3  . SER A 1 47 ? 2.554   9.671   -5.378  1.00 1.26  ? 47 SER A HB3  1 
ATOM 760  H HG   . SER A 1 47 ? 2.975   9.735   -3.307  1.00 2.08  ? 47 SER A HG   1 
ATOM 761  N N    . PRO A 1 48 ? -0.179  11.225  -5.743  1.00 0.97  ? 48 PRO A N    1 
ATOM 762  C CA   . PRO A 1 48 ? -0.598  12.160  -6.822  1.00 1.18  ? 48 PRO A CA   1 
ATOM 763  C C    . PRO A 1 48 ? 0.599   12.506  -7.709  1.00 1.19  ? 48 PRO A C    1 
ATOM 764  O O    . PRO A 1 48 ? 0.965   13.656  -7.849  1.00 1.43  ? 48 PRO A O    1 
ATOM 765  C CB   . PRO A 1 48 ? -1.063  13.395  -6.058  1.00 1.54  ? 48 PRO A CB   1 
ATOM 766  C CG   . PRO A 1 48 ? -0.319  13.328  -4.767  1.00 1.55  ? 48 PRO A CG   1 
ATOM 767  C CD   . PRO A 1 48 ? -0.182  11.872  -4.430  1.00 1.24  ? 48 PRO A CD   1 
ATOM 768  H HA   . PRO A 1 48 ? -1.408  11.749  -7.402  1.00 1.27  ? 48 PRO A HA   1 
ATOM 769  H HB2  . PRO A 1 48 ? -0.804  14.294  -6.602  1.00 1.68  ? 48 PRO A HB2  1 
ATOM 770  H HB3  . PRO A 1 48 ? -2.125  13.353  -5.877  1.00 1.75  ? 48 PRO A HB3  1 
ATOM 771  H HG2  . PRO A 1 48 ? 0.659   13.770  -4.889  1.00 1.60  ? 48 PRO A HG2  1 
ATOM 772  H HG3  . PRO A 1 48 ? -0.868  13.836  -3.991  1.00 1.85  ? 48 PRO A HG3  1 
ATOM 773  H HD2  . PRO A 1 48 ? 0.747   11.689  -3.907  1.00 1.22  ? 48 PRO A HD2  1 
ATOM 774  H HD3  . PRO A 1 48 ? -1.025  11.532  -3.848  1.00 1.37  ? 48 PRO A HD3  1 
ATOM 775  N N    . LEU A 1 49 ? 1.208   11.512  -8.291  1.00 1.46  ? 49 LEU A N    1 
ATOM 776  C CA   . LEU A 1 49 ? 2.394   11.740  -9.168  1.00 1.61  ? 49 LEU A CA   1 
ATOM 777  C C    . LEU A 1 49 ? 2.287   13.074  -9.911  1.00 1.75  ? 49 LEU A C    1 
ATOM 778  O O    . LEU A 1 49 ? 1.689   13.165  -10.964 1.00 2.40  ? 49 LEU A O    1 
ATOM 779  C CB   . LEU A 1 49 ? 2.372   10.581  -10.159 1.00 2.48  ? 49 LEU A CB   1 
ATOM 780  C CG   . LEU A 1 49 ? 3.581   10.691  -11.080 1.00 3.18  ? 49 LEU A CG   1 
ATOM 781  C CD1  . LEU A 1 49 ? 4.060   9.294   -11.474 1.00 4.12  ? 49 LEU A CD1  1 
ATOM 782  C CD2  . LEU A 1 49 ? 3.193   11.472  -12.338 1.00 3.95  ? 49 LEU A CD2  1 
ATOM 783  H H    . LEU A 1 49 ? 0.891   10.603  -8.143  1.00 1.82  ? 49 LEU A H    1 
ATOM 784  H HA   . LEU A 1 49 ? 3.301   11.705  -8.587  1.00 1.80  ? 49 LEU A HA   1 
ATOM 785  H HB2  . LEU A 1 49 ? 2.409   9.644   -9.621  1.00 2.98  ? 49 LEU A HB2  1 
ATOM 786  H HB3  . LEU A 1 49 ? 1.468   10.626  -10.747 1.00 2.71  ? 49 LEU A HB3  1 
ATOM 787  H HG   . LEU A 1 49 ? 4.372   11.210  -10.562 1.00 3.05  ? 49 LEU A HG   1 
ATOM 788  H HD11 . LEU A 1 49 ? 3.210   8.634   -11.564 1.00 4.52  ? 49 LEU A HD11 1 
ATOM 789  H HD12 . LEU A 1 49 ? 4.729   8.917   -10.714 1.00 4.52  ? 49 LEU A HD12 1 
ATOM 790  H HD13 . LEU A 1 49 ? 4.580   9.344   -12.419 1.00 4.45  ? 49 LEU A HD13 1 
ATOM 791  H HD21 . LEU A 1 49 ? 3.706   12.421  -12.345 1.00 4.17  ? 49 LEU A HD21 1 
ATOM 792  H HD22 . LEU A 1 49 ? 2.126   11.638  -12.344 1.00 4.37  ? 49 LEU A HD22 1 
ATOM 793  H HD23 . LEU A 1 49 ? 3.474   10.905  -13.213 1.00 4.35  ? 49 LEU A HD23 1 
ATOM 794  N N    . ARG A 1 50 ? 2.870   14.109  -9.370  1.00 2.01  ? 50 ARG A N    1 
ATOM 795  C CA   . ARG A 1 50 ? 2.813   15.434  -10.047 1.00 2.86  ? 50 ARG A CA   1 
ATOM 796  C C    . ARG A 1 50 ? 3.968   15.562  -11.044 1.00 3.28  ? 50 ARG A C    1 
ATOM 797  O O    . ARG A 1 50 ? 4.226   16.621  -11.580 1.00 3.70  ? 50 ARG A O    1 
ATOM 798  C CB   . ARG A 1 50 ? 2.957   16.461  -8.922  1.00 3.69  ? 50 ARG A CB   1 
ATOM 799  C CG   . ARG A 1 50 ? 4.352   16.353  -8.306  1.00 4.34  ? 50 ARG A CG   1 
ATOM 800  C CD   . ARG A 1 50 ? 4.229   16.094  -6.802  1.00 5.07  ? 50 ARG A CD   1 
ATOM 801  N NE   . ARG A 1 50 ? 5.450   16.702  -6.206  1.00 5.57  ? 50 ARG A NE   1 
ATOM 802  C CZ   . ARG A 1 50 ? 5.354   17.442  -5.134  1.00 6.01  ? 50 ARG A CZ   1 
ATOM 803  N NH1  . ARG A 1 50 ? 4.417   18.343  -5.046  1.00 6.49  ? 50 ARG A NH1  1 
ATOM 804  N NH2  . ARG A 1 50 ? 6.198   17.278  -4.152  1.00 6.22  ? 50 ARG A NH2  1 
ATOM 805  H H    . ARG A 1 50 ? 3.351   14.010  -8.522  1.00 2.14  ? 50 ARG A H    1 
ATOM 806  H HA   . ARG A 1 50 ? 1.867   15.562  -10.546 1.00 3.03  ? 50 ARG A HA   1 
ATOM 807  H HB2  . ARG A 1 50 ? 2.816   17.455  -9.323  1.00 3.95  ? 50 ARG A HB2  1 
ATOM 808  H HB3  . ARG A 1 50 ? 2.213   16.271  -8.163  1.00 4.06  ? 50 ARG A HB3  1 
ATOM 809  H HG2  . ARG A 1 50 ? 4.887   15.536  -8.769  1.00 4.65  ? 50 ARG A HG2  1 
ATOM 810  H HG3  . ARG A 1 50 ? 4.890   17.274  -8.467  1.00 4.40  ? 50 ARG A HG3  1 
ATOM 811  H HD2  . ARG A 1 50 ? 3.339   16.571  -6.412  1.00 5.07  ? 50 ARG A HD2  1 
ATOM 812  H HD3  . ARG A 1 50 ? 4.208   15.034  -6.602  1.00 5.59  ? 50 ARG A HD3  1 
ATOM 813  H HE   . ARG A 1 50 ? 6.325   16.547  -6.618  1.00 5.80  ? 50 ARG A HE   1 
ATOM 814  H HH11 . ARG A 1 50 ? 3.770   18.468  -5.798  1.00 6.49  ? 50 ARG A HH11 1 
ATOM 815  H HH12 . ARG A 1 50 ? 4.343   18.909  -4.224  1.00 7.00  ? 50 ARG A HH12 1 
ATOM 816  H HH21 . ARG A 1 50 ? 6.917   16.586  -4.221  1.00 6.04  ? 50 ARG A HH21 1 
ATOM 817  H HH22 . ARG A 1 50 ? 6.126   17.844  -3.331  1.00 6.71  ? 50 ARG A HH22 1 
ATOM 818  N N    . ARG A 1 51 ? 4.662   14.485  -11.295 1.00 3.72  ? 51 ARG A N    1 
ATOM 819  C CA   . ARG A 1 51 ? 5.800   14.536  -12.257 1.00 4.46  ? 51 ARG A CA   1 
ATOM 820  C C    . ARG A 1 51 ? 5.795   13.289  -13.145 1.00 4.43  ? 51 ARG A C    1 
ATOM 821  O O    . ARG A 1 51 ? 6.631   12.417  -13.014 1.00 4.71  ? 51 ARG A O    1 
ATOM 822  C CB   . ARG A 1 51 ? 7.056   14.568  -11.385 1.00 5.16  ? 51 ARG A CB   1 
ATOM 823  C CG   . ARG A 1 51 ? 7.849   15.843  -11.678 1.00 6.00  ? 51 ARG A CG   1 
ATOM 824  C CD   . ARG A 1 51 ? 8.164   15.918  -13.173 1.00 6.44  ? 51 ARG A CD   1 
ATOM 825  N NE   . ARG A 1 51 ? 9.637   16.124  -13.245 1.00 7.31  ? 51 ARG A NE   1 
ATOM 826  C CZ   . ARG A 1 51 ? 10.119  17.181  -13.841 1.00 8.00  ? 51 ARG A CZ   1 
ATOM 827  N NH1  . ARG A 1 51 ? 9.709   17.498  -15.039 1.00 8.31  ? 51 ARG A NH1  1 
ATOM 828  N NH2  . ARG A 1 51 ? 11.012  17.919  -13.240 1.00 8.57  ? 51 ARG A NH2  1 
ATOM 829  H H    . ARG A 1 51 ? 4.433   13.642  -10.851 1.00 3.87  ? 51 ARG A H    1 
ATOM 830  H HA   . ARG A 1 51 ? 5.746   15.429  -12.859 1.00 4.79  ? 51 ARG A HA   1 
ATOM 831  H HB2  . ARG A 1 51 ? 6.771   14.551  -10.343 1.00 5.15  ? 51 ARG A HB2  1 
ATOM 832  H HB3  . ARG A 1 51 ? 7.669   13.707  -11.604 1.00 5.40  ? 51 ARG A HB3  1 
ATOM 833  H HG2  . ARG A 1 51 ? 7.263   16.705  -11.389 1.00 6.34  ? 51 ARG A HG2  1 
ATOM 834  H HG3  . ARG A 1 51 ? 8.771   15.831  -11.117 1.00 6.28  ? 51 ARG A HG3  1 
ATOM 835  H HD2  . ARG A 1 51 ? 7.887   14.993  -13.661 1.00 6.42  ? 51 ARG A HD2  1 
ATOM 836  H HD3  . ARG A 1 51 ? 7.650   16.751  -13.626 1.00 6.49  ? 51 ARG A HD3  1 
ATOM 837  H HE   . ARG A 1 51 ? 10.245  15.467  -12.845 1.00 7.53  ? 51 ARG A HE   1 
ATOM 838  H HH11 . ARG A 1 51 ? 9.026   16.933  -15.500 1.00 8.02  ? 51 ARG A HH11 1 
ATOM 839  H HH12 . ARG A 1 51 ? 10.079  18.308  -15.496 1.00 8.97  ? 51 ARG A HH12 1 
ATOM 840  H HH21 . ARG A 1 51 ? 11.326  17.676  -12.323 1.00 8.46  ? 51 ARG A HH21 1 
ATOM 841  H HH22 . ARG A 1 51 ? 11.381  18.729  -13.697 1.00 9.22  ? 51 ARG A HH22 1 
ATOM 842  N N    . GLY A 1 52 ? 4.856   13.198  -14.045 1.00 4.44  ? 52 GLY A N    1 
ATOM 843  C CA   . GLY A 1 52 ? 4.791   12.008  -14.941 1.00 4.67  ? 52 GLY A CA   1 
ATOM 844  C C    . GLY A 1 52 ? 3.422   11.966  -15.625 1.00 4.24  ? 52 GLY A C    1 
ATOM 845  O O    . GLY A 1 52 ? 3.038   12.887  -16.316 1.00 4.59  ? 52 GLY A O    1 
ATOM 846  H H    . GLY A 1 52 ? 4.190   13.911  -14.132 1.00 4.51  ? 52 GLY A H    1 
ATOM 847  H HA2  . GLY A 1 52 ? 5.568   12.079  -15.690 1.00 5.03  ? 52 GLY A HA2  1 
ATOM 848  H HA3  . GLY A 1 52 ? 4.928   11.110  -14.360 1.00 5.11  ? 52 GLY A HA3  1 
ATOM 849  N N    . MET A 1 53 ? 2.682   10.907  -15.437 1.00 3.87  ? 53 MET A N    1 
ATOM 850  C CA   . MET A 1 53 ? 1.339   10.818  -16.080 1.00 3.77  ? 53 MET A CA   1 
ATOM 851  C C    . MET A 1 53 ? 0.655   9.495   -15.727 1.00 2.82  ? 53 MET A C    1 
ATOM 852  O O    . MET A 1 53 ? 0.200   8.774   -16.593 1.00 3.08  ? 53 MET A O    1 
ATOM 853  C CB   . MET A 1 53 ? 1.616   10.890  -17.583 1.00 4.56  ? 53 MET A CB   1 
ATOM 854  C CG   . MET A 1 53 ? 2.636   9.817   -17.967 1.00 5.13  ? 53 MET A CG   1 
ATOM 855  S SD   . MET A 1 53 ? 3.632   10.402  -19.361 1.00 6.26  ? 53 MET A SD   1 
ATOM 856  C CE   . MET A 1 53 ? 5.255   10.156  -18.600 1.00 6.96  ? 53 MET A CE   1 
ATOM 857  H H    . MET A 1 53 ? 3.007   10.172  -14.875 1.00 3.98  ? 53 MET A H    1 
ATOM 858  H HA   . MET A 1 53 ? 0.724   11.653  -15.781 1.00 4.28  ? 53 MET A HA   1 
ATOM 859  H HB2  . MET A 1 53 ? 0.696   10.723  -18.126 1.00 4.87  ? 53 MET A HB2  1 
ATOM 860  H HB3  . MET A 1 53 ? 2.009   11.863  -17.833 1.00 4.87  ? 53 MET A HB3  1 
ATOM 861  H HG2  . MET A 1 53 ? 3.280   9.613   -17.125 1.00 5.12  ? 53 MET A HG2  1 
ATOM 862  H HG3  . MET A 1 53 ? 2.118   8.912   -18.250 1.00 5.32  ? 53 MET A HG3  1 
ATOM 863  H HE1  . MET A 1 53 ? 5.481   9.099   -18.571 1.00 7.04  ? 53 MET A HE1  1 
ATOM 864  H HE2  . MET A 1 53 ? 5.247   10.547  -17.595 1.00 7.38  ? 53 MET A HE2  1 
ATOM 865  H HE3  . MET A 1 53 ? 6.006   10.675  -19.179 1.00 7.20  ? 53 MET A HE3  1 
ATOM 866  N N    . ALA A 1 54 ? 0.570   9.166   -14.465 1.00 2.16  ? 54 ALA A N    1 
ATOM 867  C CA   . ALA A 1 54 ? -0.095  7.885   -14.084 1.00 1.41  ? 54 ALA A CA   1 
ATOM 868  C C    . ALA A 1 54 ? -0.089  7.678   -12.563 1.00 1.14  ? 54 ALA A C    1 
ATOM 869  O O    . ALA A 1 54 ? -0.166  6.564   -12.087 1.00 1.83  ? 54 ALA A O    1 
ATOM 870  C CB   . ALA A 1 54 ? 0.729   6.797   -14.770 1.00 1.19  ? 54 ALA A CB   1 
ATOM 871  H H    . ALA A 1 54 ? 0.939   9.756   -13.776 1.00 2.55  ? 54 ALA A H    1 
ATOM 872  H HA   . ALA A 1 54 ? -1.106  7.863   -14.459 1.00 1.87  ? 54 ALA A HA   1 
ATOM 873  H HB1  . ALA A 1 54 ? 1.168   6.153   -14.023 1.00 1.70  ? 54 ALA A HB1  1 
ATOM 874  H HB2  . ALA A 1 54 ? 1.512   7.255   -15.357 1.00 1.55  ? 54 ALA A HB2  1 
ATOM 875  H HB3  . ALA A 1 54 ? 0.090   6.213   -15.416 1.00 1.54  ? 54 ALA A HB3  1 
ATOM 876  N N    . THR A 1 55 ? -0.010  8.735   -11.794 1.00 0.80  ? 55 THR A N    1 
ATOM 877  C CA   . THR A 1 55 ? -0.011  8.575   -10.310 1.00 0.60  ? 55 THR A CA   1 
ATOM 878  C C    . THR A 1 55 ? 0.871   7.393   -9.896  1.00 0.53  ? 55 THR A C    1 
ATOM 879  O O    . THR A 1 55 ? 1.656   6.887   -10.674 1.00 0.64  ? 55 THR A O    1 
ATOM 880  C CB   . THR A 1 55 ? -1.473  8.303   -9.946  1.00 0.82  ? 55 THR A CB   1 
ATOM 881  O OG1  . THR A 1 55 ? -2.311  8.691   -11.027 1.00 1.33  ? 55 THR A OG1  1 
ATOM 882  C CG2  . THR A 1 55 ? -1.850  9.100   -8.697  1.00 1.06  ? 55 THR A CG2  1 
ATOM 883  H H    . THR A 1 55 ? 0.042   9.629   -12.188 1.00 1.32  ? 55 THR A H    1 
ATOM 884  H HA   . THR A 1 55 ? 0.323   9.482   -9.832  1.00 0.69  ? 55 THR A HA   1 
ATOM 885  H HB   . THR A 1 55 ? -1.604  7.250   -9.749  1.00 1.18  ? 55 THR A HB   1 
ATOM 886  H HG1  . THR A 1 55 ? -3.037  8.065   -11.079 1.00 1.80  ? 55 THR A HG1  1 
ATOM 887  H HG21 . THR A 1 55 ? -2.909  9.308   -8.708  1.00 1.66  ? 55 THR A HG21 1 
ATOM 888  H HG22 . THR A 1 55 ? -1.300  10.030  -8.684  1.00 1.60  ? 55 THR A HG22 1 
ATOM 889  H HG23 . THR A 1 55 ? -1.604  8.525   -7.816  1.00 1.37  ? 55 THR A HG23 1 
ATOM 890  N N    . TYR A 1 56 ? 0.744   6.949   -8.676  1.00 0.43  ? 56 TYR A N    1 
ATOM 891  C CA   . TYR A 1 56 ? 1.568   5.796   -8.208  1.00 0.41  ? 56 TYR A CA   1 
ATOM 892  C C    . TYR A 1 56 ? 0.794   4.981   -7.186  1.00 0.33  ? 56 TYR A C    1 
ATOM 893  O O    . TYR A 1 56 ? 0.035   5.510   -6.399  1.00 0.33  ? 56 TYR A O    1 
ATOM 894  C CB   . TYR A 1 56 ? 2.812   6.419   -7.576  1.00 0.53  ? 56 TYR A CB   1 
ATOM 895  C CG   . TYR A 1 56 ? 4.009   6.157   -8.459  1.00 0.81  ? 56 TYR A CG   1 
ATOM 896  C CD1  . TYR A 1 56 ? 4.199   6.912   -9.621  1.00 1.70  ? 56 TYR A CD1  1 
ATOM 897  C CD2  . TYR A 1 56 ? 4.928   5.159   -8.115  1.00 1.17  ? 56 TYR A CD2  1 
ATOM 898  C CE1  . TYR A 1 56 ? 5.308   6.669   -10.441 1.00 2.54  ? 56 TYR A CE1  1 
ATOM 899  C CE2  . TYR A 1 56 ? 6.038   4.916   -8.935  1.00 1.93  ? 56 TYR A CE2  1 
ATOM 900  C CZ   . TYR A 1 56 ? 6.227   5.671   -10.098 1.00 2.56  ? 56 TYR A CZ   1 
ATOM 901  O OH   . TYR A 1 56 ? 7.320   5.432   -10.905 1.00 3.46  ? 56 TYR A OH   1 
ATOM 902  H H    . TYR A 1 56 ? 0.103   7.372   -8.066  1.00 0.43  ? 56 TYR A H    1 
ATOM 903  H HA   . TYR A 1 56 ? 1.846   5.168   -9.031  1.00 0.47  ? 56 TYR A HA   1 
ATOM 904  H HB2  . TYR A 1 56 ? 2.668   7.485   -7.472  1.00 1.06  ? 56 TYR A HB2  1 
ATOM 905  H HB3  . TYR A 1 56 ? 2.981   5.982   -6.603  1.00 1.09  ? 56 TYR A HB3  1 
ATOM 906  H HD1  . TYR A 1 56 ? 3.489   7.681   -9.886  1.00 1.93  ? 56 TYR A HD1  1 
ATOM 907  H HD2  . TYR A 1 56 ? 4.782   4.575   -7.218  1.00 1.36  ? 56 TYR A HD2  1 
ATOM 908  H HE1  . TYR A 1 56 ? 5.454   7.252   -11.339 1.00 3.30  ? 56 TYR A HE1  1 
ATOM 909  H HE2  . TYR A 1 56 ? 6.747   4.146   -8.669  1.00 2.27  ? 56 TYR A HE2  1 
ATOM 910  H HH   . TYR A 1 56 ? 8.108   5.471   -10.357 1.00 3.71  ? 56 TYR A HH   1 
ATOM 911  N N    . TRP A 1 57 ? 0.969   3.690   -7.196  1.00 0.30  ? 57 TRP A N    1 
ATOM 912  C CA   . TRP A 1 57 ? 0.227   2.853   -6.225  1.00 0.30  ? 57 TRP A CA   1 
ATOM 913  C C    . TRP A 1 57 ? 1.153   1.810   -5.596  1.00 0.34  ? 57 TRP A C    1 
ATOM 914  O O    . TRP A 1 57 ? 1.903   1.138   -6.277  1.00 0.44  ? 57 TRP A O    1 
ATOM 915  C CB   . TRP A 1 57 ? -0.879  2.176   -7.039  1.00 0.33  ? 57 TRP A CB   1 
ATOM 916  C CG   . TRP A 1 57 ? -1.508  3.172   -7.962  1.00 0.31  ? 57 TRP A CG   1 
ATOM 917  C CD1  . TRP A 1 57 ? -0.953  3.624   -9.110  1.00 0.37  ? 57 TRP A CD1  1 
ATOM 918  C CD2  . TRP A 1 57 ? -2.793  3.846   -7.835  1.00 0.32  ? 57 TRP A CD2  1 
ATOM 919  N NE1  . TRP A 1 57 ? -1.816  4.532   -9.696  1.00 0.40  ? 57 TRP A NE1  1 
ATOM 920  C CE2  . TRP A 1 57 ? -2.964  4.703   -8.948  1.00 0.37  ? 57 TRP A CE2  1 
ATOM 921  C CE3  . TRP A 1 57 ? -3.818  3.799   -6.873  1.00 0.38  ? 57 TRP A CE3  1 
ATOM 922  C CZ2  . TRP A 1 57 ? -4.109  5.484   -9.098  1.00 0.44  ? 57 TRP A CZ2  1 
ATOM 923  C CZ3  . TRP A 1 57 ? -4.970  4.582   -7.021  1.00 0.45  ? 57 TRP A CZ3  1 
ATOM 924  C CH2  . TRP A 1 57 ? -5.115  5.422   -8.131  1.00 0.47  ? 57 TRP A CH2  1 
ATOM 925  H H    . TRP A 1 57 ? 1.579   3.276   -7.843  1.00 0.32  ? 57 TRP A H    1 
ATOM 926  H HA   . TRP A 1 57 ? -0.205  3.482   -5.472  1.00 0.32  ? 57 TRP A HA   1 
ATOM 927  H HB2  . TRP A 1 57 ? -0.455  1.368   -7.616  1.00 0.38  ? 57 TRP A HB2  1 
ATOM 928  H HB3  . TRP A 1 57 ? -1.629  1.784   -6.368  1.00 0.38  ? 57 TRP A HB3  1 
ATOM 929  H HD1  . TRP A 1 57 ? 0.007   3.324   -9.504  1.00 0.43  ? 57 TRP A HD1  1 
ATOM 930  H HE1  . TRP A 1 57 ? -1.651  5.007   -10.537 1.00 0.47  ? 57 TRP A HE1  1 
ATOM 931  H HE3  . TRP A 1 57 ? -3.718  3.157   -6.015  1.00 0.40  ? 57 TRP A HE3  1 
ATOM 932  H HZ2  . TRP A 1 57 ? -4.218  6.131   -9.956  1.00 0.50  ? 57 TRP A HZ2  1 
ATOM 933  H HZ3  . TRP A 1 57 ? -5.749  4.537   -6.275  1.00 0.53  ? 57 TRP A HZ3  1 
ATOM 934  H HH2  . TRP A 1 57 ? -6.003  6.021   -8.236  1.00 0.55  ? 57 TRP A HH2  1 
ATOM 935  N N    . PHE A 1 58 ? 1.104   1.667   -4.300  1.00 0.32  ? 58 PHE A N    1 
ATOM 936  C CA   . PHE A 1 58 ? 1.979   0.668   -3.623  1.00 0.37  ? 58 PHE A CA   1 
ATOM 937  C C    . PHE A 1 58 ? 1.356   0.238   -2.291  1.00 0.36  ? 58 PHE A C    1 
ATOM 938  O O    . PHE A 1 58 ? 0.575   0.958   -1.700  1.00 0.41  ? 58 PHE A O    1 
ATOM 939  C CB   . PHE A 1 58 ? 3.304   1.393   -3.386  1.00 0.44  ? 58 PHE A CB   1 
ATOM 940  C CG   . PHE A 1 58 ? 3.042   2.709   -2.692  1.00 0.44  ? 58 PHE A CG   1 
ATOM 941  C CD1  . PHE A 1 58 ? 2.743   3.851   -3.445  1.00 0.66  ? 58 PHE A CD1  1 
ATOM 942  C CD2  . PHE A 1 58 ? 3.098   2.787   -1.295  1.00 0.64  ? 58 PHE A CD2  1 
ATOM 943  C CE1  . PHE A 1 58 ? 2.499   5.070   -2.802  1.00 0.87  ? 58 PHE A CE1  1 
ATOM 944  C CE2  . PHE A 1 58 ? 2.855   4.006   -0.652  1.00 0.82  ? 58 PHE A CE2  1 
ATOM 945  C CZ   . PHE A 1 58 ? 2.555   5.148   -1.406  1.00 0.88  ? 58 PHE A CZ   1 
ATOM 946  H H    . PHE A 1 58 ? 0.492   2.219   -3.770  1.00 0.32  ? 58 PHE A H    1 
ATOM 947  H HA   . PHE A 1 58 ? 2.137   -0.188  -4.259  1.00 0.41  ? 58 PHE A HA   1 
ATOM 948  H HB2  . PHE A 1 58 ? 3.945   0.782   -2.769  1.00 0.57  ? 58 PHE A HB2  1 
ATOM 949  H HB3  . PHE A 1 58 ? 3.787   1.578   -4.334  1.00 0.56  ? 58 PHE A HB3  1 
ATOM 950  H HD1  . PHE A 1 58 ? 2.699   3.790   -4.523  1.00 0.83  ? 58 PHE A HD1  1 
ATOM 951  H HD2  . PHE A 1 58 ? 3.329   1.906   -0.714  1.00 0.82  ? 58 PHE A HD2  1 
ATOM 952  H HE1  . PHE A 1 58 ? 2.268   5.951   -3.383  1.00 1.14  ? 58 PHE A HE1  1 
ATOM 953  H HE2  . PHE A 1 58 ? 2.898   4.067   0.425   1.00 1.05  ? 58 PHE A HE2  1 
ATOM 954  H HZ   . PHE A 1 58 ? 2.368   6.089   -0.909  1.00 1.10  ? 58 PHE A HZ   1 
ATOM 955  N N    . LEU A 1 59 ? 1.693   -0.930  -1.816  1.00 0.42  ? 59 LEU A N    1 
ATOM 956  C CA   . LEU A 1 59 ? 1.120   -1.406  -0.524  1.00 0.46  ? 59 LEU A CA   1 
ATOM 957  C C    . LEU A 1 59 ? 1.093   -0.266  0.499   1.00 0.49  ? 59 LEU A C    1 
ATOM 958  O O    . LEU A 1 59 ? 1.774   0.729   0.351   1.00 0.65  ? 59 LEU A O    1 
ATOM 959  C CB   . LEU A 1 59 ? 2.059   -2.519  -0.059  1.00 0.62  ? 59 LEU A CB   1 
ATOM 960  C CG   . LEU A 1 59 ? 1.239   -3.665  0.535   1.00 0.75  ? 59 LEU A CG   1 
ATOM 961  C CD1  . LEU A 1 59 ? 0.580   -4.460  -0.595  1.00 1.11  ? 59 LEU A CD1  1 
ATOM 962  C CD2  . LEU A 1 59 ? 2.158   -4.588  1.336   1.00 1.41  ? 59 LEU A CD2  1 
ATOM 963  H H    . LEU A 1 59 ? 2.324   -1.495  -2.309  1.00 0.51  ? 59 LEU A H    1 
ATOM 964  H HA   . LEU A 1 59 ? 0.128   -1.801  -0.675  1.00 0.50  ? 59 LEU A HA   1 
ATOM 965  H HB2  . LEU A 1 59 ? 2.630   -2.883  -0.902  1.00 0.85  ? 59 LEU A HB2  1 
ATOM 966  H HB3  . LEU A 1 59 ? 2.732   -2.133  0.692   1.00 0.96  ? 59 LEU A HB3  1 
ATOM 967  H HG   . LEU A 1 59 ? 0.475   -3.262  1.184   1.00 1.20  ? 59 LEU A HG   1 
ATOM 968  H HD11 . LEU A 1 59 ? 0.469   -5.490  -0.293  1.00 1.69  ? 59 LEU A HD11 1 
ATOM 969  H HD12 . LEU A 1 59 ? 1.196   -4.407  -1.480  1.00 1.53  ? 59 LEU A HD12 1 
ATOM 970  H HD13 . LEU A 1 59 ? -0.393  -4.042  -0.809  1.00 1.68  ? 59 LEU A HD13 1 
ATOM 971  H HD21 . LEU A 1 59 ? 1.696   -5.560  1.435   1.00 1.96  ? 59 LEU A HD21 1 
ATOM 972  H HD22 . LEU A 1 59 ? 2.326   -4.167  2.317   1.00 1.85  ? 59 LEU A HD22 1 
ATOM 973  H HD23 . LEU A 1 59 ? 3.103   -4.691  0.821   1.00 1.78  ? 59 LEU A HD23 1 
ATOM 974  N N    . LYS A 1 60 ? 0.311   -0.405  1.534   1.00 0.54  ? 60 LYS A N    1 
ATOM 975  C CA   . LYS A 1 60 ? 0.238   0.670   2.565   1.00 0.69  ? 60 LYS A CA   1 
ATOM 976  C C    . LYS A 1 60 ? 1.584   0.806   3.283   1.00 1.34  ? 60 LYS A C    1 
ATOM 977  O O    . LYS A 1 60 ? 1.701   0.524   4.458   1.00 2.17  ? 60 LYS A O    1 
ATOM 978  C CB   . LYS A 1 60 ? -0.846  0.209   3.540   1.00 0.84  ? 60 LYS A CB   1 
ATOM 979  C CG   . LYS A 1 60 ? -1.114  1.313   4.566   1.00 1.13  ? 60 LYS A CG   1 
ATOM 980  C CD   . LYS A 1 60 ? -1.934  2.427   3.914   1.00 1.50  ? 60 LYS A CD   1 
ATOM 981  C CE   . LYS A 1 60 ? -1.689  3.743   4.656   1.00 2.24  ? 60 LYS A CE   1 
ATOM 982  N NZ   . LYS A 1 60 ? -2.991  4.068   5.302   1.00 2.84  ? 60 LYS A NZ   1 
ATOM 983  H H    . LYS A 1 60 ? -0.231  -1.216  1.633   1.00 0.60  ? 60 LYS A H    1 
ATOM 984  H HA   . LYS A 1 60 ? -0.047  1.607   2.114   1.00 1.07  ? 60 LYS A HA   1 
ATOM 985  H HB2  . LYS A 1 60 ? -1.753  -0.004  2.994   1.00 1.25  ? 60 LYS A HB2  1 
ATOM 986  H HB3  . LYS A 1 60 ? -0.515  -0.682  4.052   1.00 1.30  ? 60 LYS A HB3  1 
ATOM 987  H HG2  . LYS A 1 60 ? -1.663  0.901   5.401   1.00 1.72  ? 60 LYS A HG2  1 
ATOM 988  H HG3  . LYS A 1 60 ? -0.176  1.716   4.915   1.00 1.60  ? 60 LYS A HG3  1 
ATOM 989  H HD2  . LYS A 1 60 ? -1.638  2.535   2.881   1.00 1.89  ? 60 LYS A HD2  1 
ATOM 990  H HD3  . LYS A 1 60 ? -2.984  2.178   3.964   1.00 1.91  ? 60 LYS A HD3  1 
ATOM 991  H HE2  . LYS A 1 60 ? -0.918  3.613   5.403   1.00 2.74  ? 60 LYS A HE2  1 
ATOM 992  H HE3  . LYS A 1 60 ? -1.416  4.522   3.961   1.00 2.57  ? 60 LYS A HE3  1 
ATOM 993  H HZ1  . LYS A 1 60 ? -3.383  3.212   5.745   1.00 3.12  ? 60 LYS A HZ1  1 
ATOM 994  H HZ2  . LYS A 1 60 ? -3.655  4.423   4.584   1.00 3.18  ? 60 LYS A HZ2  1 
ATOM 995  H HZ3  . LYS A 1 60 ? -2.845  4.795   6.030   1.00 3.28  ? 60 LYS A HZ3  1 
ATOM 996  N N    . GLY A 1 61 ? 2.599   1.238   2.585   1.00 1.75  ? 61 GLY A N    1 
ATOM 997  C CA   . GLY A 1 61 ? 3.933   1.391   3.228   1.00 2.45  ? 61 GLY A CA   1 
ATOM 998  C C    . GLY A 1 61 ? 4.441   0.025   3.682   1.00 2.70  ? 61 GLY A C    1 
ATOM 999  O O    . GLY A 1 61 ? 5.324   -0.553  3.080   1.00 3.17  ? 61 GLY A O    1 
ATOM 1000 H H    . GLY A 1 61 ? 2.482   1.461   1.638   1.00 2.07  ? 61 GLY A H    1 
ATOM 1001 H HA2  . GLY A 1 61 ? 4.628   1.820   2.520   1.00 2.77  ? 61 GLY A HA2  1 
ATOM 1002 H HA3  . GLY A 1 61 ? 3.847   2.040   4.087   1.00 3.10  ? 61 GLY A HA3  1 
ATOM 1003 N N    . GLU A 1 62 ? 3.892   -0.494  4.744   1.00 3.08  ? 62 GLU A N    1 
ATOM 1004 C CA   . GLU A 1 62 ? 4.341   -1.821  5.246   1.00 3.84  ? 62 GLU A CA   1 
ATOM 1005 C C    . GLU A 1 62 ? 3.494   -2.238  6.452   1.00 4.13  ? 62 GLU A C    1 
ATOM 1006 O O    . GLU A 1 62 ? 2.322   -2.533  6.324   1.00 4.46  ? 62 GLU A O    1 
ATOM 1007 C CB   . GLU A 1 62 ? 5.808   -1.616  5.633   1.00 4.44  ? 62 GLU A CB   1 
ATOM 1008 C CG   . GLU A 1 62 ? 6.415   -2.955  6.055   1.00 5.06  ? 62 GLU A CG   1 
ATOM 1009 C CD   . GLU A 1 62 ? 7.439   -2.724  7.166   1.00 5.38  ? 62 GLU A CD   1 
ATOM 1010 O OE1  . GLU A 1 62 ? 7.469   -1.627  7.699   1.00 5.74  ? 62 GLU A OE1  1 
ATOM 1011 O OE2  . GLU A 1 62 ? 8.175   -3.649  7.468   1.00 5.63  ? 62 GLU A OE2  1 
ATOM 1012 H H    . GLU A 1 62 ? 3.184   -0.008  5.215   1.00 3.25  ? 62 GLU A H    1 
ATOM 1013 H HA   . GLU A 1 62 ? 4.270   -2.561  4.472   1.00 4.27  ? 62 GLU A HA   1 
ATOM 1014 H HB2  . GLU A 1 62 ? 6.352   -1.222  4.787   1.00 4.62  ? 62 GLU A HB2  1 
ATOM 1015 H HB3  . GLU A 1 62 ? 5.868   -0.920  6.456   1.00 4.76  ? 62 GLU A HB3  1 
ATOM 1016 H HG2  . GLU A 1 62 ? 5.632   -3.607  6.414   1.00 5.47  ? 62 GLU A HG2  1 
ATOM 1017 H HG3  . GLU A 1 62 ? 6.903   -3.411  5.207   1.00 5.33  ? 62 GLU A HG3  1 
ATOM 1018 N N    . LYS A 1 63 ? 4.071   -2.264  7.617   1.00 4.48  ? 63 LYS A N    1 
ATOM 1019 C CA   . LYS A 1 63 ? 3.293   -2.661  8.827   1.00 5.14  ? 63 LYS A CA   1 
ATOM 1020 C C    . LYS A 1 63 ? 3.933   -2.071  10.085  1.00 5.61  ? 63 LYS A C    1 
ATOM 1021 O O    . LYS A 1 63 ? 4.965   -1.431  10.028  1.00 6.11  ? 63 LYS A O    1 
ATOM 1022 C CB   . LYS A 1 63 ? 3.359   -4.188  8.856   1.00 5.79  ? 63 LYS A CB   1 
ATOM 1023 C CG   . LYS A 1 63 ? 1.979   -4.766  8.535   1.00 6.25  ? 63 LYS A CG   1 
ATOM 1024 C CD   . LYS A 1 63 ? 1.822   -6.124  9.221   1.00 7.01  ? 63 LYS A CD   1 
ATOM 1025 C CE   . LYS A 1 63 ? 0.338   -6.398  9.481   1.00 7.82  ? 63 LYS A CE   1 
ATOM 1026 N NZ   . LYS A 1 63 ? 0.093   -5.898  10.862  1.00 8.51  ? 63 LYS A NZ   1 
ATOM 1027 H H    . LYS A 1 63 ? 5.012   -2.023  7.700   1.00 4.59  ? 63 LYS A H    1 
ATOM 1028 H HA   . LYS A 1 63 ? 2.267   -2.338  8.737   1.00 5.23  ? 63 LYS A HA   1 
ATOM 1029 H HB2  . LYS A 1 63 ? 4.074   -4.531  8.121   1.00 5.94  ? 63 LYS A HB2  1 
ATOM 1030 H HB3  . LYS A 1 63 ? 3.665   -4.517  9.838   1.00 6.17  ? 63 LYS A HB3  1 
ATOM 1031 H HG2  . LYS A 1 63 ? 1.215   -4.090  8.894   1.00 6.24  ? 63 LYS A HG2  1 
ATOM 1032 H HG3  . LYS A 1 63 ? 1.879   -4.889  7.468   1.00 6.44  ? 63 LYS A HG3  1 
ATOM 1033 H HD2  . LYS A 1 63 ? 2.224   -6.898  8.581   1.00 7.23  ? 63 LYS A HD2  1 
ATOM 1034 H HD3  . LYS A 1 63 ? 2.354   -6.118  10.159  1.00 7.09  ? 63 LYS A HD3  1 
ATOM 1035 H HE2  . LYS A 1 63 ? -0.272  -5.858  8.770   1.00 8.01  ? 63 LYS A HE2  1 
ATOM 1036 H HE3  . LYS A 1 63 ? 0.135   -7.456  9.429   1.00 7.98  ? 63 LYS A HE3  1 
ATOM 1037 H HZ1  . LYS A 1 63 ? 0.644   -5.031  11.021  1.00 8.65  ? 63 LYS A HZ1  1 
ATOM 1038 H HZ2  . LYS A 1 63 ? 0.383   -6.624  11.550  1.00 8.84  ? 63 LYS A HZ2  1 
ATOM 1039 H HZ3  . LYS A 1 63 ? -0.917  -5.690  10.983  1.00 8.78  ? 63 LYS A HZ3  1 
ATOM 1040 N N    . GLN A 1 64 ? 3.329   -2.279  11.223  1.00 5.82  ? 64 GLN A N    1 
ATOM 1041 C CA   . GLN A 1 64 ? 3.903   -1.730  12.486  1.00 6.60  ? 64 GLN A CA   1 
ATOM 1042 C C    . GLN A 1 64 ? 4.100   -0.217  12.364  1.00 6.87  ? 64 GLN A C    1 
ATOM 1043 O O    . GLN A 1 64 ? 4.833   0.386   13.123  1.00 7.25  ? 64 GLN A O    1 
ATOM 1044 C CB   . GLN A 1 64 ? 5.249   -2.436  12.647  1.00 7.22  ? 64 GLN A CB   1 
ATOM 1045 C CG   . GLN A 1 64 ? 5.016   -3.898  13.031  1.00 8.00  ? 64 GLN A CG   1 
ATOM 1046 C CD   . GLN A 1 64 ? 4.747   -3.996  14.533  1.00 8.62  ? 64 GLN A CD   1 
ATOM 1047 O OE1  . GLN A 1 64 ? 5.391   -3.332  15.321  1.00 8.94  ? 64 GLN A OE1  1 
ATOM 1048 N NE2  . GLN A 1 64 ? 3.817   -4.802  14.966  1.00 9.04  ? 64 GLN A NE2  1 
ATOM 1049 H H    . GLN A 1 64 ? 2.498   -2.798  11.249  1.00 5.69  ? 64 GLN A H    1 
ATOM 1050 H HA   . GLN A 1 64 ? 3.263   -1.961  13.323  1.00 6.87  ? 64 GLN A HA   1 
ATOM 1051 H HB2  . GLN A 1 64 ? 5.794   -2.389  11.716  1.00 7.12  ? 64 GLN A HB2  1 
ATOM 1052 H HB3  . GLN A 1 64 ? 5.820   -1.950  13.424  1.00 7.52  ? 64 GLN A HB3  1 
ATOM 1053 H HG2  . GLN A 1 64 ? 4.165   -4.282  12.485  1.00 8.27  ? 64 GLN A HG2  1 
ATOM 1054 H HG3  . GLN A 1 64 ? 5.892   -4.479  12.785  1.00 8.14  ? 64 GLN A HG3  1 
ATOM 1055 H HE21 . GLN A 1 64 ? 3.298   -5.338  14.331  1.00 8.96  ? 64 GLN A HE21 1 
ATOM 1056 H HE22 . GLN A 1 64 ? 3.636   -4.872  15.927  1.00 9.58  ? 64 GLN A HE22 1 
ATOM 1057 N N    . ALA A 1 65 ? 3.453   0.402   11.415  1.00 7.02  ? 65 ALA A N    1 
ATOM 1058 C CA   . ALA A 1 65 ? 3.604   1.876   11.248  1.00 7.64  ? 65 ALA A CA   1 
ATOM 1059 C C    . ALA A 1 65 ? 2.466   2.608   11.967  1.00 7.86  ? 65 ALA A C    1 
ATOM 1060 O O    . ALA A 1 65 ? 2.223   3.775   11.734  1.00 7.96  ? 65 ALA A O    1 
ATOM 1061 C CB   . ALA A 1 65 ? 3.527   2.114   9.741   1.00 7.85  ? 65 ALA A CB   1 
ATOM 1062 H H    . ALA A 1 65 ? 2.865   -0.102  10.813  1.00 6.95  ? 65 ALA A H    1 
ATOM 1063 H HA   . ALA A 1 65 ? 4.560   2.202   11.625  1.00 8.09  ? 65 ALA A HA   1 
ATOM 1064 H HB1  . ALA A 1 65 ? 2.999   1.296   9.273   1.00 8.07  ? 65 ALA A HB1  1 
ATOM 1065 H HB2  . ALA A 1 65 ? 4.525   2.177   9.335   1.00 8.10  ? 65 ALA A HB2  1 
ATOM 1066 H HB3  . ALA A 1 65 ? 3.001   3.038   9.548   1.00 7.85  ? 65 ALA A HB3  1 
ATOM 1067 N N    . GLY A 1 66 ? 1.770   1.931   12.838  1.00 8.22  ? 66 GLY A N    1 
ATOM 1068 C CA   . GLY A 1 66 ? 0.650   2.588   13.570  1.00 8.76  ? 66 GLY A CA   1 
ATOM 1069 C C    . GLY A 1 66 ? 0.310   1.773   14.819  1.00 9.04  ? 66 GLY A C    1 
ATOM 1070 O O    . GLY A 1 66 ? 0.219   2.301   15.910  1.00 9.26  ? 66 GLY A O    1 
ATOM 1071 H H    . GLY A 1 66 ? 1.983   0.990   13.010  1.00 8.33  ? 66 GLY A H    1 
ATOM 1072 H HA2  . GLY A 1 66 ? 0.947   3.587   13.859  1.00 8.92  ? 66 GLY A HA2  1 
ATOM 1073 H HA3  . GLY A 1 66 ? -0.217  2.640   12.930  1.00 9.03  ? 66 GLY A HA3  1 
ATOM 1074 N N    . GLN A 1 67 ? 0.119   0.491   14.669  1.00 9.26  ? 67 GLN A N    1 
ATOM 1075 C CA   . GLN A 1 67 ? -0.216  -0.357  15.848  1.00 9.75  ? 67 GLN A CA   1 
ATOM 1076 C C    . GLN A 1 67 ? 1.038   -1.072  16.358  1.00 9.79  ? 67 GLN A C    1 
ATOM 1077 O O    . GLN A 1 67 ? 0.964   -2.135  16.944  1.00 10.01 ? 67 GLN A O    1 
ATOM 1078 C CB   . GLN A 1 67 ? -1.240  -1.368  15.329  1.00 10.21 ? 67 GLN A CB   1 
ATOM 1079 C CG   . GLN A 1 67 ? -1.589  -2.360  16.441  1.00 10.72 ? 67 GLN A CG   1 
ATOM 1080 C CD   . GLN A 1 67 ? -1.126  -3.761  16.039  1.00 11.41 ? 67 GLN A CD   1 
ATOM 1081 O OE1  . GLN A 1 67 ? -1.149  -4.110  14.876  1.00 11.82 ? 67 GLN A OE1  1 
ATOM 1082 N NE2  . GLN A 1 67 ? -0.702  -4.584  16.958  1.00 11.75 ? 67 GLN A NE2  1 
ATOM 1083 H H    . GLN A 1 67 ? 0.197   0.086   13.780  1.00 9.26  ? 67 GLN A H    1 
ATOM 1084 H HA   . GLN A 1 67 ? -0.655  0.242   16.631  1.00 9.98  ? 67 GLN A HA   1 
ATOM 1085 H HB2  . GLN A 1 67 ? -2.133  -0.848  15.017  1.00 10.21 ? 67 GLN A HB2  1 
ATOM 1086 H HB3  . GLN A 1 67 ? -0.823  -1.904  14.490  1.00 10.41 ? 67 GLN A HB3  1 
ATOM 1087 H HG2  . GLN A 1 67 ? -1.096  -2.065  17.355  1.00 10.83 ? 67 GLN A HG2  1 
ATOM 1088 H HG3  . GLN A 1 67 ? -2.658  -2.367  16.594  1.00 10.71 ? 67 GLN A HG3  1 
ATOM 1089 H HE21 . GLN A 1 67 ? -0.684  -4.303  17.897  1.00 11.56 ? 67 GLN A HE21 1 
ATOM 1090 H HE22 . GLN A 1 67 ? -0.403  -5.484  16.710  1.00 12.30 ? 67 GLN A HE22 1 
ATOM 1091 N N    . SER A 1 68 ? 2.189   -0.498  16.142  1.00 9.82  ? 68 SER A N    1 
ATOM 1092 C CA   . SER A 1 68 ? 3.446   -1.144  16.616  1.00 10.13 ? 68 SER A CA   1 
ATOM 1093 C C    . SER A 1 68 ? 3.301   -1.571  18.079  1.00 10.06 ? 68 SER A C    1 
ATOM 1094 O O    . SER A 1 68 ? 3.480   -0.783  18.985  1.00 9.97  ? 68 SER A O    1 
ATOM 1095 C CB   . SER A 1 68 ? 4.520   -0.067  16.476  1.00 10.49 ? 68 SER A CB   1 
ATOM 1096 O OG   . SER A 1 68 ? 5.725   -0.663  16.013  1.00 10.97 ? 68 SER A OG   1 
ATOM 1097 H H    . SER A 1 68 ? 2.227   0.360   15.669  1.00 9.82  ? 68 SER A H    1 
ATOM 1098 H HA   . SER A 1 68 ? 3.691   -1.992  15.997  1.00 10.39 ? 68 SER A HA   1 
ATOM 1099 H HB2  . SER A 1 68 ? 4.197   0.677   15.767  1.00 10.54 ? 68 SER A HB2  1 
ATOM 1100 H HB3  . SER A 1 68 ? 4.684   0.402   17.437  1.00 10.57 ? 68 SER A HB3  1 
ATOM 1101 H HG   . SER A 1 68 ? 6.305   0.039   15.710  1.00 11.26 ? 68 SER A HG   1 
ATOM 1102 N N    . CYS A 1 69 ? 2.978   -2.813  18.314  1.00 10.34 ? 69 CYS A N    1 
ATOM 1103 C CA   . CYS A 1 69 ? 2.822   -3.288  19.719  1.00 10.55 ? 69 CYS A CA   1 
ATOM 1104 C C    . CYS A 1 69 ? 1.724   -2.490  20.427  1.00 10.69 ? 69 CYS A C    1 
ATOM 1105 O O    . CYS A 1 69 ? 1.593   -2.530  21.635  1.00 10.88 ? 69 CYS A O    1 
ATOM 1106 C CB   . CYS A 1 69 ? 4.179   -3.036  20.376  1.00 11.10 ? 69 CYS A CB   1 
ATOM 1107 S SG   . CYS A 1 69 ? 5.491   -3.715  19.330  1.00 11.57 ? 69 CYS A SG   1 
ATOM 1108 H H    . CYS A 1 69 ? 2.838   -3.433  17.568  1.00 10.57 ? 69 CYS A H    1 
ATOM 1109 H HA   . CYS A 1 69 ? 2.594   -4.342  19.737  1.00 10.46 ? 69 CYS A HA   1 
ATOM 1110 H HB2  . CYS A 1 69 ? 4.329   -1.973  20.497  1.00 11.28 ? 69 CYS A HB2  1 
ATOM 1111 H HB3  . CYS A 1 69 ? 4.205   -3.516  21.344  1.00 11.28 ? 69 CYS A HB3  1 
ATOM 1112 H HG   . CYS A 1 69 ? 5.470   -3.251  18.490  1.00 11.63 ? 69 CYS A HG   1 
ATOM 1113 N N    . SER A 1 70 ? 0.932   -1.766  19.684  1.00 10.81 ? 70 SER A N    1 
ATOM 1114 C CA   . SER A 1 70 ? -0.158  -0.966  20.312  1.00 11.15 ? 70 SER A CA   1 
ATOM 1115 C C    . SER A 1 70 ? 0.433   0.146   21.184  1.00 11.16 ? 70 SER A C    1 
ATOM 1116 O O    . SER A 1 70 ? -0.273  0.825   21.903  1.00 11.46 ? 70 SER A O    1 
ATOM 1117 C CB   . SER A 1 70 ? -0.936  -1.962  21.171  1.00 11.62 ? 70 SER A CB   1 
ATOM 1118 O OG   . SER A 1 70 ? -2.329  -1.773  20.962  1.00 11.83 ? 70 SER A OG   1 
ATOM 1119 H H    . SER A 1 70 ? 1.054   -1.748  18.712  1.00 10.81 ? 70 SER A H    1 
ATOM 1120 H HA   . SER A 1 70 ? -0.804  -0.549  19.555  1.00 11.27 ? 70 SER A HA   1 
ATOM 1121 H HB2  . SER A 1 70 ? -0.669  -2.967  20.890  1.00 11.82 ? 70 SER A HB2  1 
ATOM 1122 H HB3  . SER A 1 70 ? -0.692  -1.805  22.214  1.00 11.80 ? 70 SER A HB3  1 
ATOM 1123 H HG   . SER A 1 70 ? -2.476  -0.844  20.771  1.00 12.02 ? 70 SER A HG   1 
ATOM 1124 N N    . SER A 1 71 ? 1.722   0.340   21.124  1.00 10.99 ? 71 SER A N    1 
ATOM 1125 C CA   . SER A 1 71 ? 2.355   1.409   21.950  1.00 11.16 ? 71 SER A CA   1 
ATOM 1126 C C    . SER A 1 71 ? 1.765   1.405   23.363  1.00 11.26 ? 71 SER A C    1 
ATOM 1127 O O    . SER A 1 71 ? 1.383   2.431   23.891  1.00 11.25 ? 71 SER A O    1 
ATOM 1128 C CB   . SER A 1 71 ? 2.017   2.715   21.232  1.00 11.08 ? 71 SER A CB   1 
ATOM 1129 O OG   . SER A 1 71 ? 3.137   3.131   20.461  1.00 11.28 ? 71 SER A OG   1 
ATOM 1130 H H    . SER A 1 71 ? 2.275   -0.218  20.537  1.00 10.88 ? 71 SER A H    1 
ATOM 1131 H HA   . SER A 1 71 ? 3.424   1.274   21.987  1.00 11.45 ? 71 SER A HA   1 
ATOM 1132 H HB2  . SER A 1 71 ? 1.175   2.561   20.578  1.00 11.16 ? 71 SER A HB2  1 
ATOM 1133 H HB3  . SER A 1 71 ? 1.769   3.473   21.964  1.00 11.04 ? 71 SER A HB3  1 
ATOM 1134 H HG   . SER A 1 71 ? 3.930   2.968   20.978  1.00 11.41 ? 71 SER A HG   1 
ATOM 1135 N N    . THR A 1 72 ? 1.687   0.258   23.980  1.00 11.55 ? 72 THR A N    1 
ATOM 1136 C CA   . THR A 1 72 ? 1.121   0.187   25.358  1.00 11.85 ? 72 THR A CA   1 
ATOM 1137 C C    . THR A 1 72 ? 2.243   0.009   26.385  1.00 12.09 ? 72 THR A C    1 
ATOM 1138 O O    . THR A 1 72 ? 2.022   -0.456  27.485  1.00 12.36 ? 72 THR A O    1 
ATOM 1139 C CB   . THR A 1 72 ? 0.206   -1.038  25.347  1.00 12.36 ? 72 THR A CB   1 
ATOM 1140 O OG1  . THR A 1 72 ? 0.895   -2.134  24.761  1.00 12.64 ? 72 THR A OG1  1 
ATOM 1141 C CG2  . THR A 1 72 ? -1.053  -0.730  24.536  1.00 12.24 ? 72 THR A CG2  1 
ATOM 1142 H H    . THR A 1 72 ? 2.000   -0.559  23.538  1.00 11.70 ? 72 THR A H    1 
ATOM 1143 H HA   . THR A 1 72 ? 0.546   1.074   25.576  1.00 11.75 ? 72 THR A HA   1 
ATOM 1144 H HB   . THR A 1 72 ? -0.075  -1.288  26.358  1.00 12.81 ? 72 THR A HB   1 
ATOM 1145 H HG1  . THR A 1 72 ? 0.250   -2.815  24.557  1.00 13.07 ? 72 THR A HG1  1 
ATOM 1146 H HG21 . THR A 1 72 ? -1.830  -0.373  25.196  1.00 12.16 ? 72 THR A HG21 1 
ATOM 1147 H HG22 . THR A 1 72 ? -1.389  -1.628  24.038  1.00 12.30 ? 72 THR A HG22 1 
ATOM 1148 H HG23 . THR A 1 72 ? -0.831  0.027   23.799  1.00 12.36 ? 72 THR A HG23 1 
ATOM 1149 N N    . THR A 1 73 ? 3.446   0.373   26.034  1.00 12.15 ? 73 THR A N    1 
ATOM 1150 C CA   . THR A 1 73 ? 4.579   0.222   26.991  1.00 12.53 ? 73 THR A CA   1 
ATOM 1151 C C    . THR A 1 73 ? 5.425   1.497   27.018  1.00 12.69 ? 73 THR A C    1 
ATOM 1152 O O    . THR A 1 73 ? 6.634   1.448   27.133  1.00 12.81 ? 73 THR A O    1 
ATOM 1153 C CB   . THR A 1 73 ? 5.396   -0.954  26.454  1.00 12.82 ? 73 THR A CB   1 
ATOM 1154 O OG1  . THR A 1 73 ? 4.594   -1.720  25.567  1.00 12.89 ? 73 THR A OG1  1 
ATOM 1155 C CG2  . THR A 1 73 ? 5.857   -1.833  27.618  1.00 13.31 ? 73 THR A CG2  1 
ATOM 1156 H H    . THR A 1 73 ? 3.604   0.746   25.141  1.00 12.06 ? 73 THR A H    1 
ATOM 1157 H HA   . THR A 1 73 ? 4.209   -0.007  27.978  1.00 12.65 ? 73 THR A HA   1 
ATOM 1158 H HB   . THR A 1 73 ? 6.261   -0.581  25.927  1.00 12.84 ? 73 THR A HB   1 
ATOM 1159 H HG1  . THR A 1 73 ? 5.065   -2.532  25.366  1.00 13.00 ? 73 THR A HG1  1 
ATOM 1160 H HG21 . THR A 1 73 ? 6.748   -2.371  27.331  1.00 13.46 ? 73 THR A HG21 1 
ATOM 1161 H HG22 . THR A 1 73 ? 5.077   -2.536  27.868  1.00 13.50 ? 73 THR A HG22 1 
ATOM 1162 H HG23 . THR A 1 73 ? 6.071   -1.212  28.475  1.00 13.50 ? 73 THR A HG23 1 
ATOM 1163 N N    . LEU A 1 74 ? 4.801   2.638   26.911  1.00 12.88 ? 74 LEU A N    1 
ATOM 1164 C CA   . LEU A 1 74 ? 5.575   3.913   26.930  1.00 13.21 ? 74 LEU A CA   1 
ATOM 1165 C C    . LEU A 1 74 ? 4.967   4.888   27.944  1.00 13.33 ? 74 LEU A C    1 
ATOM 1166 O O    . LEU A 1 74 ? 5.254   6.068   27.932  1.00 13.27 ? 74 LEU A O    1 
ATOM 1167 C CB   . LEU A 1 74 ? 5.453   4.472   25.512  1.00 13.18 ? 74 LEU A CB   1 
ATOM 1168 C CG   . LEU A 1 74 ? 5.730   3.363   24.497  1.00 13.13 ? 74 LEU A CG   1 
ATOM 1169 C CD1  . LEU A 1 74 ? 5.373   3.853   23.093  1.00 13.18 ? 74 LEU A CD1  1 
ATOM 1170 C CD2  . LEU A 1 74 ? 7.213   2.987   24.544  1.00 13.36 ? 74 LEU A CD2  1 
ATOM 1171 H H    . LEU A 1 74 ? 3.826   2.657   26.819  1.00 12.92 ? 74 LEU A H    1 
ATOM 1172 H HA   . LEU A 1 74 ? 6.609   3.722   27.163  1.00 13.52 ? 74 LEU A HA   1 
ATOM 1173 H HB2  . LEU A 1 74 ? 4.456   4.858   25.361  1.00 13.10 ? 74 LEU A HB2  1 
ATOM 1174 H HB3  . LEU A 1 74 ? 6.171   5.267   25.376  1.00 13.45 ? 74 LEU A HB3  1 
ATOM 1175 H HG   . LEU A 1 74 ? 5.130   2.496   24.738  1.00 13.12 ? 74 LEU A HG   1 
ATOM 1176 H HD11 . LEU A 1 74 ? 4.360   3.562   22.856  1.00 13.20 ? 74 LEU A HD11 1 
ATOM 1177 H HD12 . LEU A 1 74 ? 6.051   3.415   22.375  1.00 13.30 ? 74 LEU A HD12 1 
ATOM 1178 H HD13 . LEU A 1 74 ? 5.456   4.929   23.055  1.00 13.25 ? 74 LEU A HD13 1 
ATOM 1179 H HD21 . LEU A 1 74 ? 7.804   3.875   24.715  1.00 13.63 ? 74 LEU A HD21 1 
ATOM 1180 H HD22 . LEU A 1 74 ? 7.502   2.539   23.605  1.00 13.58 ? 74 LEU A HD22 1 
ATOM 1181 H HD23 . LEU A 1 74 ? 7.382   2.284   25.345  1.00 13.22 ? 74 LEU A HD23 1 
ATOM 1182 N N    . GLU A 1 75 ? 4.129   4.404   28.819  1.00 13.65 ? 75 GLU A N    1 
ATOM 1183 C CA   . GLU A 1 75 ? 3.506   5.307   29.830  1.00 13.90 ? 75 GLU A CA   1 
ATOM 1184 C C    . GLU A 1 75 ? 3.711   4.747   31.241  1.00 14.03 ? 75 GLU A C    1 
ATOM 1185 O O    . GLU A 1 75 ? 2.950   5.028   32.145  1.00 13.92 ? 75 GLU A O    1 
ATOM 1186 C CB   . GLU A 1 75 ? 2.018   5.332   29.475  1.00 14.17 ? 75 GLU A CB   1 
ATOM 1187 C CG   . GLU A 1 75 ? 1.483   6.758   29.619  1.00 14.24 ? 75 GLU A CG   1 
ATOM 1188 C CD   . GLU A 1 75 ? 0.377   6.993   28.588  1.00 14.18 ? 75 GLU A CD   1 
ATOM 1189 O OE1  . GLU A 1 75 ? -0.102  6.021   28.030  1.00 14.19 ? 75 GLU A OE1  1 
ATOM 1190 O OE2  . GLU A 1 75 ? 0.028   8.143   28.375  1.00 14.27 ? 75 GLU A OE2  1 
ATOM 1191 H H    . GLU A 1 75 ? 3.909   3.450   28.813  1.00 13.83 ? 75 GLU A H    1 
ATOM 1192 H HA   . GLU A 1 75 ? 3.919   6.301   29.754  1.00 13.96 ? 75 GLU A HA   1 
ATOM 1193 H HB2  . GLU A 1 75 ? 1.886   4.998   28.456  1.00 14.29 ? 75 GLU A HB2  1 
ATOM 1194 H HB3  . GLU A 1 75 ? 1.478   4.677   30.143  1.00 14.37 ? 75 GLU A HB3  1 
ATOM 1195 H HG2  . GLU A 1 75 ? 1.084   6.893   30.614  1.00 14.46 ? 75 GLU A HG2  1 
ATOM 1196 H HG3  . GLU A 1 75 ? 2.284   7.462   29.453  1.00 14.29 ? 75 GLU A HG3  1 
ATOM 1197 N N    . HIS A 1 76 ? 4.735   3.960   31.433  1.00 14.41 ? 76 HIS A N    1 
ATOM 1198 C CA   . HIS A 1 76 ? 4.995   3.379   32.783  1.00 14.69 ? 76 HIS A CA   1 
ATOM 1199 C C    . HIS A 1 76 ? 3.775   2.588   33.269  1.00 14.81 ? 76 HIS A C    1 
ATOM 1200 O O    . HIS A 1 76 ? 2.706   3.130   33.461  1.00 14.81 ? 76 HIS A O    1 
ATOM 1201 C CB   . HIS A 1 76 ? 5.253   4.582   33.693  1.00 14.99 ? 76 HIS A CB   1 
ATOM 1202 C CG   . HIS A 1 76 ? 6.588   5.186   33.352  1.00 15.39 ? 76 HIS A CG   1 
ATOM 1203 N ND1  . HIS A 1 76 ? 7.714   4.411   33.123  1.00 15.55 ? 76 HIS A ND1  1 
ATOM 1204 C CD2  . HIS A 1 76 ? 6.992   6.489   33.196  1.00 15.85 ? 76 HIS A CD2  1 
ATOM 1205 C CE1  . HIS A 1 76 ? 8.732   5.246   32.845  1.00 16.08 ? 76 HIS A CE1  1 
ATOM 1206 N NE2  . HIS A 1 76 ? 8.346   6.524   32.876  1.00 16.28 ? 76 HIS A NE2  1 
ATOM 1207 H H    . HIS A 1 76 ? 5.335   3.748   30.688  1.00 14.60 ? 76 HIS A H    1 
ATOM 1208 H HA   . HIS A 1 76 ? 5.866   2.744   32.758  1.00 14.78 ? 76 HIS A HA   1 
ATOM 1209 H HB2  . HIS A 1 76 ? 4.477   5.318   33.549  1.00 14.86 ? 76 HIS A HB2  1 
ATOM 1210 H HB3  . HIS A 1 76 ? 5.258   4.260   34.724  1.00 15.20 ? 76 HIS A HB3  1 
ATOM 1211 H HD1  . HIS A 1 76 ? 7.760   3.432   33.159  1.00 15.41 ? 76 HIS A HD1  1 
ATOM 1212 H HD2  . HIS A 1 76 ? 6.355   7.355   33.305  1.00 15.98 ? 76 HIS A HD2  1 
ATOM 1213 H HE1  . HIS A 1 76 ? 9.736   4.921   32.622  1.00 16.41 ? 76 HIS A HE1  1 
ATOM 1214 N N    . HIS A 1 77 ? 3.931   1.308   33.469  1.00 15.04 ? 77 HIS A N    1 
ATOM 1215 C CA   . HIS A 1 77 ? 2.783   0.481   33.940  1.00 15.31 ? 77 HIS A CA   1 
ATOM 1216 C C    . HIS A 1 77 ? 2.274   0.999   35.288  1.00 15.52 ? 77 HIS A C    1 
ATOM 1217 O O    . HIS A 1 77 ? 2.757   0.616   36.334  1.00 15.87 ? 77 HIS A O    1 
ATOM 1218 C CB   . HIS A 1 77 ? 3.351   -0.931  34.089  1.00 15.56 ? 77 HIS A CB   1 
ATOM 1219 C CG   . HIS A 1 77 ? 4.643   -0.874  34.856  1.00 15.76 ? 77 HIS A CG   1 
ATOM 1220 N ND1  . HIS A 1 77 ? 5.530   -1.939  34.890  1.00 16.15 ? 77 HIS A ND1  1 
ATOM 1221 C CD2  . HIS A 1 77 ? 5.214   0.114   35.620  1.00 15.81 ? 77 HIS A CD2  1 
ATOM 1222 C CE1  . HIS A 1 77 ? 6.576   -1.571  35.653  1.00 16.41 ? 77 HIS A CE1  1 
ATOM 1223 N NE2  . HIS A 1 77 ? 6.434   -0.328  36.122  1.00 16.23 ? 77 HIS A NE2  1 
ATOM 1224 H H    . HIS A 1 77 ? 4.803   0.890   33.308  1.00 15.15 ? 77 HIS A H    1 
ATOM 1225 H HA   . HIS A 1 77 ? 1.991   0.484   33.210  1.00 15.33 ? 77 HIS A HA   1 
ATOM 1226 H HB2  . HIS A 1 77 ? 2.643   -1.548  34.623  1.00 15.71 ? 77 HIS A HB2  1 
ATOM 1227 H HB3  . HIS A 1 77 ? 3.531   -1.352  33.112  1.00 15.62 ? 77 HIS A HB3  1 
ATOM 1228 H HD1  . HIS A 1 77 ? 5.415   -2.802  34.442  1.00 16.31 ? 77 HIS A HD1  1 
ATOM 1229 H HD2  . HIS A 1 77 ? 4.782   1.087   35.804  1.00 15.68 ? 77 HIS A HD2  1 
ATOM 1230 H HE1  . HIS A 1 77 ? 7.426   -2.204  35.860  1.00 16.83 ? 77 HIS A HE1  1 
ATOM 1231 N N    . HIS A 1 78 ? 1.299   1.867   35.270  1.00 15.45 ? 78 HIS A N    1 
ATOM 1232 C CA   . HIS A 1 78 ? 0.759   2.406   36.552  1.00 15.80 ? 78 HIS A CA   1 
ATOM 1233 C C    . HIS A 1 78 ? 1.878   3.061   37.365  1.00 15.64 ? 78 HIS A C    1 
ATOM 1234 O O    . HIS A 1 78 ? 2.701   2.392   37.956  1.00 15.54 ? 78 HIS A O    1 
ATOM 1235 C CB   . HIS A 1 78 ? 0.203   1.187   37.290  1.00 16.17 ? 78 HIS A CB   1 
ATOM 1236 C CG   . HIS A 1 78 ? -0.496  1.635   38.544  1.00 16.60 ? 78 HIS A CG   1 
ATOM 1237 N ND1  . HIS A 1 78 ? -0.237  1.062   39.778  1.00 16.92 ? 78 HIS A ND1  1 
ATOM 1238 C CD2  . HIS A 1 78 ? -1.449  2.598   38.770  1.00 16.94 ? 78 HIS A CD2  1 
ATOM 1239 C CE1  . HIS A 1 78 ? -1.018  1.679   40.684  1.00 17.41 ? 78 HIS A CE1  1 
ATOM 1240 N NE2  . HIS A 1 78 ? -1.777  2.623   40.121  1.00 17.45 ? 78 HIS A NE2  1 
ATOM 1241 H H    . HIS A 1 78 ? 0.921   2.162   34.416  1.00 15.27 ? 78 HIS A H    1 
ATOM 1242 H HA   . HIS A 1 78 ? -0.033  3.113   36.360  1.00 16.07 ? 78 HIS A HA   1 
ATOM 1243 H HB2  . HIS A 1 78 ? -0.498  0.670   36.651  1.00 16.24 ? 78 HIS A HB2  1 
ATOM 1244 H HB3  . HIS A 1 78 ? 1.013   0.522   37.548  1.00 16.19 ? 78 HIS A HB3  1 
ATOM 1245 H HD1  . HIS A 1 78 ? 0.399   0.338   39.960  1.00 16.89 ? 78 HIS A HD1  1 
ATOM 1246 H HD2  . HIS A 1 78 ? -1.878  3.237   38.013  1.00 16.93 ? 78 HIS A HD2  1 
ATOM 1247 H HE1  . HIS A 1 78 ? -1.030  1.439   41.737  1.00 17.83 ? 78 HIS A HE1  1 
ATOM 1248 N N    . HIS A 1 79 ? 1.913   4.366   37.402  1.00 15.75 ? 79 HIS A N    1 
ATOM 1249 C CA   . HIS A 1 79 ? 2.978   5.062   38.180  1.00 15.74 ? 79 HIS A CA   1 
ATOM 1250 C C    . HIS A 1 79 ? 3.188   4.366   39.527  1.00 16.22 ? 79 HIS A C    1 
ATOM 1251 O O    . HIS A 1 79 ? 2.294   3.740   40.059  1.00 16.62 ? 79 HIS A O    1 
ATOM 1252 C CB   . HIS A 1 79 ? 2.453   6.483   38.387  1.00 15.74 ? 79 HIS A CB   1 
ATOM 1253 C CG   . HIS A 1 79 ? 1.129   6.427   39.097  1.00 15.44 ? 79 HIS A CG   1 
ATOM 1254 N ND1  . HIS A 1 79 ? 1.028   6.141   40.449  1.00 15.47 ? 79 HIS A ND1  1 
ATOM 1255 C CD2  . HIS A 1 79 ? -0.158  6.616   38.657  1.00 15.29 ? 79 HIS A CD2  1 
ATOM 1256 C CE1  . HIS A 1 79 ? -0.277  6.166   40.773  1.00 15.33 ? 79 HIS A CE1  1 
ATOM 1257 N NE2  . HIS A 1 79 ? -1.045  6.451   39.717  1.00 15.23 ? 79 HIS A NE2  1 
ATOM 1258 H H    . HIS A 1 79 ? 1.238   4.888   36.919  1.00 15.92 ? 79 HIS A H    1 
ATOM 1259 H HA   . HIS A 1 79 ? 3.899   5.087   37.619  1.00 15.57 ? 79 HIS A HA   1 
ATOM 1260 H HB2  . HIS A 1 79 ? 3.158   7.045   38.981  1.00 15.82 ? 79 HIS A HB2  1 
ATOM 1261 H HB3  . HIS A 1 79 ? 2.326   6.964   37.427  1.00 16.04 ? 79 HIS A HB3  1 
ATOM 1262 H HD1  . HIS A 1 79 ? 1.773   5.954   41.059  1.00 15.66 ? 79 HIS A HD1  1 
ATOM 1263 H HD2  . HIS A 1 79 ? -0.439  6.857   37.643  1.00 15.35 ? 79 HIS A HD2  1 
ATOM 1264 H HE1  . HIS A 1 79 ? -0.659  5.979   41.766  1.00 15.43 ? 79 HIS A HE1  1 
ATOM 1265 N N    . HIS A 1 80 ? 4.365   4.471   40.084  1.00 16.32 ? 80 HIS A N    1 
ATOM 1266 C CA   . HIS A 1 80 ? 4.631   3.814   41.397  1.00 16.95 ? 80 HIS A CA   1 
ATOM 1267 C C    . HIS A 1 80 ? 4.600   2.291   41.246  1.00 17.19 ? 80 HIS A C    1 
ATOM 1268 O O    . HIS A 1 80 ? 5.565   1.612   41.532  1.00 17.07 ? 80 HIS A O    1 
ATOM 1269 C CB   . HIS A 1 80 ? 3.502   4.287   42.315  1.00 17.20 ? 80 HIS A CB   1 
ATOM 1270 C CG   . HIS A 1 80 ? 3.939   4.176   43.749  1.00 17.56 ? 80 HIS A CG   1 
ATOM 1271 N ND1  . HIS A 1 80 ? 4.066   2.954   44.391  1.00 17.80 ? 80 HIS A ND1  1 
ATOM 1272 C CD2  . HIS A 1 80 ? 4.281   5.125   44.679  1.00 17.88 ? 80 HIS A CD2  1 
ATOM 1273 C CE1  . HIS A 1 80 ? 4.469   3.198   45.651  1.00 18.24 ? 80 HIS A CE1  1 
ATOM 1274 N NE2  . HIS A 1 80 ? 4.615   4.506   45.880  1.00 18.30 ? 80 HIS A NE2  1 
ATOM 1275 H H    . HIS A 1 80 ? 5.073   4.981   39.638  1.00 16.09 ? 80 HIS A H    1 
ATOM 1276 H HA   . HIS A 1 80 ? 5.582   4.135   41.791  1.00 17.18 ? 80 HIS A HA   1 
ATOM 1277 H HB2  . HIS A 1 80 ? 3.262   5.315   42.090  1.00 17.14 ? 80 HIS A HB2  1 
ATOM 1278 H HB3  . HIS A 1 80 ? 2.629   3.671   42.157  1.00 17.34 ? 80 HIS A HB3  1 
ATOM 1279 H HD1  . HIS A 1 80 ? 3.895   2.072   43.998  1.00 17.77 ? 80 HIS A HD1  1 
ATOM 1280 H HD2  . HIS A 1 80 ? 4.291   6.191   44.506  1.00 17.90 ? 80 HIS A HD2  1 
ATOM 1281 H HE1  . HIS A 1 80 ? 4.651   2.430   46.389  1.00 18.59 ? 80 HIS A HE1  1 
ATOM 1282 N N    . HIS A 1 81 ? 3.495   1.753   40.799  1.00 17.67 ? 81 HIS A N    1 
ATOM 1283 C CA   . HIS A 1 81 ? 3.392   0.273   40.628  1.00 18.09 ? 81 HIS A CA   1 
ATOM 1284 C C    . HIS A 1 81 ? 4.079   -0.452  41.789  1.00 18.23 ? 81 HIS A C    1 
ATOM 1285 O O    . HIS A 1 81 ? 4.190   0.141   42.849  1.00 18.29 ? 81 HIS A O    1 
ATOM 1286 C CB   . HIS A 1 81 ? 4.101   -0.025  39.303  1.00 18.32 ? 81 HIS A CB   1 
ATOM 1287 C CG   . HIS A 1 81 ? 5.592   0.059   39.492  1.00 18.89 ? 81 HIS A CG   1 
ATOM 1288 N ND1  . HIS A 1 81 ? 6.320   -0.961  40.085  1.00 19.11 ? 81 HIS A ND1  1 
ATOM 1289 C CD2  . HIS A 1 81 ? 6.503   1.034   39.171  1.00 19.41 ? 81 HIS A CD2  1 
ATOM 1290 C CE1  . HIS A 1 81 ? 7.611   -0.579  40.103  1.00 19.73 ? 81 HIS A CE1  1 
ATOM 1291 N NE2  . HIS A 1 81 ? 7.778   0.629   39.558  1.00 19.94 ? 81 HIS A NE2  1 
ATOM 1292 O OXT  . HIS A 1 81 ? 4.483   -1.587  41.597  1.00 18.39 ? 81 HIS A OXT  1 
ATOM 1293 H H    . HIS A 1 81 ? 2.730   2.324   40.578  1.00 17.85 ? 81 HIS A H    1 
ATOM 1294 H HA   . HIS A 1 81 ? 2.356   -0.024  40.562  1.00 18.29 ? 81 HIS A HA   1 
ATOM 1295 H HB2  . HIS A 1 81 ? 3.837   -1.019  38.971  1.00 18.26 ? 81 HIS A HB2  1 
ATOM 1296 H HB3  . HIS A 1 81 ? 3.792   0.695   38.560  1.00 18.28 ? 81 HIS A HB3  1 
ATOM 1297 H HD1  . HIS A 1 81 ? 5.961   -1.804  40.430  1.00 18.93 ? 81 HIS A HD1  1 
ATOM 1298 H HD2  . HIS A 1 81 ? 6.267   1.973   38.692  1.00 19.50 ? 81 HIS A HD2  1 
ATOM 1299 H HE1  . HIS A 1 81 ? 8.413   -1.177  40.510  1.00 20.11 ? 81 HIS A HE1  1 
# 
